data_8A2Q
#
_entry.id   8A2Q
#
_cell.length_a   1.00
_cell.length_b   1.00
_cell.length_c   1.00
_cell.angle_alpha   90.00
_cell.angle_beta   90.00
_cell.angle_gamma   90.00
#
_symmetry.space_group_name_H-M   'P 1'
#
loop_
_entity.id
_entity.type
_entity.pdbx_description
1 polymer FANCD2
2 polymer 'Fanconi anemia complementation group I'
3 polymer 'DNA (29-MER)'
4 polymer 'DNA (29-MER)'
#
loop_
_entity_poly.entity_id
_entity_poly.type
_entity_poly.pdbx_seq_one_letter_code
_entity_poly.pdbx_strand_id
1 'polypeptide(L)'
;MVSKRKLSKIDAAEESSKTDLQSRCPETKRSRISDKRAPSQGGLENEGVFEELLRTSGIILKVGEGQNEIAVDQTAFQKK
LRVALEKHPSYPGVVNEFISGLESHIKDRSQFKNCLLPCTPARTEGSRTLVHSYCESLIKLLLGIKILQPAVVTLLLEKI
PEFFFDVVGTFGTNFPRLIVNQFKWLDGLLDSQDLVKKLMQMLSVSPVPIQHDIITSLPEILEDSQQNEVARELSCLLKQ
GRRLTVPILDALSRLDLDAELLAKVRQSAMTIVPSVKLEDLPVVIKFILHNVKAADAVEVISDLRKSLDLSSCVLPLQLL
GSQRKLKSQAQASSSMSQVTTSQNCVKLLFDVIKLAVRFQKDVSEAWIKAIENSTSVSDHKVLDLIVLLLIHSTNSKNRK
QTEKVLRSKIRLGCMPEQLMQNAFQNHSMVIKDFFPSILSLAQTFLHSAHPAVVSFGSCMYKQAFAVFDSYCQQEVVCAL
VTHVCSGNETELDISLDVLTDLVILHPSLLLRYATFVKTILDSMQKLNPCQIRKLFYILSTLAFSQRQEGSYIQDDMHMV
IRKWLSSSVPNHKQMGIIGAVTMMGSVALKRNEADGGLLERPELSIECDGQLSTLLDLVGFCCEQTPEVLALYYDELANL
IEKQKGNLDLQLLDKFGKSLVEDFPNDFVVDLSPTVDGSFLFPVKSLYNLDEDETQGAIAINLLPLVSQSEPGRVADEMS
NSRKRVVSPICLSPCFRLLRLYTGEQNNGSLEEIDALLGCPLYLTDLEVEGKLDSLSKQEREFLCSLLFYALNWFREVVN
AFCQQQDAEMKGKVLTRLQNITELQNVLGKCLAATPGYVPPPATFDSEAPEGVPSINAGGPVRKKNGKKRKSDSSKACSA
ERTQADESSDGNQPDTELSELEKSAAEKETGNPLAQLQSYRPYFRELDLEVFSVLHCGLLTKSILDTEMHTEASEVVQLG
PAELCFLLDDMCWKLEHVLTPGSTRRVPFLKERGNKDVGFSHLCQRSPKEVAVCVVKLLKPLCNHMENMHNYFQTVIPNQ
GVVDESGLNIQEYQLMSSCYHQLLLAFRLLFAWSGFSQHENSNLLRSALQVLADRLKPGETEFLPLEELISESFQYLLNF
QASIPSFQCAFILTQVLMAISEKPMTGWKREKMASLAKQFLCQSWMKPGGDREKGSHFNSALHTLLCVYLEHTDNILKAI
EEISSVGVPELINSAKDGCSSTYPTLSRQTFPVFFRVMMAQLESSVKSIPAGKPSDSGEVQLEKLLKWNIAVRNFHILIN
LVKVFDSRPVLSICLKYGRLFVEAFLKLAMPLLDHSFKKHRDDVQSLLKTLQLSTRQLHHMCGHSKIHQDLGLTNHVPLL
KKSLEQFVYRVKAMLAFNHCQEAFWVGVLKNRDLQGEEILSQASAAPEEDSAEGSEEDTEDSAAEEPDGTDSDSGGAGRL
EVLFQGPWSHPQFEKGSAGSAAGSGAGWSHPQFEK
;
A
2 'polypeptide(L)'
;MAQRILQLAAEGSPERLQEALQGLTEGELGDMVTRQALRGRETAALLKGIFKGSPCSQQSGVLRRLQVYKHCVSLVESGD
LHVGKVSEIIGLLMLEARQLPGHALAELATLFVEVIKRGSLSNGKSLELFSTVLTALSNSKESLAYGKGELNGEEFKKQL
INTLCSSKWDPQCVIHLANMFRDIPLSGEELQFVVEKVLRMFSKLDLQEIPPLVYQLLLLSAKGSKKTVLEGIISFFNQL
DKRQKEEQRVPQSADLEVATVPLDQLRHVEGTVILHIVSAINLDQDIGEELIKHLKTEQQKDPGKALCPFSVSLLLSTAV
KHRLQEQIFDFLKTSITRSCKDLQILQASKFLQDLCPQQYDVTAVILEVVKNSAFGWDHVTQGLVDLGFSLMESYEPKKS
FGGKAAETNLGLSKMPAQQACKLGASILLETFKVHEPIRSDILEQVLNRVLTKAASPVSHFIDLLSNIVVSAPLVLQNSS
SRVTETFDNLSFLPIDTVQGLLRAVQPLLKVSMSVRDSLILVLQKAIFSRQLDARKAAVAGFLLLLRNFKILGSLTSDQC
DQAIGADQVQADVHACYNSAANEAFCLEILGSLRRCLSQQADVRLMLYEGFYDVLRRNSQLASSIMETLLSQIKQYYLPQ
QDLLPPLKLEGCIMAQGDQIFLQEPLAHLLCCIQHCLAWYKSTVHLCKGAEDEEEEEDVGFEQNFEEMLESVTRRMIKSE
LEDFELDKSADFSPSSGVGVKNNIYAIQVMGICEVLIEYNFKIGNFSKNKFEDVLGLFTCYNKLSEILKEKAGKNKSTLG
NRIARSFLSMGFVSTLLTALFRDNAQSHEESLAVLRSSTEFMRYAVSVALQKVQQLEEMGQTDGPDGQNPEKMFQNLCKI
TRVLLWRYTSIPTAVEESGKKKGKSISLLCLEGLLRIFNTMQQLYAARIPQFLQALDITDGDAEEADINVTEKAAFQIRQ
FQRSLVNQLSSAEDDFNSKETQLLITILSTLSKLLDPGSQQFLQFLTWTVKICKENALEDLSCCKGLLTLLFSLHVLYKS
PVSLLRELAQDIHACLGDIDQDVEIESRSHFAIVNVKTAAPTVCLLVLGQADKVLEEVDWLIKRLTILGSDTSEDSTQAS
NQTQALEKGVILQLGTLLTVFHELVQTALPAGSCVDSLLRSLSKTYAILTSLIKHYIQACRSTSNTVPGRLEKLVKLSGS
HLTPQCYSFITYVQNIHSESLSFAEEKKKKKKEDETAVVSTVMAKVLRDTKPIPNLIFAIEQYEKFLIHLSKKSKVNLMQ
YMKLSTSRDFRINASMLDSVLQEQNTEDAENEPDNNQSGTAEQPDENQEPQKKRRRKKHHHHHH
;
B
3 'polydeoxyribonucleotide'
;(DA)(DT)(DC)(DG)(DA)(DT)(DG)(DT)(DC)(DT)(DC)(DT)(DA)(DG)(DA)(DC)(DA)(DG)(DC)(DT)
(DG)(DC)(DT)(DC)(DA)(DG)(DG)(DA)(DT)(DT)(DG)(DA)(DT)(DC)(DT)(DG)(DT)(DA)(DA)(DT)
(DG)(DG)(DC)(DC)
;
S
4 'polydeoxyribonucleotide'
;(DG)(DG)(DC)(DC)(DA)(DT)(DT)(DA)(DC)(DA)(DG)(DA)(DT)(DC)(DA)(DA)(DT)(DC)(DC)(DT)
(DG)(DA)(DG)(DC)(DA)(DG)(DC)(DT)(DG)(DT)(DC)(DT)(DA)(DG)(DA)(DG)(DA)(DC)(DA)(DT)
(DC)(DG)(DA)(DT)
;
T
#
# COMPACT_ATOMS: atom_id res chain seq x y z
N GLY A 48 12.62 -24.05 -82.30
CA GLY A 48 13.79 -23.41 -81.64
C GLY A 48 14.50 -24.35 -80.69
N VAL A 49 15.75 -24.02 -80.35
CA VAL A 49 16.52 -24.86 -79.43
C VAL A 49 15.90 -24.82 -78.04
N PHE A 50 15.55 -23.62 -77.56
CA PHE A 50 14.96 -23.49 -76.23
C PHE A 50 13.59 -24.15 -76.17
N GLU A 51 12.77 -23.97 -77.20
CA GLU A 51 11.44 -24.57 -77.21
C GLU A 51 11.52 -26.09 -77.23
N GLU A 52 12.43 -26.65 -78.02
CA GLU A 52 12.60 -28.10 -78.04
C GLU A 52 13.13 -28.61 -76.71
N LEU A 53 14.07 -27.87 -76.11
CA LEU A 53 14.65 -28.31 -74.84
C LEU A 53 13.62 -28.29 -73.73
N LEU A 54 12.74 -27.28 -73.73
CA LEU A 54 11.72 -27.16 -72.70
C LEU A 54 10.75 -28.34 -72.74
N ARG A 55 10.33 -28.71 -73.95
CA ARG A 55 9.41 -29.84 -74.12
C ARG A 55 10.11 -31.19 -74.07
N THR A 56 11.45 -31.23 -74.16
CA THR A 56 12.15 -32.50 -74.14
C THR A 56 11.97 -33.22 -72.80
N SER A 57 12.05 -32.49 -71.70
CA SER A 57 11.90 -33.08 -70.38
C SER A 57 11.66 -31.96 -69.38
N GLY A 58 11.29 -32.35 -68.16
CA GLY A 58 11.03 -31.39 -67.11
C GLY A 58 9.61 -30.90 -67.12
N ILE A 59 9.41 -29.69 -67.66
CA ILE A 59 8.10 -29.05 -67.74
C ILE A 59 7.88 -28.57 -69.17
N ILE A 60 6.73 -28.92 -69.74
CA ILE A 60 6.36 -28.46 -71.08
C ILE A 60 5.88 -27.02 -71.00
N LEU A 61 6.24 -26.22 -72.01
CA LEU A 61 5.91 -24.81 -72.07
C LEU A 61 4.68 -24.65 -72.97
N LYS A 62 3.51 -24.56 -72.34
CA LYS A 62 2.28 -24.37 -73.10
C LYS A 62 2.25 -22.98 -73.70
N VAL A 63 1.94 -22.90 -75.00
CA VAL A 63 1.88 -21.61 -75.68
C VAL A 63 0.61 -20.89 -75.29
N GLY A 64 0.75 -19.61 -74.94
CA GLY A 64 -0.40 -18.79 -74.59
C GLY A 64 -0.76 -18.92 -73.12
N GLU A 65 -2.03 -19.17 -72.84
CA GLU A 65 -2.54 -19.23 -71.48
C GLU A 65 -2.41 -20.61 -70.83
N GLY A 66 -1.94 -21.62 -71.57
CA GLY A 66 -1.82 -22.95 -71.00
C GLY A 66 -0.77 -23.01 -69.91
N GLN A 67 -1.08 -23.80 -68.87
CA GLN A 67 -0.17 -23.96 -67.76
C GLN A 67 0.97 -24.91 -68.13
N ASN A 68 2.03 -24.88 -67.34
CA ASN A 68 3.20 -25.71 -67.61
C ASN A 68 2.87 -27.18 -67.38
N GLU A 69 3.24 -28.01 -68.34
CA GLU A 69 2.96 -29.44 -68.30
C GLU A 69 4.14 -30.14 -67.65
N ILE A 70 4.06 -30.31 -66.33
CA ILE A 70 5.09 -30.97 -65.53
C ILE A 70 4.41 -31.72 -64.39
N ALA A 71 5.22 -32.45 -63.63
CA ALA A 71 4.71 -33.17 -62.47
C ALA A 71 4.35 -32.19 -61.36
N VAL A 72 3.51 -32.65 -60.44
CA VAL A 72 3.03 -31.80 -59.33
C VAL A 72 4.06 -31.93 -58.23
N ASP A 73 5.13 -31.15 -58.35
CA ASP A 73 6.18 -31.09 -57.34
C ASP A 73 7.14 -29.98 -57.71
N GLN A 74 7.59 -29.23 -56.70
CA GLN A 74 8.55 -28.16 -56.95
C GLN A 74 9.92 -28.73 -57.34
N THR A 75 10.36 -29.78 -56.63
CA THR A 75 11.64 -30.40 -56.91
C THR A 75 11.61 -31.33 -58.13
N ALA A 76 10.43 -31.73 -58.59
CA ALA A 76 10.35 -32.58 -59.77
C ALA A 76 10.88 -31.86 -61.00
N PHE A 77 10.55 -30.57 -61.15
CA PHE A 77 11.06 -29.79 -62.27
C PHE A 77 12.58 -29.67 -62.19
N GLN A 78 13.11 -29.39 -60.99
CA GLN A 78 14.55 -29.26 -60.84
C GLN A 78 15.27 -30.59 -61.10
N LYS A 79 14.62 -31.71 -60.79
CA LYS A 79 15.23 -33.01 -61.05
C LYS A 79 15.19 -33.35 -62.53
N LYS A 80 14.08 -33.05 -63.21
CA LYS A 80 13.88 -33.49 -64.58
C LYS A 80 14.49 -32.51 -65.59
N LEU A 81 14.02 -31.26 -65.58
CA LEU A 81 14.45 -30.29 -66.59
C LEU A 81 15.93 -29.97 -66.47
N ARG A 82 16.43 -29.82 -65.24
CA ARG A 82 17.84 -29.52 -65.05
C ARG A 82 18.73 -30.67 -65.51
N VAL A 83 18.32 -31.91 -65.20
CA VAL A 83 19.09 -33.07 -65.65
C VAL A 83 19.07 -33.17 -67.16
N ALA A 84 17.91 -32.91 -67.78
CA ALA A 84 17.82 -32.94 -69.24
C ALA A 84 18.70 -31.86 -69.86
N LEU A 85 18.72 -30.67 -69.27
CA LEU A 85 19.58 -29.60 -69.77
C LEU A 85 21.05 -29.96 -69.63
N GLU A 86 21.42 -30.60 -68.51
CA GLU A 86 22.80 -31.04 -68.33
C GLU A 86 23.19 -32.07 -69.37
N LYS A 87 22.28 -33.00 -69.67
CA LYS A 87 22.53 -33.96 -70.76
C LYS A 87 22.66 -33.24 -72.10
N HIS A 88 21.83 -32.23 -72.33
CA HIS A 88 21.88 -31.38 -73.51
C HIS A 88 23.20 -30.61 -73.57
N PRO A 89 23.88 -30.42 -72.43
CA PRO A 89 25.09 -29.58 -72.42
C PRO A 89 26.36 -30.28 -72.90
N SER A 90 26.22 -31.40 -73.62
CA SER A 90 27.39 -32.04 -74.20
C SER A 90 28.10 -31.10 -75.17
N TYR A 91 27.35 -30.34 -75.96
CA TYR A 91 27.93 -29.30 -76.79
C TYR A 91 28.19 -28.06 -75.92
N PRO A 92 29.45 -27.84 -75.52
CA PRO A 92 29.72 -26.69 -74.63
C PRO A 92 29.42 -25.34 -75.25
N GLY A 93 29.60 -25.18 -76.56
CA GLY A 93 29.41 -23.90 -77.19
C GLY A 93 27.97 -23.54 -77.49
N VAL A 94 27.04 -24.50 -77.43
CA VAL A 94 25.64 -24.22 -77.73
C VAL A 94 24.88 -23.59 -76.56
N VAL A 95 25.42 -23.68 -75.33
CA VAL A 95 24.71 -23.19 -74.17
C VAL A 95 24.48 -21.68 -74.26
N ASN A 96 25.51 -20.94 -74.70
CA ASN A 96 25.33 -19.52 -74.95
C ASN A 96 24.28 -19.29 -76.02
N GLU A 97 24.29 -20.12 -77.07
CA GLU A 97 23.21 -20.07 -78.05
C GLU A 97 21.88 -20.38 -77.40
N PHE A 98 21.87 -21.34 -76.48
CA PHE A 98 20.67 -21.60 -75.69
C PHE A 98 20.27 -20.38 -74.88
N ILE A 99 21.26 -19.63 -74.40
CA ILE A 99 20.98 -18.35 -73.75
C ILE A 99 20.26 -17.42 -74.71
N SER A 100 20.69 -17.40 -75.97
CA SER A 100 19.95 -16.67 -76.99
C SER A 100 18.53 -17.22 -77.13
N GLY A 101 18.41 -18.56 -77.10
CA GLY A 101 17.09 -19.15 -77.04
C GLY A 101 16.32 -18.72 -75.81
N LEU A 102 17.01 -18.59 -74.68
CA LEU A 102 16.38 -18.04 -73.48
C LEU A 102 15.93 -16.60 -73.73
N GLU A 103 16.71 -15.84 -74.50
CA GLU A 103 16.29 -14.51 -74.88
C GLU A 103 15.00 -14.54 -75.68
N SER A 104 14.80 -15.60 -76.47
CA SER A 104 13.53 -15.78 -77.16
C SER A 104 12.38 -15.88 -76.17
N HIS A 105 12.59 -16.63 -75.08
CA HIS A 105 11.60 -16.66 -74.01
C HIS A 105 11.41 -15.28 -73.39
N ILE A 106 12.48 -14.48 -73.36
CA ILE A 106 12.36 -13.10 -72.91
C ILE A 106 11.71 -12.23 -74.00
N LYS A 107 11.87 -12.60 -75.26
CA LYS A 107 11.33 -11.77 -76.34
C LYS A 107 9.80 -11.80 -76.34
N ASP A 108 9.21 -12.97 -76.10
CA ASP A 108 7.76 -13.10 -76.15
C ASP A 108 7.15 -12.54 -74.86
N ARG A 109 6.38 -11.45 -75.00
CA ARG A 109 5.67 -10.90 -73.86
C ARG A 109 4.63 -11.88 -73.33
N SER A 110 3.93 -12.57 -74.23
CA SER A 110 2.97 -13.59 -73.82
C SER A 110 3.67 -14.72 -73.08
N GLN A 111 4.86 -15.11 -73.53
CA GLN A 111 5.63 -16.14 -72.84
C GLN A 111 6.02 -15.67 -71.44
N PHE A 112 6.42 -14.40 -71.31
CA PHE A 112 6.76 -13.87 -69.99
C PHE A 112 5.55 -13.85 -69.08
N LYS A 113 4.39 -13.47 -69.61
CA LYS A 113 3.17 -13.47 -68.81
C LYS A 113 2.80 -14.88 -68.38
N ASN A 114 2.94 -15.86 -69.27
CA ASN A 114 2.68 -17.25 -68.91
C ASN A 114 3.69 -17.76 -67.89
N CYS A 115 4.90 -17.20 -67.88
CA CYS A 115 5.91 -17.60 -66.90
C CYS A 115 5.46 -17.27 -65.49
N LEU A 116 4.87 -16.09 -65.31
CA LEU A 116 4.38 -15.64 -64.00
C LEU A 116 5.53 -15.53 -62.99
N LEU A 138 9.04 -23.58 -63.68
CA LEU A 138 8.64 -22.19 -63.55
C LEU A 138 9.82 -21.26 -63.81
N ILE A 139 9.60 -19.96 -63.61
CA ILE A 139 10.68 -18.99 -63.80
C ILE A 139 11.79 -19.20 -62.78
N LYS A 140 11.41 -19.43 -61.52
CA LYS A 140 12.42 -19.63 -60.48
C LYS A 140 13.22 -20.90 -60.71
N LEU A 141 12.55 -21.99 -61.13
CA LEU A 141 13.26 -23.24 -61.39
C LEU A 141 14.22 -23.09 -62.55
N LEU A 142 13.78 -22.42 -63.63
CA LEU A 142 14.67 -22.21 -64.77
C LEU A 142 15.85 -21.31 -64.40
N LEU A 143 15.61 -20.28 -63.59
CA LEU A 143 16.68 -19.38 -63.17
C LEU A 143 17.63 -20.02 -62.16
N GLY A 144 17.30 -21.19 -61.61
CA GLY A 144 18.13 -21.82 -60.61
C GLY A 144 19.35 -22.54 -61.12
N ILE A 145 19.57 -22.57 -62.43
CA ILE A 145 20.74 -23.23 -62.98
C ILE A 145 21.99 -22.43 -62.61
N LYS A 146 23.00 -23.13 -62.07
CA LYS A 146 24.22 -22.46 -61.66
C LYS A 146 24.97 -21.88 -62.85
N ILE A 147 24.98 -22.60 -63.97
CA ILE A 147 25.70 -22.13 -65.16
C ILE A 147 25.10 -20.84 -65.69
N LEU A 148 23.76 -20.79 -65.79
CA LEU A 148 23.05 -19.62 -66.30
C LEU A 148 22.63 -18.64 -65.22
N GLN A 149 23.31 -18.65 -64.07
CA GLN A 149 22.95 -17.72 -63.00
C GLN A 149 23.13 -16.26 -63.39
N PRO A 150 24.28 -15.82 -63.92
CA PRO A 150 24.39 -14.41 -64.32
C PRO A 150 23.43 -13.98 -65.42
N ALA A 151 22.94 -14.91 -66.23
CA ALA A 151 22.02 -14.54 -67.31
C ALA A 151 20.72 -13.99 -66.76
N VAL A 152 20.17 -14.63 -65.72
CA VAL A 152 18.93 -14.15 -65.13
C VAL A 152 19.13 -12.78 -64.50
N VAL A 153 20.27 -12.57 -63.83
CA VAL A 153 20.55 -11.27 -63.22
C VAL A 153 20.68 -10.19 -64.28
N THR A 154 21.36 -10.50 -65.38
CA THR A 154 21.49 -9.52 -66.47
C THR A 154 20.14 -9.20 -67.09
N LEU A 155 19.29 -10.22 -67.28
CA LEU A 155 17.96 -9.99 -67.82
C LEU A 155 17.12 -9.12 -66.89
N LEU A 156 17.19 -9.39 -65.59
CA LEU A 156 16.45 -8.57 -64.63
C LEU A 156 16.96 -7.14 -64.62
N LEU A 157 18.29 -6.96 -64.67
CA LEU A 157 18.84 -5.61 -64.70
C LEU A 157 18.46 -4.86 -65.97
N GLU A 158 18.35 -5.58 -67.09
CA GLU A 158 17.93 -4.91 -68.33
C GLU A 158 16.44 -4.58 -68.31
N LYS A 159 15.61 -5.46 -67.75
CA LYS A 159 14.18 -5.24 -67.72
C LYS A 159 13.71 -4.32 -66.60
N ILE A 160 14.57 -4.02 -65.63
CA ILE A 160 14.20 -3.13 -64.52
C ILE A 160 13.82 -1.74 -65.02
N PRO A 161 14.76 -0.97 -65.58
CA PRO A 161 14.39 0.38 -66.05
C PRO A 161 13.39 0.37 -67.20
N GLU A 162 13.30 -0.72 -67.97
CA GLU A 162 12.30 -0.79 -69.03
C GLU A 162 10.90 -0.82 -68.47
N PHE A 163 10.68 -1.52 -67.35
CA PHE A 163 9.37 -1.61 -66.74
C PHE A 163 8.61 -2.85 -67.23
N ASN A 174 2.48 -2.33 -60.86
CA ASN A 174 3.30 -3.15 -59.98
C ASN A 174 4.11 -4.17 -60.79
N PHE A 175 4.62 -3.72 -61.95
CA PHE A 175 5.43 -4.59 -62.79
C PHE A 175 6.70 -5.09 -62.10
N PRO A 176 7.56 -4.22 -61.56
CA PRO A 176 8.76 -4.73 -60.87
C PRO A 176 8.47 -5.37 -59.52
N ARG A 177 7.24 -5.24 -58.99
CA ARG A 177 6.92 -5.86 -57.71
C ARG A 177 7.00 -7.38 -57.80
N LEU A 178 6.51 -7.96 -58.89
CA LEU A 178 6.59 -9.41 -59.07
C LEU A 178 8.04 -9.87 -59.16
N ILE A 179 8.88 -9.12 -59.88
CA ILE A 179 10.28 -9.48 -60.01
C ILE A 179 10.98 -9.40 -58.65
N VAL A 180 10.66 -8.36 -57.87
CA VAL A 180 11.25 -8.22 -56.54
C VAL A 180 10.81 -9.37 -55.64
N ASN A 181 9.53 -9.74 -55.71
CA ASN A 181 9.03 -10.84 -54.89
C ASN A 181 9.70 -12.16 -55.27
N GLN A 182 9.87 -12.39 -56.58
CA GLN A 182 10.56 -13.60 -57.03
C GLN A 182 12.02 -13.61 -56.57
N PHE A 183 12.69 -12.47 -56.67
CA PHE A 183 14.08 -12.38 -56.24
C PHE A 183 14.22 -12.36 -54.72
N LYS A 184 13.26 -11.78 -54.02
CA LYS A 184 13.34 -11.68 -52.56
C LYS A 184 13.26 -13.07 -51.94
N TRP A 185 14.18 -13.37 -51.03
CA TRP A 185 14.27 -14.68 -50.39
C TRP A 185 14.45 -15.81 -51.40
N LEU A 186 15.19 -15.53 -52.48
CA LEU A 186 15.41 -16.51 -53.53
C LEU A 186 16.68 -17.30 -53.27
N ASP A 187 17.13 -18.06 -54.26
CA ASP A 187 18.35 -18.84 -54.12
C ASP A 187 19.55 -17.92 -54.02
N GLY A 188 20.47 -18.26 -53.11
CA GLY A 188 21.63 -17.41 -52.88
C GLY A 188 22.66 -17.51 -53.97
N LEU A 189 23.58 -16.54 -53.97
CA LEU A 189 24.67 -16.51 -54.92
C LEU A 189 25.88 -15.89 -54.25
N LEU A 190 27.07 -16.27 -54.74
CA LEU A 190 28.31 -15.75 -54.18
C LEU A 190 28.55 -14.28 -54.52
N ASP A 191 27.85 -13.74 -55.51
CA ASP A 191 28.05 -12.37 -55.96
C ASP A 191 27.02 -11.41 -55.38
N SER A 192 26.62 -11.63 -54.11
CA SER A 192 25.61 -10.78 -53.49
C SER A 192 26.04 -9.33 -53.38
N GLN A 193 27.35 -9.08 -53.31
CA GLN A 193 27.84 -7.69 -53.30
C GLN A 193 27.48 -6.99 -54.61
N ASP A 194 27.62 -7.69 -55.73
CA ASP A 194 27.25 -7.11 -57.02
C ASP A 194 25.76 -6.81 -57.08
N LEU A 195 24.93 -7.72 -56.56
CA LEU A 195 23.49 -7.47 -56.53
C LEU A 195 23.15 -6.28 -55.65
N VAL A 196 23.83 -6.15 -54.51
CA VAL A 196 23.58 -5.01 -53.62
C VAL A 196 23.97 -3.70 -54.31
N LYS A 197 25.13 -3.71 -54.98
CA LYS A 197 25.57 -2.51 -55.69
C LYS A 197 24.60 -2.14 -56.81
N LYS A 198 24.14 -3.13 -57.57
CA LYS A 198 23.16 -2.87 -58.63
C LYS A 198 21.85 -2.35 -58.06
N LEU A 199 21.40 -2.90 -56.93
CA LEU A 199 20.17 -2.41 -56.29
C LEU A 199 20.33 -0.96 -55.85
N MET A 200 21.49 -0.63 -55.27
CA MET A 200 21.74 0.76 -54.86
C MET A 200 21.75 1.68 -56.07
N GLN A 201 22.40 1.26 -57.17
CA GLN A 201 22.44 2.08 -58.37
C GLN A 201 21.05 2.30 -58.95
N MET A 202 20.23 1.24 -58.98
CA MET A 202 18.87 1.37 -59.47
C MET A 202 18.04 2.29 -58.57
N LEU A 203 18.20 2.15 -57.25
CA LEU A 203 17.44 2.99 -56.32
C LEU A 203 17.87 4.44 -56.37
N SER A 204 19.11 4.70 -56.80
CA SER A 204 19.56 6.08 -56.94
C SER A 204 18.73 6.86 -57.96
N VAL A 205 18.31 6.21 -59.04
CA VAL A 205 17.50 6.82 -60.08
C VAL A 205 16.02 6.47 -59.97
N SER A 206 15.67 5.40 -59.25
CA SER A 206 14.29 4.94 -59.23
C SER A 206 13.39 5.94 -58.49
N PRO A 207 12.11 6.00 -58.86
CA PRO A 207 11.19 6.93 -58.20
C PRO A 207 10.81 6.46 -56.80
N VAL A 208 9.89 7.19 -56.15
CA VAL A 208 9.53 6.88 -54.76
C VAL A 208 8.95 5.48 -54.57
N PRO A 209 7.91 5.07 -55.30
CA PRO A 209 7.31 3.75 -54.98
C PRO A 209 8.19 2.58 -55.34
N ILE A 210 8.87 2.63 -56.49
CA ILE A 210 9.79 1.54 -56.84
C ILE A 210 10.94 1.47 -55.85
N GLN A 211 11.45 2.64 -55.43
CA GLN A 211 12.51 2.66 -54.42
C GLN A 211 12.02 2.06 -53.10
N HIS A 212 10.79 2.38 -52.70
CA HIS A 212 10.24 1.83 -51.46
C HIS A 212 10.07 0.32 -51.56
N ASP A 213 9.61 -0.16 -52.71
CA ASP A 213 9.49 -1.61 -52.92
C ASP A 213 10.84 -2.29 -52.86
N ILE A 214 11.86 -1.68 -53.46
CA ILE A 214 13.20 -2.25 -53.43
C ILE A 214 13.75 -2.26 -52.00
N ILE A 215 13.47 -1.19 -51.24
CA ILE A 215 13.92 -1.14 -49.86
C ILE A 215 13.24 -2.22 -49.03
N THR A 216 11.95 -2.45 -49.25
CA THR A 216 11.25 -3.50 -48.53
C THR A 216 11.76 -4.89 -48.91
N SER A 217 12.13 -5.09 -50.18
CA SER A 217 12.69 -6.36 -50.60
C SER A 217 14.15 -6.53 -50.18
N LEU A 218 14.84 -5.45 -49.82
CA LEU A 218 16.24 -5.52 -49.42
C LEU A 218 16.53 -6.48 -48.26
N PRO A 219 15.81 -6.45 -47.13
CA PRO A 219 16.16 -7.39 -46.05
C PRO A 219 16.01 -8.85 -46.43
N GLU A 220 15.05 -9.19 -47.29
CA GLU A 220 14.97 -10.56 -47.80
C GLU A 220 16.14 -10.86 -48.72
N ILE A 221 16.53 -9.91 -49.56
CA ILE A 221 17.61 -10.13 -50.52
C ILE A 221 18.95 -10.23 -49.81
N LEU A 222 19.17 -9.41 -48.79
CA LEU A 222 20.47 -9.37 -48.13
C LEU A 222 20.73 -10.68 -47.39
N GLU A 223 21.98 -11.16 -47.48
CA GLU A 223 22.37 -12.40 -46.82
C GLU A 223 22.71 -12.22 -45.34
N ASP A 224 22.75 -10.99 -44.82
CA ASP A 224 23.05 -10.64 -43.44
C ASP A 224 24.54 -10.71 -43.10
N SER A 225 25.41 -11.19 -43.98
CA SER A 225 26.84 -11.15 -43.70
C SER A 225 27.39 -9.75 -43.86
N GLN A 226 26.93 -9.03 -44.89
CA GLN A 226 27.35 -7.65 -45.17
C GLN A 226 26.33 -6.64 -44.66
N GLN A 227 25.70 -6.94 -43.53
CA GLN A 227 24.67 -6.05 -43.00
C GLN A 227 25.22 -4.70 -42.58
N ASN A 228 26.51 -4.62 -42.24
CA ASN A 228 27.09 -3.35 -41.80
C ASN A 228 27.10 -2.33 -42.93
N GLU A 229 27.61 -2.71 -44.10
CA GLU A 229 27.69 -1.78 -45.22
C GLU A 229 26.30 -1.34 -45.66
N VAL A 230 25.35 -2.27 -45.67
CA VAL A 230 23.97 -1.93 -46.01
C VAL A 230 23.41 -0.95 -44.99
N ALA A 231 23.74 -1.15 -43.71
CA ALA A 231 23.27 -0.24 -42.67
C ALA A 231 23.84 1.16 -42.87
N ARG A 232 25.13 1.26 -43.18
CA ARG A 232 25.73 2.56 -43.43
C ARG A 232 25.12 3.24 -44.64
N GLU A 233 24.89 2.48 -45.72
CA GLU A 233 24.27 3.06 -46.92
C GLU A 233 22.85 3.53 -46.62
N LEU A 234 22.09 2.74 -45.85
CA LEU A 234 20.74 3.14 -45.49
C LEU A 234 20.74 4.39 -44.62
N SER A 235 21.71 4.50 -43.70
CA SER A 235 21.81 5.70 -42.87
C SER A 235 22.13 6.92 -43.73
N CYS A 236 23.05 6.77 -44.69
CA CYS A 236 23.38 7.88 -45.57
C CYS A 236 22.18 8.31 -46.40
N LEU A 237 21.41 7.34 -46.91
CA LEU A 237 20.21 7.67 -47.68
C LEU A 237 19.16 8.33 -46.79
N LEU A 238 19.02 7.86 -45.55
CA LEU A 238 18.09 8.45 -44.61
C LEU A 238 18.47 9.89 -44.28
N LYS A 239 19.77 10.19 -44.29
CA LYS A 239 20.22 11.55 -44.03
C LYS A 239 19.71 12.56 -45.05
N GLN A 240 19.41 12.11 -46.27
CA GLN A 240 19.03 13.00 -47.38
C GLN A 240 17.57 12.82 -47.79
N GLY A 241 17.15 11.60 -48.14
CA GLY A 241 15.82 11.38 -48.66
C GLY A 241 14.71 11.65 -47.67
N ARG A 242 13.92 12.71 -47.90
CA ARG A 242 12.84 13.04 -47.00
C ARG A 242 11.68 12.05 -47.12
N ARG A 243 11.31 11.71 -48.35
CA ARG A 243 10.16 10.84 -48.59
C ARG A 243 10.45 9.38 -48.25
N LEU A 244 11.71 8.96 -48.26
CA LEU A 244 12.07 7.57 -48.02
C LEU A 244 12.40 7.27 -46.57
N THR A 245 12.21 8.23 -45.65
CA THR A 245 12.59 8.01 -44.26
C THR A 245 11.77 6.89 -43.63
N VAL A 246 10.46 6.86 -43.89
CA VAL A 246 9.55 5.91 -43.26
C VAL A 246 9.89 4.48 -43.66
N PRO A 247 9.88 4.11 -44.95
CA PRO A 247 10.19 2.72 -45.30
C PRO A 247 11.61 2.30 -44.96
N ILE A 248 12.58 3.20 -45.08
CA ILE A 248 13.95 2.87 -44.72
C ILE A 248 14.05 2.57 -43.23
N LEU A 249 13.43 3.41 -42.40
CA LEU A 249 13.45 3.18 -40.96
C LEU A 249 12.73 1.89 -40.60
N ASP A 250 11.61 1.60 -41.27
CA ASP A 250 10.90 0.35 -41.01
C ASP A 250 11.75 -0.86 -41.38
N ALA A 251 12.43 -0.80 -42.52
CA ALA A 251 13.29 -1.91 -42.93
C ALA A 251 14.45 -2.10 -41.97
N LEU A 252 15.07 -1.00 -41.53
CA LEU A 252 16.17 -1.11 -40.57
C LEU A 252 15.70 -1.67 -39.25
N SER A 253 14.51 -1.27 -38.79
CA SER A 253 13.96 -1.83 -37.58
C SER A 253 13.69 -3.33 -37.73
N ARG A 254 13.17 -3.74 -38.89
CA ARG A 254 12.90 -5.15 -39.13
C ARG A 254 14.19 -5.95 -39.19
N LEU A 255 15.24 -5.41 -39.82
CA LEU A 255 16.48 -6.13 -40.04
C LEU A 255 17.43 -5.93 -38.87
N ASP A 256 18.33 -6.90 -38.69
CA ASP A 256 19.32 -6.83 -37.64
C ASP A 256 20.36 -5.77 -37.95
N LEU A 257 21.04 -5.29 -36.90
CA LEU A 257 22.05 -4.25 -37.04
C LEU A 257 23.08 -4.41 -35.94
N ASP A 258 24.26 -3.83 -36.18
CA ASP A 258 25.34 -3.87 -35.21
C ASP A 258 25.08 -2.92 -34.05
N ALA A 259 25.68 -3.22 -32.90
CA ALA A 259 25.47 -2.40 -31.72
C ALA A 259 26.06 -1.00 -31.87
N GLU A 260 27.20 -0.88 -32.54
CA GLU A 260 27.83 0.43 -32.72
C GLU A 260 26.94 1.35 -33.54
N LEU A 261 26.31 0.84 -34.60
CA LEU A 261 25.42 1.64 -35.41
C LEU A 261 24.08 1.93 -34.71
N LEU A 262 23.78 1.23 -33.61
CA LEU A 262 22.53 1.45 -32.91
C LEU A 262 22.44 2.87 -32.35
N ALA A 263 23.55 3.38 -31.81
CA ALA A 263 23.56 4.74 -31.27
C ALA A 263 23.30 5.76 -32.37
N LYS A 264 23.95 5.58 -33.52
CA LYS A 264 23.74 6.50 -34.64
C LYS A 264 22.30 6.44 -35.13
N VAL A 265 21.73 5.23 -35.21
CA VAL A 265 20.34 5.09 -35.66
C VAL A 265 19.40 5.78 -34.68
N ARG A 266 19.63 5.59 -33.38
CA ARG A 266 18.78 6.21 -32.38
C ARG A 266 18.88 7.73 -32.45
N GLN A 267 20.10 8.26 -32.61
CA GLN A 267 20.27 9.70 -32.70
C GLN A 267 19.58 10.26 -33.94
N SER A 268 19.74 9.58 -35.08
CA SER A 268 19.12 10.05 -36.31
C SER A 268 17.60 10.03 -36.22
N ALA A 269 17.04 8.97 -35.60
CA ALA A 269 15.59 8.91 -35.45
C ALA A 269 15.10 9.98 -34.48
N MET A 270 15.85 10.23 -33.40
CA MET A 270 15.41 11.23 -32.42
C MET A 270 15.47 12.63 -32.99
N THR A 271 16.48 12.93 -33.81
CA THR A 271 16.60 14.27 -34.37
C THR A 271 15.44 14.62 -35.30
N ILE A 272 14.97 13.66 -36.10
CA ILE A 272 13.91 13.96 -37.07
C ILE A 272 12.52 13.94 -36.45
N VAL A 273 12.41 13.76 -35.13
CA VAL A 273 11.09 13.73 -34.49
C VAL A 273 10.33 15.04 -34.65
N PRO A 274 10.90 16.21 -34.30
CA PRO A 274 10.14 17.46 -34.53
C PRO A 274 9.87 17.73 -36.01
N SER A 275 10.77 17.33 -36.90
CA SER A 275 10.61 17.54 -38.33
C SER A 275 9.91 16.39 -39.04
N VAL A 276 9.55 15.32 -38.32
CA VAL A 276 8.93 14.17 -38.97
C VAL A 276 7.52 14.53 -39.43
N LYS A 277 7.06 13.84 -40.48
CA LYS A 277 5.72 14.06 -40.99
C LYS A 277 4.68 13.37 -40.11
N LEU A 278 3.44 13.83 -40.23
CA LEU A 278 2.37 13.28 -39.41
C LEU A 278 2.05 11.84 -39.79
N GLU A 279 2.09 11.52 -41.09
CA GLU A 279 1.71 10.19 -41.54
C GLU A 279 2.64 9.10 -41.01
N ASP A 280 3.94 9.37 -41.01
CA ASP A 280 4.94 8.41 -40.54
C ASP A 280 5.33 8.60 -39.08
N LEU A 281 4.65 9.50 -38.36
CA LEU A 281 5.00 9.76 -36.97
C LEU A 281 4.87 8.54 -36.07
N PRO A 282 3.74 7.83 -36.01
CA PRO A 282 3.67 6.68 -35.10
C PRO A 282 4.63 5.55 -35.45
N VAL A 283 4.91 5.34 -36.74
CA VAL A 283 5.87 4.29 -37.11
C VAL A 283 7.26 4.65 -36.62
N VAL A 284 7.66 5.93 -36.78
CA VAL A 284 8.97 6.37 -36.32
C VAL A 284 9.04 6.29 -34.79
N ILE A 285 7.94 6.62 -34.12
CA ILE A 285 7.92 6.55 -32.66
C ILE A 285 8.05 5.11 -32.19
N LYS A 286 7.39 4.17 -32.88
CA LYS A 286 7.55 2.76 -32.56
C LYS A 286 8.99 2.32 -32.79
N PHE A 287 9.60 2.81 -33.87
CA PHE A 287 10.97 2.44 -34.18
C PHE A 287 11.95 2.90 -33.11
N ILE A 288 11.80 4.14 -32.64
CA ILE A 288 12.72 4.63 -31.61
C ILE A 288 12.44 3.94 -30.27
N LEU A 289 11.16 3.69 -29.96
CA LEU A 289 10.81 3.12 -28.67
C LEU A 289 10.97 1.60 -28.57
N HIS A 290 11.16 0.90 -29.69
CA HIS A 290 11.24 -0.56 -29.63
C HIS A 290 12.67 -1.09 -29.51
N ASN A 291 13.61 -0.56 -30.29
CA ASN A 291 14.94 -1.15 -30.34
C ASN A 291 15.73 -0.89 -29.06
N VAL A 292 15.71 0.35 -28.57
CA VAL A 292 16.56 0.73 -27.44
C VAL A 292 15.91 0.27 -26.14
N LYS A 293 16.70 -0.40 -25.31
CA LYS A 293 16.25 -0.83 -23.98
C LYS A 293 17.35 -0.59 -22.95
N ALA A 294 18.02 0.56 -23.04
CA ALA A 294 19.17 0.91 -22.21
C ALA A 294 18.76 1.99 -21.20
N ALA A 295 19.72 2.38 -20.35
CA ALA A 295 19.47 3.42 -19.36
C ALA A 295 19.41 4.82 -19.96
N ASP A 296 20.28 5.10 -20.94
CA ASP A 296 20.34 6.45 -21.52
C ASP A 296 19.04 6.87 -22.19
N ALA A 297 18.18 5.93 -22.57
CA ALA A 297 16.88 6.26 -23.14
C ALA A 297 16.03 7.07 -22.17
N VAL A 298 16.28 6.92 -20.86
CA VAL A 298 15.63 7.78 -19.87
C VAL A 298 15.89 9.24 -20.20
N GLU A 299 17.15 9.58 -20.45
CA GLU A 299 17.49 10.93 -20.92
C GLU A 299 16.77 11.24 -22.22
N VAL A 300 16.69 10.25 -23.13
CA VAL A 300 15.95 10.46 -24.36
C VAL A 300 14.49 10.72 -24.05
N ILE A 301 13.96 10.07 -23.02
CA ILE A 301 12.59 10.35 -22.57
C ILE A 301 12.46 11.83 -22.21
N SER A 302 13.47 12.37 -21.51
CA SER A 302 13.49 13.80 -21.23
C SER A 302 13.49 14.60 -22.52
N ASP A 303 14.28 14.16 -23.51
CA ASP A 303 14.22 14.79 -24.82
C ASP A 303 12.84 14.65 -25.42
N LEU A 304 12.23 13.46 -25.30
CA LEU A 304 10.87 13.26 -25.77
C LEU A 304 9.85 13.94 -24.87
N ARG A 305 10.26 14.42 -23.69
CA ARG A 305 9.40 15.34 -22.95
C ARG A 305 9.23 16.65 -23.71
N LYS A 306 10.26 17.08 -24.43
CA LYS A 306 10.22 18.36 -25.15
C LYS A 306 9.86 18.17 -26.61
N SER A 307 10.59 17.28 -27.31
CA SER A 307 10.39 17.09 -28.74
C SER A 307 9.00 16.57 -29.08
N LEU A 308 8.50 15.59 -28.31
CA LEU A 308 7.15 15.09 -28.54
C LEU A 308 6.09 16.11 -28.19
N ASP A 309 6.37 17.02 -27.26
CA ASP A 309 5.39 18.05 -26.91
C ASP A 309 5.21 19.08 -28.02
N LEU A 310 6.25 19.27 -28.85
CA LEU A 310 6.14 20.24 -29.94
C LEU A 310 5.08 19.85 -30.97
N SER A 311 4.87 18.54 -31.16
CA SER A 311 3.89 18.09 -32.16
C SER A 311 2.48 18.52 -31.78
N SER A 312 2.12 18.38 -30.51
CA SER A 312 0.78 18.75 -30.06
C SER A 312 -0.28 17.85 -30.67
N LEU A 349 -2.89 8.04 -34.23
CA LEU A 349 -3.55 6.77 -33.98
C LEU A 349 -3.48 6.41 -32.49
N PHE A 350 -2.30 6.65 -31.90
CA PHE A 350 -2.04 6.47 -30.48
C PHE A 350 -1.92 5.00 -30.06
N ASP A 351 -2.15 4.05 -30.98
CA ASP A 351 -2.15 2.64 -30.60
C ASP A 351 -0.74 2.10 -30.43
N VAL A 352 0.23 2.60 -31.22
CA VAL A 352 1.58 2.04 -31.18
C VAL A 352 2.25 2.34 -29.84
N ILE A 353 1.97 3.50 -29.25
CA ILE A 353 2.52 3.80 -27.93
C ILE A 353 1.97 2.83 -26.91
N LYS A 354 0.66 2.55 -26.97
CA LYS A 354 0.05 1.62 -26.03
C LYS A 354 0.63 0.22 -26.19
N LEU A 355 0.82 -0.22 -27.44
CA LEU A 355 1.39 -1.55 -27.67
C LEU A 355 2.82 -1.63 -27.16
N ALA A 356 3.62 -0.60 -27.41
CA ALA A 356 5.00 -0.59 -26.94
C ALA A 356 5.07 -0.61 -25.42
N VAL A 357 4.22 0.17 -24.76
CA VAL A 357 4.22 0.19 -23.30
C VAL A 357 3.75 -1.16 -22.75
N ARG A 358 2.75 -1.78 -23.39
CA ARG A 358 2.26 -3.07 -22.94
C ARG A 358 3.34 -4.13 -23.08
N PHE A 359 4.10 -4.10 -24.17
CA PHE A 359 5.17 -5.06 -24.42
C PHE A 359 6.49 -4.69 -23.77
N GLN A 360 6.57 -3.54 -23.11
CA GLN A 360 7.81 -3.07 -22.49
C GLN A 360 7.51 -2.40 -21.15
N LYS A 361 7.70 -3.13 -20.05
CA LYS A 361 7.57 -2.54 -18.73
C LYS A 361 8.76 -1.65 -18.37
N ASP A 362 9.95 -1.98 -18.90
CA ASP A 362 11.10 -1.10 -18.70
C ASP A 362 10.86 0.27 -19.30
N VAL A 363 10.13 0.35 -20.42
CA VAL A 363 9.75 1.64 -20.97
C VAL A 363 8.85 2.39 -19.99
N SER A 364 7.96 1.66 -19.32
CA SER A 364 7.11 2.28 -18.30
C SER A 364 7.94 2.84 -17.16
N GLU A 365 8.92 2.07 -16.68
CA GLU A 365 9.79 2.55 -15.62
C GLU A 365 10.59 3.78 -16.08
N ALA A 366 11.07 3.76 -17.31
CA ALA A 366 11.81 4.90 -17.85
C ALA A 366 10.93 6.14 -17.91
N TRP A 367 9.68 5.97 -18.36
CA TRP A 367 8.75 7.10 -18.39
C TRP A 367 8.51 7.65 -16.99
N ILE A 368 8.31 6.75 -16.02
CA ILE A 368 8.04 7.17 -14.64
C ILE A 368 9.22 7.96 -14.08
N LYS A 369 10.43 7.44 -14.29
CA LYS A 369 11.62 8.13 -13.81
C LYS A 369 11.81 9.46 -14.52
N ALA A 370 11.51 9.51 -15.81
CA ALA A 370 11.67 10.75 -16.57
C ALA A 370 10.73 11.83 -16.06
N ILE A 371 9.46 11.49 -15.80
CA ILE A 371 8.55 12.48 -15.24
C ILE A 371 8.92 12.85 -13.82
N GLU A 372 9.42 11.90 -13.02
CA GLU A 372 9.84 12.19 -11.66
C GLU A 372 11.02 13.15 -11.59
N ASN A 373 12.00 12.99 -12.48
CA ASN A 373 13.21 13.79 -12.39
C ASN A 373 13.08 15.14 -13.10
N SER A 374 12.42 15.17 -14.26
CA SER A 374 12.42 16.33 -15.14
C SER A 374 11.19 17.21 -14.99
N THR A 375 9.99 16.61 -14.98
CA THR A 375 8.70 17.38 -15.01
C THR A 375 8.50 18.17 -13.70
N SER A 376 9.26 17.90 -12.63
CA SER A 376 9.00 18.58 -11.36
C SER A 376 9.26 20.07 -11.45
N VAL A 377 10.19 20.50 -12.30
CA VAL A 377 10.58 21.91 -12.43
C VAL A 377 10.46 22.36 -13.89
N SER A 378 9.52 21.77 -14.63
CA SER A 378 9.26 22.18 -16.02
C SER A 378 7.77 22.18 -16.33
N ASP A 379 6.94 22.47 -15.33
CA ASP A 379 5.46 22.51 -15.47
C ASP A 379 5.00 21.11 -15.87
N HIS A 380 4.16 20.96 -16.88
CA HIS A 380 3.68 19.64 -17.29
C HIS A 380 3.11 19.77 -18.70
N LYS A 381 2.43 18.71 -19.16
CA LYS A 381 1.83 18.71 -20.49
C LYS A 381 0.62 17.78 -20.48
N VAL A 382 -0.26 17.97 -21.46
CA VAL A 382 -1.46 17.15 -21.58
C VAL A 382 -1.09 15.69 -21.82
N LEU A 383 -0.14 15.47 -22.72
CA LEU A 383 0.28 14.10 -23.04
C LEU A 383 0.90 13.42 -21.83
N ASP A 384 1.54 14.18 -20.95
CA ASP A 384 2.07 13.59 -19.72
C ASP A 384 0.96 13.03 -18.85
N LEU A 385 -0.13 13.78 -18.68
CA LEU A 385 -1.26 13.29 -17.91
C LEU A 385 -1.92 12.09 -18.59
N ILE A 386 -2.02 12.13 -19.92
CA ILE A 386 -2.63 11.02 -20.65
C ILE A 386 -1.79 9.75 -20.47
N VAL A 387 -0.46 9.89 -20.56
CA VAL A 387 0.42 8.74 -20.37
C VAL A 387 0.35 8.25 -18.92
N LEU A 388 0.19 9.16 -17.96
CA LEU A 388 0.01 8.74 -16.58
C LEU A 388 -1.26 7.92 -16.43
N LEU A 389 -2.34 8.35 -17.05
CA LEU A 389 -3.59 7.57 -17.00
C LEU A 389 -3.40 6.20 -17.66
N LEU A 390 -2.70 6.16 -18.79
CA LEU A 390 -2.49 4.90 -19.49
C LEU A 390 -1.65 3.95 -18.65
N ILE A 391 -0.59 4.46 -18.01
CA ILE A 391 0.26 3.63 -17.16
C ILE A 391 -0.53 3.12 -15.95
N HIS A 392 -1.35 3.99 -15.35
CA HIS A 392 -2.16 3.57 -14.21
C HIS A 392 -3.15 2.47 -14.62
N SER A 393 -3.76 2.62 -15.79
CA SER A 393 -4.68 1.59 -16.27
C SER A 393 -3.96 0.27 -16.50
N THR A 394 -2.78 0.32 -17.12
CA THR A 394 -2.00 -0.87 -17.41
C THR A 394 -1.07 -1.21 -16.25
N ARG A 399 1.76 -2.60 -10.78
CA ARG A 399 2.34 -1.98 -9.59
C ARG A 399 1.51 -0.79 -9.13
N LYS A 400 1.05 0.01 -10.10
CA LYS A 400 0.22 1.18 -9.83
C LYS A 400 0.96 2.22 -8.99
N GLN A 401 2.29 2.28 -9.13
CA GLN A 401 3.05 3.32 -8.44
C GLN A 401 2.87 4.68 -9.11
N THR A 402 2.57 4.69 -10.42
CA THR A 402 2.38 5.95 -11.13
C THR A 402 1.19 6.72 -10.57
N GLU A 403 0.13 6.01 -10.17
CA GLU A 403 -1.02 6.68 -9.55
C GLU A 403 -0.63 7.36 -8.25
N LYS A 404 0.17 6.69 -7.42
CA LYS A 404 0.63 7.30 -6.17
C LYS A 404 1.52 8.51 -6.44
N VAL A 405 2.41 8.40 -7.44
CA VAL A 405 3.28 9.52 -7.76
C VAL A 405 2.46 10.71 -8.26
N LEU A 406 1.45 10.46 -9.09
CA LEU A 406 0.59 11.54 -9.58
C LEU A 406 -0.20 12.17 -8.43
N ARG A 407 -0.68 11.35 -7.50
CA ARG A 407 -1.39 11.89 -6.34
C ARG A 407 -0.47 12.77 -5.51
N SER A 408 0.78 12.34 -5.31
CA SER A 408 1.74 13.16 -4.58
C SER A 408 2.01 14.47 -5.31
N LYS A 409 2.14 14.41 -6.63
CA LYS A 409 2.40 15.62 -7.41
C LYS A 409 1.23 16.59 -7.32
N ILE A 410 0.00 16.08 -7.38
CA ILE A 410 -1.17 16.94 -7.28
C ILE A 410 -1.27 17.52 -5.88
N ARG A 411 -0.95 16.72 -4.85
CA ARG A 411 -0.96 17.24 -3.48
C ARG A 411 0.07 18.34 -3.30
N LEU A 412 1.21 18.21 -3.97
CA LEU A 412 2.21 19.28 -3.93
C LEU A 412 1.69 20.55 -4.60
N GLY A 413 0.86 20.40 -5.64
CA GLY A 413 0.28 21.52 -6.37
C GLY A 413 0.58 21.52 -7.85
N CYS A 414 0.92 20.36 -8.41
CA CYS A 414 1.20 20.20 -9.82
C CYS A 414 -0.07 19.79 -10.56
N MET A 415 -0.05 19.99 -11.88
CA MET A 415 -1.16 19.60 -12.74
C MET A 415 -2.45 20.32 -12.33
N PRO A 416 -2.57 21.62 -12.57
CA PRO A 416 -3.80 22.33 -12.21
C PRO A 416 -4.99 21.82 -13.00
N GLU A 417 -6.15 21.81 -12.33
CA GLU A 417 -7.38 21.33 -12.97
C GLU A 417 -7.89 22.26 -14.06
N GLN A 418 -7.47 23.53 -14.06
CA GLN A 418 -7.90 24.45 -15.10
C GLN A 418 -7.44 24.00 -16.48
N LEU A 419 -6.20 23.52 -16.57
CA LEU A 419 -5.73 22.90 -17.80
C LEU A 419 -6.30 21.50 -18.00
N MET A 420 -6.63 20.80 -16.91
CA MET A 420 -7.20 19.46 -17.03
C MET A 420 -8.56 19.48 -17.71
N GLN A 421 -9.36 20.52 -17.43
CA GLN A 421 -10.65 20.65 -18.09
C GLN A 421 -10.48 20.80 -19.61
N ASN A 422 -9.55 21.64 -20.04
CA ASN A 422 -9.29 21.80 -21.46
C ASN A 422 -8.75 20.52 -22.06
N ALA A 423 -7.90 19.81 -21.32
CA ALA A 423 -7.35 18.55 -21.81
C ALA A 423 -8.45 17.51 -22.00
N PHE A 424 -9.40 17.45 -21.07
CA PHE A 424 -10.50 16.49 -21.21
C PHE A 424 -11.44 16.89 -22.33
N GLN A 425 -11.68 18.20 -22.50
CA GLN A 425 -12.57 18.65 -23.56
C GLN A 425 -11.97 18.37 -24.94
N ASN A 426 -10.71 18.73 -25.14
CA ASN A 426 -10.08 18.56 -26.44
C ASN A 426 -9.84 17.09 -26.77
N HIS A 427 -9.31 16.33 -25.80
CA HIS A 427 -8.93 14.93 -26.02
C HIS A 427 -10.15 14.02 -25.81
N SER A 428 -11.06 14.08 -26.79
CA SER A 428 -12.25 13.24 -26.73
C SER A 428 -11.93 11.77 -26.88
N MET A 429 -10.93 11.43 -27.70
CA MET A 429 -10.61 10.03 -27.95
C MET A 429 -10.10 9.34 -26.69
N VAL A 430 -9.28 10.05 -25.89
CA VAL A 430 -8.75 9.46 -24.67
C VAL A 430 -9.87 9.16 -23.68
N ILE A 431 -10.81 10.08 -23.52
CA ILE A 431 -11.98 9.80 -22.69
C ILE A 431 -12.80 8.67 -23.28
N LYS A 432 -12.99 8.68 -24.60
CA LYS A 432 -13.68 7.59 -25.29
C LYS A 432 -12.82 6.34 -25.46
N ASP A 433 -11.52 6.42 -25.15
CA ASP A 433 -10.64 5.26 -25.36
C ASP A 433 -11.03 4.10 -24.44
N PHE A 434 -11.23 4.38 -23.16
CA PHE A 434 -11.61 3.35 -22.21
C PHE A 434 -12.11 4.01 -20.93
N PHE A 435 -13.15 3.40 -20.35
CA PHE A 435 -13.95 3.99 -19.29
C PHE A 435 -13.28 4.05 -17.92
N PRO A 436 -12.90 2.92 -17.32
CA PRO A 436 -12.71 2.90 -15.85
C PRO A 436 -11.50 3.69 -15.34
N SER A 437 -10.65 4.24 -16.22
CA SER A 437 -9.57 5.10 -15.74
C SER A 437 -10.13 6.33 -15.04
N ILE A 438 -11.16 6.95 -15.62
CA ILE A 438 -11.76 8.14 -15.03
C ILE A 438 -12.45 7.78 -13.73
N LEU A 439 -13.12 6.62 -13.68
CA LEU A 439 -13.79 6.19 -12.46
C LEU A 439 -12.77 5.95 -11.34
N SER A 440 -11.65 5.28 -11.66
CA SER A 440 -10.62 5.04 -10.66
C SER A 440 -10.00 6.34 -10.19
N LEU A 441 -9.74 7.28 -11.11
CA LEU A 441 -9.17 8.56 -10.71
C LEU A 441 -10.12 9.34 -9.83
N ALA A 442 -11.41 9.33 -10.16
CA ALA A 442 -12.40 10.03 -9.34
C ALA A 442 -12.51 9.40 -7.95
N GLN A 443 -12.47 8.07 -7.88
CA GLN A 443 -12.49 7.42 -6.57
C GLN A 443 -11.27 7.76 -5.76
N THR A 444 -10.09 7.81 -6.39
CA THR A 444 -8.88 8.16 -5.68
C THR A 444 -8.90 9.59 -5.17
N PHE A 445 -9.35 10.52 -6.02
CA PHE A 445 -9.35 11.94 -5.65
C PHE A 445 -10.51 12.33 -4.76
N LEU A 446 -11.54 11.49 -4.64
CA LEU A 446 -12.69 11.85 -3.81
C LEU A 446 -12.32 11.93 -2.34
N HIS A 447 -11.45 11.05 -1.86
CA HIS A 447 -11.05 11.01 -0.46
C HIS A 447 -9.78 11.81 -0.18
N SER A 448 -9.38 12.69 -1.08
CA SER A 448 -8.19 13.50 -0.84
C SER A 448 -8.42 14.46 0.30
N ALA A 449 -7.41 14.62 1.15
CA ALA A 449 -7.49 15.48 2.33
C ALA A 449 -7.19 16.94 2.02
N HIS A 450 -6.75 17.28 0.82
CA HIS A 450 -6.42 18.64 0.47
C HIS A 450 -7.51 19.25 -0.41
N PRO A 451 -7.68 20.58 -0.37
CA PRO A 451 -8.69 21.22 -1.22
C PRO A 451 -8.45 21.01 -2.70
N ALA A 452 -7.18 21.00 -3.13
CA ALA A 452 -6.88 20.82 -4.54
C ALA A 452 -7.31 19.45 -5.04
N VAL A 453 -7.11 18.40 -4.23
CA VAL A 453 -7.44 17.05 -4.65
C VAL A 453 -8.95 16.89 -4.82
N VAL A 454 -9.72 17.36 -3.84
CA VAL A 454 -11.17 17.23 -3.91
C VAL A 454 -11.73 18.11 -5.02
N SER A 455 -11.16 19.30 -5.23
CA SER A 455 -11.60 20.14 -6.34
C SER A 455 -11.31 19.46 -7.68
N PHE A 456 -10.13 18.83 -7.79
CA PHE A 456 -9.79 18.10 -8.99
C PHE A 456 -10.76 16.95 -9.24
N GLY A 457 -11.11 16.22 -8.19
CA GLY A 457 -12.07 15.14 -8.35
C GLY A 457 -13.46 15.63 -8.75
N SER A 458 -13.89 16.75 -8.16
CA SER A 458 -15.19 17.32 -8.51
C SER A 458 -15.23 17.74 -9.97
N CYS A 459 -14.22 18.49 -10.41
CA CYS A 459 -14.15 18.88 -11.82
C CYS A 459 -14.00 17.68 -12.73
N MET A 460 -13.34 16.62 -12.24
CA MET A 460 -13.16 15.42 -13.04
C MET A 460 -14.48 14.71 -13.27
N TYR A 461 -15.30 14.57 -12.23
CA TYR A 461 -16.63 14.01 -12.42
C TYR A 461 -17.51 14.92 -13.27
N LYS A 462 -17.36 16.24 -13.11
CA LYS A 462 -18.12 17.17 -13.93
C LYS A 462 -17.79 17.00 -15.41
N GLN A 463 -16.51 16.82 -15.73
CA GLN A 463 -16.11 16.55 -17.11
C GLN A 463 -16.59 15.18 -17.57
N ALA A 464 -16.50 14.17 -16.69
CA ALA A 464 -16.89 12.82 -17.07
C ALA A 464 -18.38 12.71 -17.36
N PHE A 465 -19.20 13.55 -16.72
CA PHE A 465 -20.62 13.58 -17.06
C PHE A 465 -20.84 14.03 -18.50
N ALA A 466 -19.91 14.79 -19.07
CA ALA A 466 -20.00 15.19 -20.47
C ALA A 466 -19.56 14.11 -21.44
N VAL A 467 -19.17 12.93 -20.96
CA VAL A 467 -18.83 11.83 -21.85
C VAL A 467 -20.06 11.42 -22.64
N PHE A 468 -19.90 11.30 -23.96
CA PHE A 468 -21.03 11.02 -24.85
C PHE A 468 -21.66 9.66 -24.62
N ASP A 469 -20.92 8.70 -24.06
CA ASP A 469 -21.45 7.35 -23.88
C ASP A 469 -22.59 7.37 -22.86
N SER A 470 -23.78 6.95 -23.30
CA SER A 470 -24.94 6.92 -22.39
C SER A 470 -24.72 5.92 -21.27
N TYR A 471 -24.21 4.73 -21.59
CA TYR A 471 -23.93 3.74 -20.56
C TYR A 471 -22.88 4.24 -19.58
N CYS A 472 -21.79 4.83 -20.10
CA CYS A 472 -20.78 5.39 -19.22
C CYS A 472 -21.31 6.57 -18.42
N GLN A 473 -22.17 7.38 -19.03
CA GLN A 473 -22.77 8.51 -18.34
C GLN A 473 -23.61 8.04 -17.15
N GLN A 474 -24.47 7.03 -17.39
CA GLN A 474 -25.28 6.51 -16.30
C GLN A 474 -24.44 5.79 -15.26
N GLU A 475 -23.34 5.16 -15.67
CA GLU A 475 -22.43 4.56 -14.69
C GLU A 475 -21.80 5.62 -13.80
N VAL A 476 -21.40 6.75 -14.40
CA VAL A 476 -20.82 7.85 -13.62
C VAL A 476 -21.86 8.43 -12.66
N VAL A 477 -23.10 8.59 -13.12
CA VAL A 477 -24.16 9.10 -12.26
C VAL A 477 -24.43 8.12 -11.12
N CYS A 478 -24.41 6.81 -11.41
CA CYS A 478 -24.60 5.82 -10.36
C CYS A 478 -23.45 5.86 -9.35
N ALA A 479 -22.23 6.07 -9.82
CA ALA A 479 -21.09 6.19 -8.91
C ALA A 479 -21.24 7.42 -8.03
N LEU A 480 -21.70 8.53 -8.60
CA LEU A 480 -21.95 9.74 -7.80
C LEU A 480 -23.02 9.49 -6.75
N VAL A 481 -24.09 8.80 -7.12
CA VAL A 481 -25.16 8.49 -6.18
C VAL A 481 -24.64 7.56 -5.08
N THR A 482 -23.78 6.61 -5.44
CA THR A 482 -23.19 5.71 -4.46
C THR A 482 -22.31 6.47 -3.48
N HIS A 483 -21.52 7.42 -3.98
CA HIS A 483 -20.69 8.25 -3.11
C HIS A 483 -21.56 9.07 -2.17
N VAL A 484 -22.66 9.63 -2.70
CA VAL A 484 -23.56 10.41 -1.86
C VAL A 484 -24.32 9.51 -0.87
N CYS A 485 -24.40 8.21 -1.15
CA CYS A 485 -25.20 7.31 -0.33
C CYS A 485 -24.67 7.19 1.10
N SER A 486 -23.36 7.14 1.27
CA SER A 486 -22.76 6.97 2.59
C SER A 486 -21.35 7.57 2.57
N GLY A 487 -20.71 7.54 3.73
CA GLY A 487 -19.36 8.03 3.92
C GLY A 487 -19.34 9.29 4.77
N ASN A 488 -18.24 10.04 4.64
CA ASN A 488 -18.07 11.26 5.39
C ASN A 488 -19.08 12.31 4.94
N GLU A 489 -19.50 13.17 5.87
CA GLU A 489 -20.44 14.23 5.55
C GLU A 489 -19.89 15.22 4.54
N THR A 490 -18.58 15.45 4.55
CA THR A 490 -17.98 16.34 3.54
C THR A 490 -18.16 15.79 2.15
N GLU A 491 -18.04 14.46 2.00
CA GLU A 491 -18.29 13.83 0.71
C GLU A 491 -19.73 14.03 0.26
N LEU A 492 -20.69 13.90 1.17
CA LEU A 492 -22.08 14.17 0.82
C LEU A 492 -22.28 15.62 0.42
N ASP A 493 -21.63 16.55 1.12
CA ASP A 493 -21.75 17.96 0.79
C ASP A 493 -21.22 18.25 -0.61
N ILE A 494 -20.03 17.73 -0.93
CA ILE A 494 -19.48 17.98 -2.26
C ILE A 494 -20.29 17.26 -3.33
N SER A 495 -20.86 16.08 -3.01
CA SER A 495 -21.74 15.40 -3.96
C SER A 495 -22.96 16.24 -4.29
N LEU A 496 -23.61 16.79 -3.26
CA LEU A 496 -24.76 17.65 -3.50
C LEU A 496 -24.36 18.92 -4.25
N ASP A 497 -23.17 19.44 -3.97
CA ASP A 497 -22.69 20.63 -4.67
C ASP A 497 -22.51 20.35 -6.16
N VAL A 498 -21.90 19.21 -6.50
CA VAL A 498 -21.71 18.91 -7.92
C VAL A 498 -23.05 18.60 -8.58
N LEU A 499 -24.00 18.00 -7.85
CA LEU A 499 -25.32 17.79 -8.43
C LEU A 499 -26.05 19.10 -8.71
N THR A 500 -25.96 20.07 -7.80
CA THR A 500 -26.61 21.35 -8.08
C THR A 500 -25.89 22.08 -9.21
N ASP A 501 -24.57 21.94 -9.31
CA ASP A 501 -23.86 22.47 -10.46
C ASP A 501 -24.33 21.81 -11.75
N LEU A 502 -24.60 20.49 -11.70
CA LEU A 502 -25.04 19.77 -12.89
C LEU A 502 -26.42 20.24 -13.33
N VAL A 503 -27.36 20.36 -12.40
CA VAL A 503 -28.70 20.78 -12.81
C VAL A 503 -28.67 22.24 -13.27
N ILE A 504 -27.78 23.06 -12.70
CA ILE A 504 -27.57 24.39 -13.24
C ILE A 504 -27.06 24.31 -14.67
N LEU A 505 -26.19 23.32 -14.95
CA LEU A 505 -25.64 23.18 -16.29
C LEU A 505 -26.70 22.68 -17.28
N HIS A 506 -27.23 21.49 -17.04
CA HIS A 506 -28.20 20.87 -17.96
C HIS A 506 -29.11 19.93 -17.18
N PRO A 507 -30.39 20.27 -17.04
CA PRO A 507 -31.32 19.37 -16.34
C PRO A 507 -31.84 18.25 -17.22
N SER A 508 -31.93 18.45 -18.54
CA SER A 508 -32.51 17.45 -19.42
C SER A 508 -31.68 16.17 -19.44
N LEU A 509 -30.35 16.29 -19.46
CA LEU A 509 -29.50 15.11 -19.44
C LEU A 509 -29.67 14.34 -18.15
N LEU A 510 -29.77 15.03 -17.02
CA LEU A 510 -29.96 14.35 -15.74
C LEU A 510 -31.35 13.74 -15.63
N LEU A 511 -32.33 14.28 -16.37
CA LEU A 511 -33.68 13.73 -16.31
C LEU A 511 -33.74 12.30 -16.85
N ARG A 512 -32.80 11.92 -17.73
CA ARG A 512 -32.82 10.58 -18.31
C ARG A 512 -32.61 9.52 -17.23
N TYR A 513 -31.67 9.76 -16.30
CA TYR A 513 -31.39 8.85 -15.20
C TYR A 513 -32.11 9.24 -13.92
N ALA A 514 -33.27 9.91 -14.05
CA ALA A 514 -33.96 10.43 -12.87
C ALA A 514 -34.49 9.33 -11.96
N THR A 515 -34.69 8.11 -12.47
CA THR A 515 -35.20 7.03 -11.64
C THR A 515 -34.23 6.68 -10.51
N PHE A 516 -32.93 6.61 -10.82
CA PHE A 516 -31.95 6.32 -9.80
C PHE A 516 -31.89 7.42 -8.75
N VAL A 517 -31.98 8.68 -9.18
CA VAL A 517 -31.95 9.80 -8.25
C VAL A 517 -33.17 9.76 -7.33
N LYS A 518 -34.35 9.48 -7.89
CA LYS A 518 -35.56 9.39 -7.08
C LYS A 518 -35.48 8.23 -6.10
N THR A 519 -34.94 7.09 -6.53
CA THR A 519 -34.80 5.95 -5.63
C THR A 519 -33.82 6.26 -4.50
N ILE A 520 -32.72 6.96 -4.80
CA ILE A 520 -31.78 7.35 -3.76
C ILE A 520 -32.42 8.33 -2.79
N LEU A 521 -33.17 9.31 -3.31
CA LEU A 521 -33.80 10.29 -2.45
C LEU A 521 -34.86 9.66 -1.56
N ASP A 522 -35.57 8.64 -2.06
CA ASP A 522 -36.59 7.98 -1.24
C ASP A 522 -35.99 7.29 -0.03
N SER A 523 -34.74 6.84 -0.12
CA SER A 523 -34.07 6.14 0.97
C SER A 523 -33.24 7.06 1.86
N MET A 524 -33.53 8.35 1.88
CA MET A 524 -32.78 9.29 2.71
C MET A 524 -33.19 9.09 4.17
N GLN A 525 -32.45 8.26 4.88
CA GLN A 525 -32.81 7.94 6.25
C GLN A 525 -32.60 9.13 7.18
N LYS A 526 -31.44 9.77 7.10
CA LYS A 526 -31.15 10.91 7.96
C LYS A 526 -30.02 11.72 7.34
N LEU A 527 -30.00 13.00 7.69
CA LEU A 527 -28.96 13.92 7.23
C LEU A 527 -29.24 15.27 7.89
N ASN A 528 -28.30 16.21 7.70
CA ASN A 528 -28.48 17.54 8.24
C ASN A 528 -29.64 18.23 7.51
N PRO A 529 -30.28 19.22 8.15
CA PRO A 529 -31.39 19.91 7.49
C PRO A 529 -30.98 20.62 6.20
N CYS A 530 -29.75 21.12 6.11
CA CYS A 530 -29.28 21.69 4.86
C CYS A 530 -29.21 20.63 3.76
N GLN A 531 -28.78 19.42 4.11
CA GLN A 531 -28.73 18.34 3.12
C GLN A 531 -30.12 17.98 2.63
N ILE A 532 -31.09 17.93 3.54
CA ILE A 532 -32.47 17.62 3.13
C ILE A 532 -33.03 18.75 2.27
N ARG A 533 -32.71 20.00 2.62
CA ARG A 533 -33.16 21.12 1.80
C ARG A 533 -32.58 21.04 0.40
N LYS A 534 -31.29 20.70 0.28
CA LYS A 534 -30.68 20.58 -1.04
C LYS A 534 -31.28 19.41 -1.81
N LEU A 535 -31.56 18.30 -1.14
CA LEU A 535 -32.13 17.13 -1.81
C LEU A 535 -33.51 17.44 -2.36
N PHE A 536 -34.40 17.96 -1.52
CA PHE A 536 -35.71 18.31 -2.02
C PHE A 536 -35.66 19.46 -3.01
N TYR A 537 -34.64 20.31 -2.96
CA TYR A 537 -34.46 21.32 -4.00
C TYR A 537 -34.15 20.68 -5.34
N ILE A 538 -33.24 19.69 -5.36
CA ILE A 538 -32.91 19.08 -6.65
C ILE A 538 -34.08 18.27 -7.19
N LEU A 539 -34.81 17.54 -6.33
CA LEU A 539 -36.02 16.87 -6.83
C LEU A 539 -37.05 17.86 -7.34
N SER A 540 -37.30 18.96 -6.61
CA SER A 540 -38.31 19.92 -7.06
C SER A 540 -37.91 20.58 -8.37
N THR A 541 -36.64 20.98 -8.48
CA THR A 541 -36.17 21.61 -9.71
C THR A 541 -36.25 20.65 -10.89
N LEU A 542 -35.86 19.39 -10.69
CA LEU A 542 -35.91 18.42 -11.77
C LEU A 542 -37.34 18.14 -12.18
N ALA A 543 -38.26 18.06 -11.21
CA ALA A 543 -39.65 17.77 -11.53
C ALA A 543 -40.28 18.93 -12.29
N PHE A 544 -40.14 20.16 -11.77
CA PHE A 544 -40.84 21.28 -12.37
C PHE A 544 -40.21 21.71 -13.69
N SER A 545 -38.87 21.69 -13.76
CA SER A 545 -38.21 22.02 -15.02
C SER A 545 -38.52 20.99 -16.10
N GLN A 546 -38.75 19.73 -15.71
CA GLN A 546 -39.14 18.67 -16.63
C GLN A 546 -40.62 18.37 -16.54
N ARG A 547 -41.45 19.40 -16.38
CA ARG A 547 -42.88 19.22 -16.20
C ARG A 547 -43.57 18.58 -17.41
N GLN A 548 -42.96 18.65 -18.59
CA GLN A 548 -43.52 17.96 -19.76
C GLN A 548 -43.54 16.46 -19.53
N GLU A 549 -42.47 15.91 -18.94
CA GLU A 549 -42.41 14.50 -18.60
C GLU A 549 -42.21 14.24 -17.10
N GLY A 550 -42.42 15.24 -16.25
CA GLY A 550 -42.22 15.13 -14.82
C GLY A 550 -43.44 14.75 -14.02
N SER A 551 -44.53 14.32 -14.67
CA SER A 551 -45.73 13.95 -13.93
C SER A 551 -45.51 12.75 -13.02
N TYR A 552 -44.60 11.84 -13.40
CA TYR A 552 -44.35 10.65 -12.60
C TYR A 552 -43.53 10.93 -11.34
N ILE A 553 -42.95 12.12 -11.21
CA ILE A 553 -42.12 12.46 -10.05
C ILE A 553 -42.91 13.27 -9.02
N GLN A 554 -43.80 14.15 -9.48
CA GLN A 554 -44.57 14.98 -8.57
C GLN A 554 -45.47 14.14 -7.67
N ASP A 555 -46.12 13.13 -8.25
CA ASP A 555 -46.97 12.25 -7.45
C ASP A 555 -46.16 11.48 -6.42
N ASP A 556 -44.97 10.99 -6.81
CA ASP A 556 -44.12 10.28 -5.87
C ASP A 556 -43.67 11.19 -4.73
N MET A 557 -43.28 12.43 -5.05
CA MET A 557 -42.87 13.37 -4.03
C MET A 557 -44.01 13.69 -3.07
N HIS A 558 -45.20 13.91 -3.62
CA HIS A 558 -46.37 14.18 -2.78
C HIS A 558 -46.67 12.99 -1.88
N MET A 559 -46.55 11.78 -2.42
CA MET A 559 -46.82 10.58 -1.63
C MET A 559 -45.81 10.43 -0.49
N VAL A 560 -44.53 10.65 -0.76
CA VAL A 560 -43.54 10.48 0.30
C VAL A 560 -43.70 11.57 1.35
N ILE A 561 -44.06 12.79 0.93
CA ILE A 561 -44.30 13.87 1.89
C ILE A 561 -45.49 13.51 2.77
N ARG A 562 -46.57 13.00 2.18
CA ARG A 562 -47.74 12.62 2.96
C ARG A 562 -47.42 11.46 3.90
N LYS A 563 -46.58 10.52 3.44
CA LYS A 563 -46.19 9.39 4.28
C LYS A 563 -45.40 9.87 5.49
N TRP A 564 -44.47 10.79 5.28
CA TRP A 564 -43.73 11.35 6.41
C TRP A 564 -44.64 12.17 7.32
N LEU A 565 -45.62 12.86 6.74
CA LEU A 565 -46.57 13.62 7.57
C LEU A 565 -47.37 12.70 8.49
N SER A 566 -47.79 11.55 7.99
CA SER A 566 -48.51 10.58 8.79
C SER A 566 -47.59 9.66 9.61
N SER A 567 -46.28 9.80 9.50
CA SER A 567 -45.37 8.95 10.24
C SER A 567 -45.51 9.20 11.74
N SER A 568 -45.53 8.11 12.52
CA SER A 568 -45.68 8.23 13.96
C SER A 568 -44.40 8.71 14.64
N VAL A 569 -43.24 8.32 14.11
CA VAL A 569 -41.98 8.75 14.72
C VAL A 569 -41.78 10.24 14.45
N PRO A 570 -41.58 11.07 15.48
CA PRO A 570 -41.37 12.51 15.24
C PRO A 570 -40.09 12.82 14.49
N ASN A 571 -39.10 11.93 14.52
CA ASN A 571 -37.85 12.19 13.81
C ASN A 571 -38.12 12.23 12.31
N HIS A 572 -37.71 13.32 11.68
CA HIS A 572 -37.93 13.61 10.26
C HIS A 572 -39.34 14.09 9.93
N LYS A 573 -40.26 14.11 10.91
CA LYS A 573 -41.59 14.67 10.64
C LYS A 573 -41.51 16.14 10.30
N GLN A 574 -40.63 16.86 11.00
CA GLN A 574 -40.32 18.25 10.62
C GLN A 574 -39.79 18.34 9.19
N MET A 575 -39.07 17.30 8.74
CA MET A 575 -38.61 17.26 7.36
C MET A 575 -39.76 17.30 6.37
N GLY A 576 -40.93 16.80 6.77
CA GLY A 576 -42.11 16.93 5.92
C GLY A 576 -42.48 18.38 5.66
N ILE A 577 -42.50 19.20 6.71
CA ILE A 577 -42.84 20.60 6.54
C ILE A 577 -41.72 21.32 5.80
N ILE A 578 -40.47 20.91 6.03
CA ILE A 578 -39.35 21.46 5.26
C ILE A 578 -39.55 21.21 3.78
N GLY A 579 -39.90 19.97 3.41
CA GLY A 579 -40.16 19.67 2.02
C GLY A 579 -41.37 20.40 1.49
N ALA A 580 -42.38 20.62 2.33
CA ALA A 580 -43.57 21.36 1.91
C ALA A 580 -43.21 22.78 1.54
N VAL A 581 -42.46 23.46 2.39
CA VAL A 581 -42.07 24.85 2.08
C VAL A 581 -41.13 24.87 0.89
N THR A 582 -40.26 23.87 0.75
CA THR A 582 -39.40 23.80 -0.43
C THR A 582 -40.22 23.67 -1.70
N MET A 583 -41.26 22.83 -1.68
CA MET A 583 -42.14 22.70 -2.83
C MET A 583 -42.88 23.99 -3.13
N MET A 584 -43.36 24.67 -2.07
CA MET A 584 -44.00 25.97 -2.28
C MET A 584 -43.03 27.00 -2.84
N GLY A 585 -41.74 26.85 -2.56
CA GLY A 585 -40.73 27.71 -3.18
C GLY A 585 -40.65 27.56 -4.68
N SER A 586 -41.11 26.42 -5.22
CA SER A 586 -41.10 26.23 -6.67
C SER A 586 -42.03 27.18 -7.41
N VAL A 587 -42.98 27.80 -6.73
CA VAL A 587 -43.88 28.76 -7.35
C VAL A 587 -43.41 30.19 -7.06
N ALA A 588 -42.11 30.36 -6.81
CA ALA A 588 -41.54 31.66 -6.45
C ALA A 588 -40.99 32.40 -7.67
N LEU A 589 -41.60 32.22 -8.83
CA LEU A 589 -41.16 32.93 -10.03
C LEU A 589 -41.44 34.43 -9.91
N GLU A 607 -53.51 26.63 -12.63
CA GLU A 607 -53.98 25.77 -11.55
C GLU A 607 -52.85 25.42 -10.59
N CYS A 608 -51.97 26.41 -10.36
CA CYS A 608 -50.84 26.17 -9.46
C CYS A 608 -51.30 25.99 -8.01
N ASP A 609 -52.46 26.54 -7.66
CA ASP A 609 -52.93 26.55 -6.29
C ASP A 609 -53.49 25.20 -5.81
N GLY A 610 -53.83 24.30 -6.73
CA GLY A 610 -54.49 23.05 -6.35
C GLY A 610 -53.63 22.10 -5.55
N GLN A 611 -52.46 21.74 -6.10
CA GLN A 611 -51.55 20.86 -5.39
C GLN A 611 -51.06 21.50 -4.10
N LEU A 612 -50.83 22.82 -4.12
CA LEU A 612 -50.45 23.51 -2.89
C LEU A 612 -51.54 23.44 -1.84
N SER A 613 -52.80 23.58 -2.26
CA SER A 613 -53.91 23.48 -1.32
C SER A 613 -54.02 22.08 -0.73
N THR A 614 -53.85 21.05 -1.57
CA THR A 614 -53.86 19.68 -1.05
C THR A 614 -52.73 19.45 -0.06
N LEU A 615 -51.52 19.92 -0.40
CA LEU A 615 -50.38 19.74 0.48
C LEU A 615 -50.58 20.46 1.82
N LEU A 616 -51.09 21.69 1.77
CA LEU A 616 -51.26 22.44 3.01
C LEU A 616 -52.43 21.90 3.82
N ASP A 617 -53.44 21.31 3.16
CA ASP A 617 -54.49 20.63 3.90
C ASP A 617 -53.94 19.43 4.63
N LEU A 618 -53.08 18.65 3.97
CA LEU A 618 -52.43 17.52 4.64
C LEU A 618 -51.56 18.00 5.81
N VAL A 619 -50.83 19.09 5.61
CA VAL A 619 -49.97 19.62 6.66
C VAL A 619 -50.79 20.11 7.84
N GLY A 620 -51.91 20.79 7.58
CA GLY A 620 -52.76 21.23 8.67
C GLY A 620 -53.40 20.07 9.41
N PHE A 621 -53.80 19.03 8.68
CA PHE A 621 -54.35 17.84 9.33
C PHE A 621 -53.31 17.15 10.21
N CYS A 622 -52.06 17.08 9.75
CA CYS A 622 -51.00 16.42 10.49
C CYS A 622 -50.34 17.30 11.55
N CYS A 623 -50.62 18.60 11.55
CA CYS A 623 -49.99 19.50 12.52
C CYS A 623 -50.92 20.55 13.10
N GLU A 624 -52.24 20.43 12.91
CA GLU A 624 -53.16 21.41 13.47
C GLU A 624 -53.13 21.41 15.00
N GLN A 625 -52.87 20.25 15.60
CA GLN A 625 -52.78 20.12 17.06
C GLN A 625 -51.34 20.08 17.57
N THR A 626 -50.35 20.40 16.73
CA THR A 626 -48.96 20.38 17.16
C THR A 626 -48.43 21.81 17.17
N PRO A 627 -48.22 22.42 18.36
CA PRO A 627 -47.73 23.80 18.37
C PRO A 627 -46.31 23.95 17.88
N GLU A 628 -45.43 23.01 18.24
CA GLU A 628 -44.04 23.07 17.78
C GLU A 628 -43.96 22.94 16.27
N VAL A 629 -44.79 22.08 15.68
CA VAL A 629 -44.82 21.95 14.22
C VAL A 629 -45.30 23.25 13.60
N LEU A 630 -46.26 23.92 14.23
CA LEU A 630 -46.71 25.21 13.72
C LEU A 630 -45.60 26.25 13.80
N ALA A 631 -44.81 26.21 14.87
CA ALA A 631 -43.65 27.09 14.97
C ALA A 631 -42.66 26.83 13.85
N LEU A 632 -42.36 25.55 13.60
CA LEU A 632 -41.44 25.23 12.50
C LEU A 632 -42.02 25.63 11.16
N TYR A 633 -43.34 25.54 10.99
CA TYR A 633 -43.98 25.92 9.74
C TYR A 633 -43.78 27.43 9.50
N TYR A 634 -44.05 28.23 10.53
CA TYR A 634 -43.85 29.68 10.41
C TYR A 634 -42.40 30.02 10.17
N ASP A 635 -41.49 29.32 10.86
CA ASP A 635 -40.07 29.56 10.63
C ASP A 635 -39.66 29.16 9.21
N GLU A 636 -40.29 28.13 8.65
CA GLU A 636 -40.01 27.73 7.28
C GLU A 636 -40.39 28.84 6.31
N LEU A 637 -41.58 29.43 6.49
CA LEU A 637 -41.93 30.57 5.64
C LEU A 637 -40.99 31.76 5.85
N ALA A 638 -40.58 32.00 7.09
CA ALA A 638 -39.66 33.10 7.35
C ALA A 638 -38.35 32.92 6.61
N ASN A 639 -37.78 31.71 6.68
CA ASN A 639 -36.55 31.42 5.96
C ASN A 639 -36.76 31.51 4.46
N LEU A 640 -37.90 31.04 3.96
CA LEU A 640 -38.18 31.10 2.53
C LEU A 640 -38.22 32.54 2.04
N ILE A 641 -38.91 33.41 2.78
CA ILE A 641 -39.02 34.81 2.35
C ILE A 641 -37.66 35.49 2.49
N GLU A 642 -36.90 35.16 3.53
CA GLU A 642 -35.60 35.79 3.70
C GLU A 642 -34.62 35.38 2.61
N LYS A 643 -34.66 34.12 2.19
CA LYS A 643 -33.68 33.62 1.23
C LYS A 643 -33.86 34.27 -0.13
N GLN A 644 -35.09 34.29 -0.64
CA GLN A 644 -35.38 34.78 -1.99
C GLN A 644 -36.46 35.86 -1.95
N LYS A 645 -36.31 36.81 -1.03
CA LYS A 645 -37.26 37.90 -0.90
C LYS A 645 -37.13 38.95 -2.00
N GLY A 646 -36.08 38.90 -2.81
CA GLY A 646 -35.89 39.92 -3.83
C GLY A 646 -36.95 39.88 -4.91
N ASN A 647 -37.28 38.68 -5.40
CA ASN A 647 -38.19 38.54 -6.54
C ASN A 647 -39.31 37.56 -6.27
N LEU A 648 -39.76 37.46 -5.01
CA LEU A 648 -40.89 36.60 -4.70
C LEU A 648 -42.15 37.14 -5.34
N ASP A 649 -43.04 36.23 -5.76
CA ASP A 649 -44.29 36.63 -6.37
C ASP A 649 -45.26 37.13 -5.31
N LEU A 650 -45.75 38.35 -5.48
CA LEU A 650 -46.60 38.96 -4.46
C LEU A 650 -47.94 38.26 -4.35
N GLN A 651 -48.61 38.02 -5.49
CA GLN A 651 -49.95 37.45 -5.46
C GLN A 651 -49.94 36.02 -4.94
N LEU A 652 -48.97 35.20 -5.39
CA LEU A 652 -48.89 33.82 -4.94
C LEU A 652 -48.60 33.75 -3.44
N LEU A 653 -47.67 34.58 -2.96
CA LEU A 653 -47.37 34.60 -1.53
C LEU A 653 -48.56 35.04 -0.71
N ASP A 654 -49.27 36.08 -1.19
CA ASP A 654 -50.45 36.57 -0.46
C ASP A 654 -51.54 35.52 -0.40
N LYS A 655 -51.76 34.79 -1.51
CA LYS A 655 -52.81 33.78 -1.55
C LYS A 655 -52.59 32.67 -0.54
N PHE A 656 -51.34 32.41 -0.15
CA PHE A 656 -51.06 31.42 0.87
C PHE A 656 -50.94 32.01 2.27
N GLY A 657 -50.55 33.28 2.39
CA GLY A 657 -50.26 33.89 3.68
C GLY A 657 -51.23 34.97 4.15
N LYS A 658 -52.40 35.09 3.52
CA LYS A 658 -53.35 36.09 3.97
C LYS A 658 -53.93 35.81 5.36
N SER A 659 -53.80 34.58 5.86
CA SER A 659 -54.45 34.23 7.12
C SER A 659 -53.80 34.92 8.31
N LEU A 660 -52.50 35.25 8.22
CA LEU A 660 -51.77 35.69 9.40
C LEU A 660 -52.24 37.07 9.87
N VAL A 661 -52.75 37.89 8.95
CA VAL A 661 -53.17 39.25 9.30
C VAL A 661 -54.32 39.20 10.31
N GLU A 662 -55.22 38.23 10.16
CA GLU A 662 -56.26 38.03 11.15
C GLU A 662 -55.84 37.12 12.29
N ASP A 663 -54.90 36.20 12.03
CA ASP A 663 -54.51 35.25 13.07
C ASP A 663 -53.72 35.91 14.19
N PHE A 664 -52.82 36.84 13.85
CA PHE A 664 -51.89 37.36 14.85
C PHE A 664 -52.56 38.27 15.86
N PRO A 665 -53.17 39.41 15.48
CA PRO A 665 -53.76 40.28 16.50
C PRO A 665 -54.91 39.65 17.26
N ASN A 666 -55.68 38.77 16.62
CA ASN A 666 -56.74 38.06 17.33
C ASN A 666 -56.19 37.14 18.40
N ASP A 667 -54.98 36.60 18.20
CA ASP A 667 -54.38 35.68 19.16
C ASP A 667 -53.61 36.40 20.26
N PHE A 668 -52.66 37.26 19.87
CA PHE A 668 -51.74 37.89 20.81
C PHE A 668 -52.11 39.33 21.13
N VAL A 669 -52.74 40.06 20.21
CA VAL A 669 -53.00 41.48 20.41
C VAL A 669 -54.23 41.63 21.30
N VAL A 670 -54.00 41.69 22.62
CA VAL A 670 -55.08 41.77 23.60
C VAL A 670 -55.45 43.22 23.87
N ASP A 671 -56.60 43.43 24.51
CA ASP A 671 -57.00 44.76 24.94
C ASP A 671 -56.15 45.21 26.12
N LEU A 672 -55.86 46.52 26.16
CA LEU A 672 -55.01 47.10 27.20
C LEU A 672 -55.81 47.86 28.25
N SER A 673 -56.99 47.37 28.59
CA SER A 673 -57.81 48.04 29.60
C SER A 673 -57.16 47.90 30.97
N PRO A 674 -57.33 48.91 31.84
CA PRO A 674 -56.71 48.85 33.17
C PRO A 674 -57.41 47.91 34.14
N THR A 675 -58.57 47.35 33.77
CA THR A 675 -59.32 46.47 34.66
C THR A 675 -59.00 44.99 34.44
N VAL A 676 -57.79 44.67 33.99
CA VAL A 676 -57.41 43.28 33.77
C VAL A 676 -57.30 42.57 35.10
N ASP A 677 -57.90 41.38 35.18
CA ASP A 677 -57.87 40.59 36.41
C ASP A 677 -58.02 39.12 36.05
N GLY A 678 -57.62 38.27 36.99
CA GLY A 678 -57.71 36.83 36.77
C GLY A 678 -57.04 36.08 37.89
N SER A 679 -56.71 34.82 37.62
CA SER A 679 -56.08 33.93 38.59
C SER A 679 -54.57 33.81 38.37
N PHE A 680 -53.93 34.87 37.86
CA PHE A 680 -52.50 34.84 37.65
C PHE A 680 -51.75 34.83 38.98
N LEU A 681 -50.54 34.27 38.96
CA LEU A 681 -49.72 34.22 40.17
C LEU A 681 -49.34 35.62 40.63
N PHE A 682 -49.06 36.52 39.69
CA PHE A 682 -48.72 37.90 40.00
C PHE A 682 -49.61 38.84 39.21
N PRO A 683 -49.81 40.06 39.71
CA PRO A 683 -50.68 41.01 38.99
C PRO A 683 -50.06 41.45 37.68
N VAL A 684 -50.93 41.82 36.74
CA VAL A 684 -50.49 42.26 35.41
C VAL A 684 -50.35 43.78 35.44
N LYS A 685 -49.16 44.26 35.12
CA LYS A 685 -48.87 45.69 35.04
C LYS A 685 -48.35 46.01 33.65
N SER A 686 -48.79 47.14 33.11
CA SER A 686 -48.42 47.54 31.74
C SER A 686 -47.06 48.23 31.79
N LEU A 687 -46.02 47.41 31.90
CA LEU A 687 -44.66 47.93 31.98
C LEU A 687 -44.16 48.34 30.60
N TYR A 688 -43.19 49.26 30.62
CA TYR A 688 -42.47 49.69 29.42
C TYR A 688 -43.43 50.32 28.40
N ASN A 689 -44.15 51.34 28.86
CA ASN A 689 -44.98 52.11 27.94
C ASN A 689 -44.09 52.77 26.90
N LEU A 690 -44.48 52.64 25.64
CA LEU A 690 -43.68 53.17 24.54
C LEU A 690 -43.92 54.67 24.40
N ASP A 691 -43.45 55.24 23.29
CA ASP A 691 -43.66 56.66 23.03
C ASP A 691 -45.13 57.02 22.87
N GLU A 692 -45.98 56.06 22.50
CA GLU A 692 -47.41 56.30 22.38
C GLU A 692 -47.97 56.52 23.77
N ASP A 693 -48.33 57.78 24.07
CA ASP A 693 -48.92 58.13 25.36
C ASP A 693 -50.43 57.98 25.28
N GLU A 694 -50.88 56.73 25.35
CA GLU A 694 -52.28 56.35 25.32
C GLU A 694 -52.93 56.44 23.93
N THR A 695 -52.13 56.53 22.86
CA THR A 695 -52.70 56.60 21.52
C THR A 695 -53.42 55.30 21.16
N GLN A 696 -52.85 54.16 21.53
CA GLN A 696 -53.40 52.85 21.23
C GLN A 696 -53.40 51.97 22.47
N GLY A 697 -53.91 52.51 23.57
CA GLY A 697 -53.91 51.79 24.83
C GLY A 697 -54.73 50.52 24.81
N ALA A 698 -55.70 50.44 23.89
CA ALA A 698 -56.49 49.23 23.74
C ALA A 698 -55.71 48.07 23.12
N ILE A 699 -54.51 48.32 22.60
CA ILE A 699 -53.69 47.29 21.98
C ILE A 699 -52.49 47.02 22.89
N ALA A 700 -52.28 45.75 23.23
CA ALA A 700 -51.13 45.37 24.03
C ALA A 700 -50.84 43.89 23.78
N ILE A 701 -49.73 43.43 24.33
CA ILE A 701 -49.31 42.03 24.23
C ILE A 701 -49.53 41.40 25.60
N ASN A 702 -50.61 40.64 25.73
CA ASN A 702 -51.00 40.06 27.02
C ASN A 702 -50.28 38.73 27.23
N LEU A 703 -48.98 38.84 27.50
CA LEU A 703 -48.18 37.65 27.71
C LEU A 703 -48.57 36.91 28.98
N LEU A 704 -48.86 37.64 30.06
CA LEU A 704 -49.17 37.01 31.34
C LEU A 704 -50.42 36.14 31.28
N PRO A 705 -51.57 36.58 30.74
CA PRO A 705 -52.68 35.64 30.59
C PRO A 705 -52.38 34.53 29.60
N LEU A 706 -51.58 34.82 28.55
CA LEU A 706 -51.33 33.81 27.53
C LEU A 706 -50.53 32.63 28.09
N VAL A 707 -49.53 32.90 28.93
CA VAL A 707 -48.75 31.81 29.49
C VAL A 707 -49.60 30.98 30.44
N SER A 708 -50.49 31.63 31.18
CA SER A 708 -51.35 30.93 32.12
C SER A 708 -50.54 30.37 33.29
N VAL A 727 -53.34 29.45 19.83
CA VAL A 727 -52.39 30.44 20.34
C VAL A 727 -51.62 29.85 21.51
N SER A 728 -50.30 29.82 21.39
CA SER A 728 -49.39 29.33 22.40
C SER A 728 -48.24 30.31 22.55
N PRO A 729 -47.52 30.27 23.69
CA PRO A 729 -46.42 31.23 23.86
C PRO A 729 -45.28 31.05 22.88
N ILE A 730 -44.99 29.81 22.45
CA ILE A 730 -43.78 29.53 21.70
C ILE A 730 -43.81 30.22 20.33
N CYS A 731 -44.99 30.32 19.74
CA CYS A 731 -45.12 30.73 18.35
C CYS A 731 -45.14 32.23 18.14
N LEU A 732 -45.00 33.03 19.21
CA LEU A 732 -45.21 34.47 19.09
C LEU A 732 -44.19 35.11 18.15
N SER A 733 -42.91 34.87 18.39
CA SER A 733 -41.88 35.57 17.63
C SER A 733 -41.74 35.02 16.21
N PRO A 734 -41.92 33.71 15.93
CA PRO A 734 -42.04 33.31 14.53
C PRO A 734 -43.17 34.01 13.79
N CYS A 735 -44.35 34.12 14.42
CA CYS A 735 -45.47 34.77 13.76
C CYS A 735 -45.18 36.25 13.53
N PHE A 736 -44.56 36.91 14.51
CA PHE A 736 -44.20 38.31 14.30
C PHE A 736 -43.17 38.46 13.19
N ARG A 737 -42.21 37.53 13.11
CA ARG A 737 -41.22 37.57 12.05
C ARG A 737 -41.86 37.45 10.68
N LEU A 738 -42.79 36.50 10.54
CA LEU A 738 -43.46 36.33 9.26
C LEU A 738 -44.33 37.54 8.93
N LEU A 739 -44.99 38.11 9.94
CA LEU A 739 -45.80 39.30 9.71
C LEU A 739 -44.94 40.46 9.23
N ARG A 740 -43.77 40.64 9.86
CA ARG A 740 -42.86 41.70 9.45
C ARG A 740 -42.38 41.48 8.02
N LEU A 741 -42.01 40.24 7.68
CA LEU A 741 -41.51 39.98 6.33
C LEU A 741 -42.60 40.17 5.28
N TYR A 742 -43.81 39.71 5.57
CA TYR A 742 -44.91 39.88 4.62
C TYR A 742 -45.25 41.35 4.43
N THR A 743 -45.26 42.12 5.53
CA THR A 743 -45.53 43.55 5.42
C THR A 743 -44.44 44.26 4.64
N GLY A 744 -43.19 43.85 4.84
CA GLY A 744 -42.11 44.39 4.03
C GLY A 744 -42.26 44.06 2.57
N GLU A 745 -42.77 42.86 2.27
CA GLU A 745 -43.04 42.48 0.89
C GLU A 745 -44.12 43.35 0.28
N GLN A 746 -45.24 43.50 0.99
CA GLN A 746 -46.36 44.28 0.45
C GLN A 746 -46.02 45.76 0.36
N ASN A 747 -45.48 46.32 1.45
CA ASN A 747 -45.12 47.72 1.51
C ASN A 747 -43.63 47.84 1.80
N ASN A 748 -42.97 48.79 1.12
CA ASN A 748 -41.52 48.91 1.24
C ASN A 748 -41.11 49.26 2.67
N GLY A 749 -41.81 50.22 3.28
CA GLY A 749 -41.57 50.56 4.68
C GLY A 749 -42.50 49.78 5.59
N SER A 750 -41.91 49.04 6.52
CA SER A 750 -42.70 48.23 7.43
C SER A 750 -43.47 49.05 8.47
N LEU A 751 -43.19 50.35 8.57
CA LEU A 751 -43.90 51.18 9.54
C LEU A 751 -45.39 51.31 9.24
N GLU A 752 -45.76 51.41 7.96
CA GLU A 752 -47.15 51.72 7.60
C GLU A 752 -48.13 50.63 8.06
N GLU A 753 -47.65 49.39 8.20
CA GLU A 753 -48.49 48.29 8.61
C GLU A 753 -48.46 48.02 10.11
N ILE A 754 -47.26 47.97 10.70
CA ILE A 754 -47.10 47.52 12.08
C ILE A 754 -46.44 48.59 12.94
N ASP A 755 -46.69 49.88 12.64
CA ASP A 755 -46.01 50.95 13.35
C ASP A 755 -46.39 50.97 14.84
N ALA A 756 -47.65 50.71 15.15
CA ALA A 756 -48.09 50.77 16.54
C ALA A 756 -47.51 49.66 17.40
N LEU A 757 -47.02 48.57 16.80
CA LEU A 757 -46.51 47.45 17.57
C LEU A 757 -45.21 47.78 18.29
N LEU A 758 -44.45 48.77 17.81
CA LEU A 758 -43.14 49.05 18.40
C LEU A 758 -43.26 49.58 19.82
N GLY A 759 -44.21 50.50 20.06
CA GLY A 759 -44.34 51.17 21.33
C GLY A 759 -45.38 50.59 22.26
N CYS A 760 -45.79 49.34 22.03
CA CYS A 760 -46.81 48.74 22.87
C CYS A 760 -46.25 48.45 24.27
N PRO A 761 -47.08 48.51 25.33
CA PRO A 761 -46.60 48.03 26.63
C PRO A 761 -46.49 46.53 26.70
N LEU A 762 -46.18 45.99 27.88
CA LEU A 762 -46.06 44.56 28.09
C LEU A 762 -46.58 44.23 29.48
N TYR A 763 -47.34 43.14 29.57
CA TYR A 763 -47.97 42.74 30.83
C TYR A 763 -46.97 41.95 31.67
N LEU A 764 -46.53 42.54 32.78
CA LEU A 764 -45.55 41.91 33.64
C LEU A 764 -45.78 42.37 35.08
N THR A 765 -45.24 41.59 36.02
CA THR A 765 -45.35 41.88 37.44
C THR A 765 -44.30 42.90 37.84
N ASP A 766 -44.15 43.14 39.15
CA ASP A 766 -43.19 44.11 39.64
C ASP A 766 -41.79 43.50 39.70
N LEU A 767 -40.80 44.26 39.22
CA LEU A 767 -39.43 43.80 39.25
C LEU A 767 -38.88 43.69 40.67
N GLU A 768 -39.42 44.46 41.61
CA GLU A 768 -38.93 44.43 42.99
C GLU A 768 -39.12 43.06 43.65
N VAL A 769 -40.01 42.22 43.12
CA VAL A 769 -40.18 40.87 43.63
C VAL A 769 -38.94 40.01 43.40
N GLU A 770 -38.05 40.43 42.49
CA GLU A 770 -36.80 39.69 42.27
C GLU A 770 -35.94 39.62 43.53
N GLY A 771 -36.04 40.62 44.40
CA GLY A 771 -35.29 40.59 45.64
C GLY A 771 -35.71 39.45 46.55
N LYS A 772 -37.02 39.23 46.67
CA LYS A 772 -37.56 38.17 47.54
C LYS A 772 -37.68 36.84 46.80
N LEU A 773 -36.55 36.34 46.29
CA LEU A 773 -36.57 35.09 45.55
C LEU A 773 -36.91 33.90 46.44
N ASP A 774 -36.51 33.93 47.71
CA ASP A 774 -36.74 32.81 48.61
C ASP A 774 -38.24 32.58 48.83
N SER A 775 -39.05 33.63 48.68
CA SER A 775 -40.49 33.48 48.83
C SER A 775 -41.08 32.62 47.71
N LEU A 776 -40.39 32.51 46.57
CA LEU A 776 -40.90 31.70 45.47
C LEU A 776 -41.00 30.23 45.85
N SER A 777 -39.97 29.70 46.50
CA SER A 777 -39.97 28.29 46.94
C SER A 777 -40.12 27.32 45.78
N LYS A 778 -39.52 27.66 44.64
CA LYS A 778 -39.52 26.81 43.45
C LYS A 778 -40.94 26.57 42.93
N GLN A 779 -41.85 27.52 43.18
CA GLN A 779 -43.19 27.45 42.61
C GLN A 779 -43.41 28.67 41.74
N GLU A 780 -43.05 29.84 42.26
CA GLU A 780 -43.18 31.09 41.50
C GLU A 780 -41.91 31.38 40.71
N ARG A 781 -40.76 30.91 41.20
CA ARG A 781 -39.49 31.22 40.55
C ARG A 781 -39.42 30.60 39.15
N GLU A 782 -39.75 29.31 39.04
CA GLU A 782 -39.77 28.67 37.74
C GLU A 782 -40.80 29.29 36.81
N PHE A 783 -41.94 29.73 37.37
CA PHE A 783 -42.95 30.39 36.56
C PHE A 783 -42.43 31.69 35.97
N LEU A 784 -41.81 32.53 36.79
CA LEU A 784 -41.37 33.84 36.31
C LEU A 784 -40.11 33.75 35.46
N CYS A 785 -39.30 32.70 35.63
CA CYS A 785 -38.12 32.55 34.77
C CYS A 785 -38.51 32.40 33.32
N SER A 786 -39.52 31.54 33.09
CA SER A 786 -40.05 31.29 31.73
C SER A 786 -40.55 32.62 31.18
N LEU A 787 -41.32 33.41 31.94
CA LEU A 787 -41.87 34.69 31.49
C LEU A 787 -40.76 35.67 31.15
N LEU A 788 -39.70 35.69 31.94
CA LEU A 788 -38.58 36.59 31.66
C LEU A 788 -37.89 36.21 30.37
N PHE A 789 -37.70 34.90 30.13
CA PHE A 789 -37.12 34.47 28.86
C PHE A 789 -37.99 34.88 27.68
N TYR A 790 -39.31 34.71 27.80
CA TYR A 790 -40.19 35.06 26.70
C TYR A 790 -40.17 36.57 26.45
N ALA A 791 -40.11 37.37 27.53
CA ALA A 791 -40.01 38.81 27.37
C ALA A 791 -38.72 39.20 26.64
N LEU A 792 -37.60 38.59 27.02
CA LEU A 792 -36.34 38.89 26.33
C LEU A 792 -36.40 38.49 24.87
N ASN A 793 -36.97 37.32 24.57
CA ASN A 793 -37.07 36.90 23.18
C ASN A 793 -37.95 37.83 22.37
N TRP A 794 -39.07 38.29 22.96
CA TRP A 794 -39.93 39.24 22.25
C TRP A 794 -39.21 40.55 21.99
N PHE A 795 -38.47 41.05 22.98
CA PHE A 795 -37.74 42.29 22.78
C PHE A 795 -36.66 42.14 21.71
N ARG A 796 -35.97 40.99 21.72
CA ARG A 796 -34.97 40.72 20.69
C ARG A 796 -35.62 40.68 19.31
N GLU A 797 -36.79 40.06 19.21
CA GLU A 797 -37.49 39.97 17.93
C GLU A 797 -37.86 41.36 17.42
N VAL A 798 -38.41 42.22 18.29
CA VAL A 798 -38.88 43.51 17.81
C VAL A 798 -37.70 44.42 17.45
N VAL A 799 -36.61 44.38 18.23
CA VAL A 799 -35.47 45.23 17.87
C VAL A 799 -34.84 44.73 16.58
N ASN A 800 -34.81 43.40 16.38
CA ASN A 800 -34.36 42.86 15.11
C ASN A 800 -35.25 43.32 13.96
N ALA A 801 -36.54 43.45 14.23
CA ALA A 801 -37.47 43.86 13.18
C ALA A 801 -37.29 45.31 12.79
N PHE A 802 -37.23 46.21 13.78
CA PHE A 802 -37.36 47.64 13.51
C PHE A 802 -36.05 48.37 13.32
N CYS A 803 -34.91 47.77 13.70
CA CYS A 803 -33.63 48.47 13.63
C CYS A 803 -33.22 48.82 12.21
N GLN A 804 -33.44 47.92 11.24
CA GLN A 804 -32.97 48.16 9.88
C GLN A 804 -33.63 49.36 9.25
N GLN A 805 -34.91 49.59 9.52
CA GLN A 805 -35.67 50.70 8.96
C GLN A 805 -35.39 51.96 9.76
N GLN A 806 -34.94 53.00 9.08
CA GLN A 806 -34.56 54.26 9.71
C GLN A 806 -35.62 55.31 9.40
N ASP A 807 -36.12 55.95 10.45
CA ASP A 807 -37.14 56.99 10.33
C ASP A 807 -36.97 57.98 11.47
N ALA A 808 -37.70 59.09 11.38
CA ALA A 808 -37.63 60.14 12.38
C ALA A 808 -38.17 59.61 13.70
N GLU A 809 -37.34 59.65 14.74
CA GLU A 809 -37.65 59.24 16.11
C GLU A 809 -37.69 57.73 16.31
N MET A 810 -37.56 56.92 15.26
CA MET A 810 -37.58 55.47 15.45
C MET A 810 -36.34 54.99 16.20
N LYS A 811 -35.18 55.57 15.88
CA LYS A 811 -33.92 55.11 16.47
C LYS A 811 -33.90 55.34 17.98
N GLY A 812 -34.52 56.40 18.46
CA GLY A 812 -34.63 56.60 19.89
C GLY A 812 -35.43 55.49 20.56
N LYS A 813 -36.53 55.08 19.92
CA LYS A 813 -37.31 53.96 20.45
C LYS A 813 -36.49 52.68 20.45
N VAL A 814 -35.71 52.47 19.39
CA VAL A 814 -34.86 51.28 19.32
C VAL A 814 -33.84 51.28 20.46
N LEU A 815 -33.22 52.43 20.71
CA LEU A 815 -32.22 52.51 21.77
C LEU A 815 -32.84 52.31 23.15
N THR A 816 -34.03 52.88 23.37
CA THR A 816 -34.71 52.65 24.63
C THR A 816 -35.08 51.18 24.80
N ARG A 817 -35.46 50.51 23.71
CA ARG A 817 -35.71 49.08 23.80
C ARG A 817 -34.43 48.31 24.13
N LEU A 818 -33.30 48.75 23.59
CA LEU A 818 -32.02 48.11 23.95
C LEU A 818 -31.74 48.29 25.43
N GLN A 819 -32.04 49.48 25.97
CA GLN A 819 -31.90 49.69 27.41
C GLN A 819 -32.82 48.76 28.19
N ASN A 820 -34.04 48.55 27.69
CA ASN A 820 -34.96 47.62 28.33
C ASN A 820 -34.39 46.20 28.31
N ILE A 821 -33.77 45.80 27.21
CA ILE A 821 -33.16 44.47 27.12
C ILE A 821 -32.06 44.32 28.15
N THR A 822 -31.18 45.31 28.27
CA THR A 822 -30.08 45.16 29.23
C THR A 822 -30.60 45.18 30.66
N GLU A 823 -31.63 45.98 30.95
CA GLU A 823 -32.20 45.96 32.29
C GLU A 823 -32.83 44.61 32.61
N LEU A 824 -33.57 44.05 31.66
CA LEU A 824 -34.20 42.74 31.88
C LEU A 824 -33.14 41.66 32.03
N GLN A 825 -32.06 41.73 31.26
CA GLN A 825 -30.99 40.74 31.38
C GLN A 825 -30.31 40.87 32.74
N ASN A 826 -30.11 42.10 33.23
CA ASN A 826 -29.56 42.28 34.56
C ASN A 826 -30.46 41.68 35.62
N VAL A 827 -31.78 41.84 35.46
CA VAL A 827 -32.71 41.21 36.40
C VAL A 827 -32.62 39.69 36.31
N LEU A 828 -32.56 39.16 35.09
CA LEU A 828 -32.53 37.70 34.90
C LEU A 828 -31.26 37.10 35.47
N GLY A 829 -30.15 37.84 35.47
CA GLY A 829 -28.94 37.30 36.06
C GLY A 829 -29.09 37.02 37.55
N LYS A 830 -29.60 37.99 38.29
CA LYS A 830 -29.85 37.79 39.72
C LYS A 830 -30.93 36.75 39.94
N CYS A 831 -31.91 36.67 39.03
CA CYS A 831 -32.96 35.66 39.19
C CYS A 831 -32.40 34.26 39.02
N LEU A 832 -31.64 34.02 37.96
CA LEU A 832 -31.09 32.70 37.67
C LEU A 832 -29.93 32.34 38.60
N ALA A 833 -29.36 33.32 39.31
CA ALA A 833 -28.35 32.99 40.31
C ALA A 833 -28.90 32.09 41.40
N ALA A 834 -30.20 32.20 41.70
CA ALA A 834 -30.84 31.40 42.73
C ALA A 834 -31.52 30.14 42.19
N THR A 835 -31.36 29.83 40.90
CA THR A 835 -31.96 28.64 40.32
C THR A 835 -30.90 27.58 40.13
N PRO A 836 -30.90 26.49 40.89
CA PRO A 836 -29.89 25.45 40.67
C PRO A 836 -29.95 24.80 39.30
N GLY A 837 -31.13 24.74 38.70
CA GLY A 837 -31.26 24.18 37.36
C GLY A 837 -32.55 24.62 36.73
N TYR A 838 -32.57 24.59 35.40
CA TYR A 838 -33.74 25.03 34.65
C TYR A 838 -33.57 24.61 33.19
N VAL A 839 -34.68 24.25 32.56
CA VAL A 839 -34.69 23.88 31.15
C VAL A 839 -35.55 24.89 30.38
N PRO A 840 -34.96 25.85 29.70
CA PRO A 840 -35.74 26.86 28.98
C PRO A 840 -36.39 26.27 27.74
N PRO A 841 -37.31 26.98 27.11
CA PRO A 841 -37.96 26.45 25.90
C PRO A 841 -36.99 26.36 24.74
N PRO A 842 -37.34 25.65 23.67
CA PRO A 842 -36.39 25.50 22.55
C PRO A 842 -36.05 26.81 21.86
N ALA A 843 -36.97 27.75 21.78
CA ALA A 843 -36.72 29.02 21.11
C ALA A 843 -36.44 28.83 19.63
N LEU A 917 -22.91 35.47 32.65
CA LEU A 917 -24.03 34.55 32.49
C LEU A 917 -24.24 34.18 31.02
N GLN A 918 -23.30 33.43 30.46
CA GLN A 918 -23.34 33.01 29.07
C GLN A 918 -23.73 31.55 28.90
N SER A 919 -24.18 30.87 29.96
CA SER A 919 -24.58 29.48 29.83
C SER A 919 -25.82 29.33 28.96
N TYR A 920 -26.70 30.32 28.96
CA TYR A 920 -27.94 30.27 28.18
C TYR A 920 -27.79 30.92 26.80
N ARG A 921 -26.60 30.84 26.21
CA ARG A 921 -26.36 31.46 24.91
C ARG A 921 -27.25 30.94 23.79
N PRO A 922 -27.36 29.63 23.53
CA PRO A 922 -28.08 29.20 22.31
C PRO A 922 -29.59 29.37 22.40
N TYR A 923 -30.17 29.50 23.60
CA TYR A 923 -31.62 29.53 23.71
C TYR A 923 -32.22 30.86 23.27
N PHE A 924 -31.43 31.92 23.17
CA PHE A 924 -31.96 33.20 22.73
C PHE A 924 -32.21 33.20 21.23
N ARG A 925 -33.11 34.07 20.81
CA ARG A 925 -33.38 34.23 19.39
C ARG A 925 -32.15 34.80 18.69
N GLU A 926 -31.89 34.29 17.49
CA GLU A 926 -30.71 34.73 16.74
C GLU A 926 -30.83 36.20 16.37
N LEU A 927 -29.71 36.91 16.44
CA LEU A 927 -29.65 38.34 16.17
C LEU A 927 -29.20 38.57 14.73
N ASP A 928 -29.96 39.38 14.01
CA ASP A 928 -29.69 39.61 12.60
C ASP A 928 -28.43 40.47 12.44
N LEU A 929 -27.73 40.25 11.33
CA LEU A 929 -26.51 41.00 11.05
C LEU A 929 -26.78 42.46 10.72
N GLU A 930 -28.01 42.81 10.36
CA GLU A 930 -28.35 44.21 10.15
C GLU A 930 -28.38 45.01 11.46
N VAL A 931 -28.48 44.33 12.61
CA VAL A 931 -28.60 45.02 13.89
C VAL A 931 -27.38 45.89 14.16
N PHE A 932 -26.20 45.43 13.78
CA PHE A 932 -24.99 46.21 13.99
C PHE A 932 -24.89 47.44 13.10
N SER A 933 -25.86 47.68 12.21
CA SER A 933 -25.98 48.98 11.57
C SER A 933 -26.40 50.07 12.55
N VAL A 934 -26.89 49.72 13.75
CA VAL A 934 -27.32 50.73 14.72
C VAL A 934 -26.17 51.60 15.19
N LEU A 935 -24.93 51.10 15.16
CA LEU A 935 -23.80 51.83 15.72
C LEU A 935 -23.46 53.11 14.96
N HIS A 936 -23.99 53.30 13.75
CA HIS A 936 -23.74 54.52 12.98
C HIS A 936 -24.21 55.76 13.74
N LEU A 959 -25.21 56.17 23.12
CA LEU A 959 -25.15 54.78 23.55
C LEU A 959 -24.40 54.64 24.86
N GLY A 960 -24.96 53.86 25.78
CA GLY A 960 -24.29 53.57 27.02
C GLY A 960 -23.26 52.46 26.85
N PRO A 961 -22.54 52.18 27.93
CA PRO A 961 -21.52 51.13 27.83
C PRO A 961 -22.10 49.72 27.79
N ALA A 962 -23.20 49.48 28.51
CA ALA A 962 -23.76 48.13 28.57
C ALA A 962 -24.27 47.68 27.20
N GLU A 963 -24.98 48.55 26.48
CA GLU A 963 -25.48 48.19 25.16
C GLU A 963 -24.34 47.94 24.19
N LEU A 964 -23.30 48.77 24.25
CA LEU A 964 -22.15 48.58 23.37
C LEU A 964 -21.45 47.26 23.66
N CYS A 965 -21.29 46.92 24.94
CA CYS A 965 -20.67 45.65 25.30
C CYS A 965 -21.52 44.47 24.81
N PHE A 966 -22.84 44.57 24.95
CA PHE A 966 -23.73 43.49 24.50
C PHE A 966 -23.62 43.28 22.99
N LEU A 967 -23.72 44.37 22.23
CA LEU A 967 -23.63 44.26 20.77
C LEU A 967 -22.26 43.74 20.33
N LEU A 968 -21.19 44.23 20.95
CA LEU A 968 -19.86 43.80 20.55
C LEU A 968 -19.63 42.33 20.90
N ASP A 969 -20.19 41.88 22.03
CA ASP A 969 -20.09 40.46 22.36
C ASP A 969 -20.79 39.60 21.32
N ASP A 970 -21.97 40.03 20.88
CA ASP A 970 -22.66 39.30 19.82
C ASP A 970 -21.83 39.25 18.54
N MET A 971 -21.27 40.40 18.14
CA MET A 971 -20.47 40.45 16.91
C MET A 971 -19.25 39.55 17.01
N CYS A 972 -18.56 39.58 18.16
CA CYS A 972 -17.38 38.77 18.32
C CYS A 972 -17.72 37.28 18.33
N TRP A 973 -18.84 36.90 18.96
CA TRP A 973 -19.26 35.52 18.94
C TRP A 973 -19.57 35.04 17.53
N LYS A 974 -20.14 35.91 16.70
CA LYS A 974 -20.39 35.52 15.31
C LYS A 974 -19.10 35.38 14.51
N LEU A 975 -18.22 36.36 14.62
CA LEU A 975 -16.99 36.33 13.82
C LEU A 975 -16.05 35.23 14.28
N GLU A 976 -16.14 34.80 15.54
CA GLU A 976 -15.29 33.71 16.00
C GLU A 976 -15.58 32.40 15.28
N HIS A 977 -16.79 32.24 14.75
CA HIS A 977 -17.20 31.03 14.04
C HIS A 977 -17.16 31.21 12.52
N VAL A 978 -17.67 32.33 12.00
CA VAL A 978 -17.82 32.46 10.55
C VAL A 978 -16.45 32.59 9.88
N LEU A 979 -15.57 33.42 10.43
CA LEU A 979 -14.30 33.76 9.80
C LEU A 979 -13.14 32.90 10.27
N THR A 980 -13.36 31.90 11.12
CA THR A 980 -12.28 31.05 11.59
C THR A 980 -11.65 30.25 10.45
N PHE A 1000 -27.38 30.23 14.62
CA PHE A 1000 -26.34 30.26 13.59
C PHE A 1000 -26.89 30.03 12.18
N SER A 1001 -28.19 29.78 12.05
CA SER A 1001 -28.74 29.41 10.76
C SER A 1001 -28.84 30.62 9.82
N HIS A 1002 -29.20 31.77 10.35
CA HIS A 1002 -29.55 32.91 9.49
C HIS A 1002 -28.32 33.48 8.79
N LEU A 1003 -27.24 33.73 9.53
CA LEU A 1003 -26.08 34.37 8.91
C LEU A 1003 -25.32 33.43 7.98
N CYS A 1004 -25.46 32.12 8.17
CA CYS A 1004 -24.82 31.16 7.25
C CYS A 1004 -25.42 31.21 5.85
N GLN A 1005 -26.58 31.83 5.67
CA GLN A 1005 -27.17 31.93 4.33
C GLN A 1005 -26.30 32.73 3.38
N ARG A 1006 -25.51 33.67 3.90
CA ARG A 1006 -24.65 34.52 3.10
C ARG A 1006 -23.19 34.07 3.24
N SER A 1007 -22.42 34.31 2.18
CA SER A 1007 -21.07 33.80 2.07
C SER A 1007 -20.12 34.57 2.99
N PRO A 1008 -18.92 34.04 3.24
CA PRO A 1008 -17.94 34.80 4.04
C PRO A 1008 -17.55 36.14 3.42
N LYS A 1009 -17.55 36.24 2.09
CA LYS A 1009 -17.23 37.52 1.45
C LYS A 1009 -18.26 38.59 1.83
N GLU A 1010 -19.54 38.22 1.84
CA GLU A 1010 -20.58 39.16 2.24
C GLU A 1010 -20.41 39.59 3.69
N VAL A 1011 -20.08 38.65 4.57
CA VAL A 1011 -19.85 38.97 5.98
C VAL A 1011 -18.67 39.93 6.10
N ALA A 1012 -17.61 39.68 5.34
CA ALA A 1012 -16.43 40.53 5.41
C ALA A 1012 -16.73 41.95 4.94
N VAL A 1013 -17.46 42.09 3.83
CA VAL A 1013 -17.74 43.44 3.34
C VAL A 1013 -18.69 44.16 4.30
N CYS A 1014 -19.65 43.43 4.87
CA CYS A 1014 -20.56 44.04 5.84
C CYS A 1014 -19.80 44.52 7.07
N VAL A 1015 -18.83 43.73 7.54
CA VAL A 1015 -18.04 44.13 8.70
C VAL A 1015 -17.18 45.35 8.37
N VAL A 1016 -16.54 45.33 7.20
CA VAL A 1016 -15.67 46.44 6.81
C VAL A 1016 -16.46 47.72 6.64
N LYS A 1017 -17.75 47.62 6.30
CA LYS A 1017 -18.59 48.81 6.19
C LYS A 1017 -18.70 49.55 7.52
N LEU A 1018 -18.51 48.87 8.65
CA LEU A 1018 -18.74 49.43 9.98
C LEU A 1018 -17.46 49.89 10.66
N LEU A 1019 -16.35 50.01 9.93
CA LEU A 1019 -15.06 50.22 10.60
C LEU A 1019 -14.93 51.61 11.20
N LYS A 1020 -15.51 52.62 10.56
CA LYS A 1020 -15.40 53.99 11.06
C LYS A 1020 -15.99 54.19 12.45
N PRO A 1021 -17.23 53.78 12.75
CA PRO A 1021 -17.73 53.96 14.12
C PRO A 1021 -16.92 53.19 15.16
N LEU A 1022 -16.36 52.05 14.81
CA LEU A 1022 -15.49 51.35 15.74
C LEU A 1022 -14.26 52.17 16.07
N CYS A 1023 -13.68 52.83 15.06
CA CYS A 1023 -12.53 53.69 15.31
C CYS A 1023 -12.91 54.88 16.19
N ASN A 1024 -14.08 55.48 15.94
CA ASN A 1024 -14.53 56.58 16.78
C ASN A 1024 -14.70 56.12 18.23
N HIS A 1025 -15.28 54.94 18.42
CA HIS A 1025 -15.43 54.39 19.77
C HIS A 1025 -14.07 54.17 20.42
N MET A 1026 -13.11 53.63 19.65
CA MET A 1026 -11.78 53.39 20.21
C MET A 1026 -11.11 54.68 20.64
N GLU A 1027 -11.23 55.74 19.82
CA GLU A 1027 -10.66 57.02 20.20
C GLU A 1027 -11.34 57.57 21.46
N ASN A 1028 -12.65 57.39 21.58
CA ASN A 1028 -13.33 57.80 22.81
C ASN A 1028 -12.80 57.04 24.01
N MET A 1029 -12.56 55.73 23.85
CA MET A 1029 -12.02 54.94 24.95
C MET A 1029 -10.64 55.43 25.35
N HIS A 1030 -9.79 55.72 24.35
CA HIS A 1030 -8.45 56.22 24.64
C HIS A 1030 -8.51 57.55 25.38
N ASN A 1031 -9.39 58.46 24.94
CA ASN A 1031 -9.53 59.75 25.61
C ASN A 1031 -10.01 59.58 27.04
N TYR A 1032 -10.97 58.68 27.26
CA TYR A 1032 -11.47 58.44 28.60
C TYR A 1032 -10.38 57.89 29.51
N PHE A 1033 -9.60 56.93 29.01
CA PHE A 1033 -8.59 56.31 29.86
C PHE A 1033 -7.43 57.25 30.13
N GLN A 1034 -7.07 58.11 29.18
CA GLN A 1034 -6.05 59.11 29.46
C GLN A 1034 -6.56 60.12 30.48
N THR A 1035 -7.79 60.60 30.30
CA THR A 1035 -8.35 61.57 31.24
C THR A 1035 -8.54 60.96 32.62
N VAL A 1036 -9.03 59.72 32.70
CA VAL A 1036 -9.29 59.07 33.96
C VAL A 1036 -7.99 58.77 34.70
N ASN A 1049 -16.02 54.23 40.95
CA ASN A 1049 -16.62 53.84 39.68
C ASN A 1049 -16.03 52.52 39.20
N ILE A 1050 -16.08 51.50 40.06
CA ILE A 1050 -15.54 50.19 39.72
C ILE A 1050 -16.34 49.57 38.57
N GLN A 1051 -17.68 49.69 38.62
CA GLN A 1051 -18.52 49.07 37.60
C GLN A 1051 -18.26 49.68 36.23
N GLU A 1052 -18.17 51.01 36.14
CA GLU A 1052 -17.89 51.64 34.86
C GLU A 1052 -16.50 51.27 34.36
N TYR A 1053 -15.54 51.18 35.28
CA TYR A 1053 -14.19 50.80 34.88
C TYR A 1053 -14.16 49.40 34.28
N GLN A 1054 -14.85 48.46 34.92
CA GLN A 1054 -14.89 47.09 34.39
C GLN A 1054 -15.61 47.05 33.05
N LEU A 1055 -16.71 47.79 32.91
CA LEU A 1055 -17.44 47.81 31.65
C LEU A 1055 -16.58 48.37 30.52
N MET A 1056 -15.85 49.44 30.79
CA MET A 1056 -15.01 50.04 29.76
C MET A 1056 -13.85 49.13 29.40
N SER A 1057 -13.27 48.45 30.38
CA SER A 1057 -12.20 47.49 30.08
C SER A 1057 -12.72 46.37 29.19
N SER A 1058 -13.92 45.86 29.49
CA SER A 1058 -14.50 44.80 28.66
C SER A 1058 -14.76 45.31 27.24
N CYS A 1059 -15.28 46.53 27.11
CA CYS A 1059 -15.53 47.08 25.78
C CYS A 1059 -14.25 47.21 24.98
N TYR A 1060 -13.17 47.69 25.62
CA TYR A 1060 -11.90 47.82 24.94
C TYR A 1060 -11.38 46.46 24.48
N HIS A 1061 -11.46 45.43 25.33
CA HIS A 1061 -10.96 44.07 25.00
C HIS A 1061 -11.85 43.44 23.93
N GLN A 1062 -13.12 43.85 23.83
CA GLN A 1062 -14.08 43.35 22.80
C GLN A 1062 -13.83 44.10 21.49
N LEU A 1063 -13.34 45.34 21.55
CA LEU A 1063 -13.01 46.14 20.33
C LEU A 1063 -11.76 45.52 19.71
N LEU A 1064 -10.70 45.22 20.48
CA LEU A 1064 -9.44 44.71 19.97
C LEU A 1064 -9.59 43.28 19.43
N LEU A 1065 -10.39 42.45 20.11
CA LEU A 1065 -10.57 41.08 19.63
C LEU A 1065 -11.28 41.07 18.28
N ALA A 1066 -12.26 41.95 18.10
CA ALA A 1066 -12.92 42.07 16.81
C ALA A 1066 -11.94 42.51 15.73
N PHE A 1067 -11.03 43.42 16.07
CA PHE A 1067 -10.01 43.83 15.10
C PHE A 1067 -9.14 42.68 14.66
N ARG A 1068 -8.64 41.88 15.62
CA ARG A 1068 -7.76 40.78 15.22
C ARG A 1068 -8.52 39.73 14.42
N LEU A 1069 -9.78 39.47 14.78
CA LEU A 1069 -10.53 38.46 14.04
C LEU A 1069 -10.82 38.93 12.62
N LEU A 1070 -11.06 40.22 12.43
CA LEU A 1070 -11.19 40.73 11.07
C LEU A 1070 -9.89 40.56 10.29
N PHE A 1071 -8.78 41.06 10.82
CA PHE A 1071 -7.56 41.16 10.03
C PHE A 1071 -6.87 39.82 9.84
N ALA A 1072 -7.12 38.83 10.70
CA ALA A 1072 -6.52 37.50 10.56
C ALA A 1072 -7.32 36.59 9.63
N TRP A 1073 -8.26 37.13 8.87
CA TRP A 1073 -9.09 36.33 7.97
C TRP A 1073 -8.21 35.74 6.86
N SER A 1074 -8.22 34.41 6.74
CA SER A 1074 -7.33 33.73 5.80
C SER A 1074 -7.65 34.06 4.35
N GLY A 1075 -8.89 34.46 4.05
CA GLY A 1075 -9.26 34.77 2.68
C GLY A 1075 -8.53 35.95 2.08
N PHE A 1076 -7.88 36.76 2.90
CA PHE A 1076 -7.02 37.83 2.38
C PHE A 1076 -5.74 37.30 1.74
N SER A 1077 -5.41 36.03 1.93
CA SER A 1077 -4.29 35.44 1.20
C SER A 1077 -4.54 35.43 -0.30
N GLN A 1078 -5.76 35.13 -0.72
CA GLN A 1078 -6.10 35.13 -2.13
C GLN A 1078 -5.99 36.54 -2.71
N HIS A 1079 -5.64 36.61 -3.99
CA HIS A 1079 -5.39 37.89 -4.65
C HIS A 1079 -6.67 38.62 -5.04
N GLU A 1080 -7.82 37.94 -5.10
CA GLU A 1080 -9.04 38.58 -5.54
C GLU A 1080 -9.52 39.65 -4.58
N ASN A 1081 -9.20 39.52 -3.29
CA ASN A 1081 -9.70 40.42 -2.25
C ASN A 1081 -8.75 41.58 -1.98
N SER A 1082 -7.93 41.96 -2.95
CA SER A 1082 -6.97 43.05 -2.74
C SER A 1082 -7.69 44.37 -2.49
N ASN A 1083 -8.78 44.61 -3.20
CA ASN A 1083 -9.50 45.88 -3.07
C ASN A 1083 -10.06 46.05 -1.66
N LEU A 1084 -10.57 44.97 -1.06
CA LEU A 1084 -11.14 45.06 0.27
C LEU A 1084 -10.09 45.44 1.31
N LEU A 1085 -8.94 44.77 1.27
CA LEU A 1085 -7.88 45.08 2.21
C LEU A 1085 -7.35 46.49 1.99
N ARG A 1086 -7.22 46.90 0.73
CA ARG A 1086 -6.78 48.26 0.45
C ARG A 1086 -7.77 49.28 0.99
N SER A 1087 -9.07 49.00 0.88
CA SER A 1087 -10.08 49.90 1.42
C SER A 1087 -9.99 49.99 2.94
N ALA A 1088 -9.84 48.86 3.62
CA ALA A 1088 -9.76 48.87 5.08
C ALA A 1088 -8.53 49.65 5.56
N LEU A 1089 -7.38 49.36 4.95
CA LEU A 1089 -6.16 50.09 5.31
C LEU A 1089 -6.29 51.56 4.96
N GLN A 1090 -7.02 51.90 3.89
CA GLN A 1090 -7.26 53.29 3.57
C GLN A 1090 -8.08 53.97 4.65
N VAL A 1091 -9.07 53.26 5.21
CA VAL A 1091 -9.86 53.82 6.30
C VAL A 1091 -8.98 54.10 7.51
N LEU A 1092 -8.12 53.14 7.87
CA LEU A 1092 -7.25 53.37 9.02
C LEU A 1092 -6.26 54.51 8.79
N ALA A 1093 -5.67 54.56 7.59
CA ALA A 1093 -4.74 55.64 7.29
C ALA A 1093 -5.42 57.00 7.29
N ASP A 1094 -6.62 57.07 6.72
CA ASP A 1094 -7.38 58.32 6.76
C ASP A 1094 -7.75 58.70 8.19
N ARG A 1095 -7.96 57.71 9.06
CA ARG A 1095 -8.19 58.02 10.46
C ARG A 1095 -6.95 58.62 11.09
N LEU A 1096 -5.75 58.13 10.72
CA LEU A 1096 -4.53 58.72 11.25
C LEU A 1096 -4.37 60.18 10.84
N LYS A 1097 -4.20 60.43 9.54
CA LYS A 1097 -3.90 61.77 9.05
C LYS A 1097 -5.19 62.53 8.78
N PRO A 1098 -5.10 63.79 8.34
CA PRO A 1098 -6.33 64.51 7.96
C PRO A 1098 -7.07 63.86 6.80
N GLY A 1099 -6.36 63.22 5.89
CA GLY A 1099 -6.96 62.54 4.76
C GLY A 1099 -5.99 62.53 3.58
N GLU A 1100 -6.58 62.50 2.38
CA GLU A 1100 -5.81 62.54 1.14
C GLU A 1100 -4.91 61.32 0.98
N THR A 1101 -5.51 60.13 1.09
CA THR A 1101 -4.77 58.89 0.85
C THR A 1101 -4.29 58.82 -0.60
N GLU A 1102 -5.18 59.17 -1.54
CA GLU A 1102 -4.84 59.27 -2.96
C GLU A 1102 -4.34 57.95 -3.55
N PHE A 1103 -4.80 56.82 -2.99
CA PHE A 1103 -4.39 55.49 -3.44
C PHE A 1103 -2.88 55.31 -3.32
N LEU A 1104 -2.38 55.51 -2.10
CA LEU A 1104 -0.96 55.45 -1.83
C LEU A 1104 -0.44 54.02 -2.01
N PRO A 1105 0.87 53.83 -2.02
CA PRO A 1105 1.42 52.48 -2.15
C PRO A 1105 1.11 51.63 -0.92
N LEU A 1106 1.14 50.31 -1.14
CA LEU A 1106 0.73 49.37 -0.11
C LEU A 1106 1.62 49.47 1.13
N GLU A 1107 2.93 49.61 0.93
CA GLU A 1107 3.84 49.74 2.06
C GLU A 1107 3.53 50.98 2.89
N GLU A 1108 3.23 52.10 2.22
CA GLU A 1108 2.89 53.32 2.94
C GLU A 1108 1.63 53.15 3.77
N LEU A 1109 0.60 52.50 3.20
CA LEU A 1109 -0.63 52.27 3.95
C LEU A 1109 -0.38 51.37 5.16
N ILE A 1110 0.40 50.30 4.96
CA ILE A 1110 0.68 49.39 6.07
C ILE A 1110 1.44 50.12 7.17
N SER A 1111 2.42 50.94 6.80
CA SER A 1111 3.19 51.67 7.80
C SER A 1111 2.32 52.68 8.55
N GLU A 1112 1.43 53.38 7.82
CA GLU A 1112 0.55 54.35 8.47
C GLU A 1112 -0.38 53.67 9.47
N SER A 1113 -0.98 52.54 9.06
CA SER A 1113 -1.85 51.81 9.98
C SER A 1113 -1.07 51.29 11.18
N PHE A 1114 0.16 50.84 10.96
CA PHE A 1114 1.00 50.36 12.04
C PHE A 1114 1.26 51.47 13.06
N GLN A 1115 1.60 52.67 12.57
CA GLN A 1115 1.83 53.79 13.49
C GLN A 1115 0.55 54.17 14.23
N TYR A 1116 -0.58 54.17 13.52
CA TYR A 1116 -1.85 54.53 14.15
C TYR A 1116 -2.20 53.58 15.28
N LEU A 1117 -2.04 52.28 15.06
CA LEU A 1117 -2.35 51.32 16.11
C LEU A 1117 -1.32 51.38 17.23
N LEU A 1118 -0.06 51.61 16.89
CA LEU A 1118 0.98 51.69 17.91
C LEU A 1118 0.80 52.91 18.82
N ASN A 1119 0.13 53.95 18.34
CA ASN A 1119 -0.09 55.13 19.18
C ASN A 1119 -0.93 54.82 20.42
N PHE A 1120 -1.72 53.74 20.40
CA PHE A 1120 -2.59 53.41 21.53
C PHE A 1120 -1.84 52.82 22.72
N GLN A 1121 -0.54 52.57 22.61
CA GLN A 1121 0.18 51.81 23.64
C GLN A 1121 0.19 52.48 25.00
N ALA A 1122 -0.05 53.79 25.07
CA ALA A 1122 0.01 54.50 26.35
C ALA A 1122 -1.12 54.05 27.28
N SER A 1123 -2.36 54.05 26.79
CA SER A 1123 -3.56 53.81 27.59
C SER A 1123 -4.06 52.39 27.30
N ILE A 1124 -3.70 51.46 28.17
CA ILE A 1124 -4.11 50.06 28.06
C ILE A 1124 -4.57 49.65 29.47
N PRO A 1125 -5.76 49.04 29.65
CA PRO A 1125 -6.25 48.84 31.01
C PRO A 1125 -5.73 47.58 31.70
N SER A 1126 -5.37 46.56 30.94
CA SER A 1126 -4.98 45.29 31.53
C SER A 1126 -4.13 44.50 30.55
N PHE A 1127 -3.70 43.31 31.00
CA PHE A 1127 -2.76 42.50 30.25
C PHE A 1127 -3.37 41.99 28.95
N GLN A 1128 -4.63 41.55 29.01
CA GLN A 1128 -5.25 40.89 27.86
C GLN A 1128 -5.39 41.84 26.68
N CYS A 1129 -5.73 43.10 26.95
CA CYS A 1129 -5.84 44.08 25.88
C CYS A 1129 -4.51 44.25 25.16
N ALA A 1130 -3.40 44.31 25.93
CA ALA A 1130 -2.09 44.40 25.31
C ALA A 1130 -1.76 43.15 24.50
N PHE A 1131 -2.18 42.00 25.00
CA PHE A 1131 -1.92 40.74 24.31
C PHE A 1131 -2.60 40.72 22.94
N ILE A 1132 -3.87 41.10 22.91
CA ILE A 1132 -4.57 41.22 21.62
C ILE A 1132 -3.98 42.33 20.77
N LEU A 1133 -3.46 43.39 21.39
CA LEU A 1133 -2.83 44.46 20.62
C LEU A 1133 -1.61 43.93 19.86
N THR A 1134 -0.79 43.13 20.55
CA THR A 1134 0.35 42.53 19.88
C THR A 1134 -0.11 41.56 18.78
N GLN A 1135 -1.17 40.80 19.03
CA GLN A 1135 -1.67 39.90 17.98
C GLN A 1135 -2.10 40.66 16.73
N VAL A 1136 -2.87 41.73 16.89
CA VAL A 1136 -3.35 42.45 15.71
C VAL A 1136 -2.18 43.14 15.00
N LEU A 1137 -1.23 43.67 15.77
CA LEU A 1137 -0.07 44.32 15.15
C LEU A 1137 0.74 43.32 14.33
N MET A 1138 0.93 42.10 14.87
CA MET A 1138 1.62 41.08 14.10
C MET A 1138 0.78 40.63 12.90
N ALA A 1139 -0.54 40.62 13.04
CA ALA A 1139 -1.40 40.15 11.96
C ALA A 1139 -1.34 41.09 10.76
N ILE A 1140 -1.30 42.40 11.01
CA ILE A 1140 -1.27 43.35 9.89
C ILE A 1140 0.04 43.23 9.11
N SER A 1141 1.15 42.98 9.81
CA SER A 1141 2.45 42.94 9.14
C SER A 1141 2.56 41.71 8.23
N GLU A 1142 3.70 41.59 7.57
CA GLU A 1142 3.98 40.45 6.70
C GLU A 1142 4.31 39.22 7.53
N LYS A 1143 4.58 38.10 6.85
CA LYS A 1143 4.96 36.88 7.55
C LYS A 1143 6.33 37.07 8.19
N PRO A 1144 7.39 37.18 7.40
CA PRO A 1144 8.69 37.62 7.92
C PRO A 1144 8.76 39.13 7.99
N MET A 1145 8.84 39.67 9.20
CA MET A 1145 8.74 41.11 9.40
C MET A 1145 10.05 41.80 9.03
N THR A 1146 9.93 43.08 8.71
CA THR A 1146 11.03 43.92 8.21
C THR A 1146 11.65 44.68 9.38
N GLY A 1147 12.87 45.18 9.15
CA GLY A 1147 13.72 45.78 10.17
C GLY A 1147 13.11 46.75 11.16
N TRP A 1148 12.62 47.91 10.71
CA TRP A 1148 12.17 48.92 11.67
C TRP A 1148 10.91 48.47 12.39
N LYS A 1149 10.01 47.77 11.69
CA LYS A 1149 8.85 47.19 12.35
C LYS A 1149 9.28 46.15 13.38
N ARG A 1150 10.29 45.35 13.05
CA ARG A 1150 10.81 44.37 14.00
C ARG A 1150 11.34 45.06 15.26
N GLU A 1151 12.10 46.14 15.07
CA GLU A 1151 12.65 46.86 16.21
C GLU A 1151 11.54 47.45 17.07
N LYS A 1152 10.52 48.03 16.43
CA LYS A 1152 9.42 48.61 17.20
C LYS A 1152 8.64 47.54 17.94
N MET A 1153 8.45 46.38 17.32
CA MET A 1153 7.76 45.28 17.99
C MET A 1153 8.53 44.80 19.21
N ALA A 1154 9.86 44.67 19.07
CA ALA A 1154 10.67 44.27 20.21
C ALA A 1154 10.60 45.28 21.33
N SER A 1155 10.65 46.57 20.98
CA SER A 1155 10.57 47.62 22.00
C SER A 1155 9.22 47.58 22.72
N LEU A 1156 8.14 47.41 21.95
CA LEU A 1156 6.81 47.35 22.57
C LEU A 1156 6.66 46.15 23.48
N ALA A 1157 7.17 44.99 23.05
CA ALA A 1157 7.06 43.79 23.87
C ALA A 1157 7.85 43.95 25.16
N LYS A 1158 9.06 44.51 25.09
CA LYS A 1158 9.82 44.74 26.31
C LYS A 1158 9.13 45.76 27.20
N GLN A 1159 8.53 46.80 26.62
CA GLN A 1159 7.83 47.80 27.41
C GLN A 1159 6.68 47.18 28.19
N PHE A 1160 5.91 46.30 27.55
CA PHE A 1160 4.84 45.62 28.26
C PHE A 1160 5.39 44.65 29.30
N LEU A 1161 6.50 43.99 29.01
CA LEU A 1161 7.07 43.04 29.97
C LEU A 1161 7.54 43.75 31.22
N CYS A 1162 8.12 44.94 31.10
CA CYS A 1162 8.70 45.61 32.25
C CYS A 1162 7.68 46.34 33.12
N GLN A 1163 6.43 46.49 32.68
CA GLN A 1163 5.42 47.15 33.48
C GLN A 1163 4.84 46.21 34.52
N SER A 1164 4.12 46.79 35.49
CA SER A 1164 3.44 46.04 36.54
C SER A 1164 1.94 46.20 36.35
N TRP A 1165 1.22 45.08 36.39
CA TRP A 1165 -0.23 45.03 36.18
C TRP A 1165 -0.91 44.63 37.48
N MET A 1166 -1.82 45.47 37.94
CA MET A 1166 -2.57 45.21 39.16
C MET A 1166 -4.05 45.47 38.89
N LYS A 1167 -4.91 44.70 39.55
CA LYS A 1167 -6.33 44.88 39.42
C LYS A 1167 -6.76 46.17 40.11
N PRO A 1168 -7.96 46.69 39.79
CA PRO A 1168 -8.42 47.90 40.51
C PRO A 1168 -8.56 47.69 42.01
N GLY A 1169 -8.85 46.48 42.46
CA GLY A 1169 -8.98 46.19 43.88
C GLY A 1169 -7.69 45.72 44.53
N GLY A 1170 -6.55 46.00 43.89
CA GLY A 1170 -5.27 45.54 44.39
C GLY A 1170 -4.96 44.12 43.94
N ASP A 1171 -3.84 43.61 44.46
CA ASP A 1171 -3.37 42.25 44.18
C ASP A 1171 -2.93 42.07 42.73
N ARG A 1172 -2.20 40.99 42.46
CA ARG A 1172 -1.66 40.74 41.13
C ARG A 1172 -2.65 39.95 40.28
N GLU A 1173 -2.27 39.70 39.03
CA GLU A 1173 -3.13 39.10 38.01
C GLU A 1173 -2.79 37.63 37.80
N LYS A 1174 -2.52 36.89 38.88
CA LYS A 1174 -2.16 35.48 38.76
C LYS A 1174 -3.33 34.69 38.21
N GLY A 1175 -3.07 33.88 37.19
CA GLY A 1175 -4.11 33.06 36.58
C GLY A 1175 -3.54 32.29 35.40
N SER A 1176 -4.38 31.39 34.88
CA SER A 1176 -3.95 30.54 33.76
C SER A 1176 -3.90 31.32 32.45
N HIS A 1177 -4.92 32.14 32.19
CA HIS A 1177 -4.91 32.97 31.00
C HIS A 1177 -3.74 33.93 31.02
N PHE A 1178 -3.39 34.43 32.20
CA PHE A 1178 -2.21 35.26 32.34
C PHE A 1178 -0.95 34.49 31.97
N ASN A 1179 -0.87 33.22 32.37
CA ASN A 1179 0.30 32.42 32.02
C ASN A 1179 0.40 32.22 30.52
N SER A 1180 -0.71 31.91 29.86
CA SER A 1180 -0.65 31.70 28.41
C SER A 1180 -0.27 32.99 27.68
N ALA A 1181 -0.84 34.12 28.10
CA ALA A 1181 -0.48 35.39 27.48
C ALA A 1181 0.99 35.71 27.71
N LEU A 1182 1.50 35.43 28.90
CA LEU A 1182 2.90 35.68 29.19
C LEU A 1182 3.81 34.81 28.34
N HIS A 1183 3.42 33.55 28.13
CA HIS A 1183 4.22 32.67 27.28
C HIS A 1183 4.29 33.20 25.86
N THR A 1184 3.15 33.60 25.31
CA THR A 1184 3.17 34.09 23.93
C THR A 1184 3.94 35.42 23.82
N LEU A 1185 3.81 36.28 24.83
CA LEU A 1185 4.54 37.55 24.79
C LEU A 1185 6.05 37.32 24.88
N LEU A 1186 6.49 36.39 25.72
CA LEU A 1186 7.91 36.08 25.78
C LEU A 1186 8.40 35.50 24.45
N CYS A 1187 7.59 34.65 23.83
CA CYS A 1187 7.98 34.07 22.55
C CYS A 1187 8.15 35.15 21.49
N VAL A 1188 7.19 36.07 21.38
CA VAL A 1188 7.30 37.09 20.33
C VAL A 1188 8.40 38.08 20.67
N TYR A 1189 8.69 38.29 21.96
CA TYR A 1189 9.78 39.19 22.31
C TYR A 1189 11.12 38.60 21.90
N LEU A 1190 11.38 37.35 22.27
CA LEU A 1190 12.67 36.75 21.93
C LEU A 1190 12.78 36.42 20.45
N GLU A 1191 11.66 36.25 19.75
CA GLU A 1191 11.74 35.95 18.33
C GLU A 1191 12.28 37.11 17.51
N HIS A 1192 12.13 38.35 18.00
CA HIS A 1192 12.40 39.56 17.23
C HIS A 1192 13.53 40.42 17.80
N THR A 1193 14.19 39.99 18.87
CA THR A 1193 15.26 40.80 19.44
C THR A 1193 16.48 40.81 18.52
N ASP A 1194 17.29 41.87 18.64
CA ASP A 1194 18.48 41.98 17.80
C ASP A 1194 19.48 40.87 18.07
N ASN A 1195 19.74 40.57 19.34
CA ASN A 1195 20.68 39.52 19.73
C ASN A 1195 20.04 38.71 20.84
N ILE A 1196 19.63 37.47 20.51
CA ILE A 1196 18.85 36.66 21.43
C ILE A 1196 19.66 36.32 22.68
N LEU A 1197 20.93 35.93 22.49
CA LEU A 1197 21.73 35.47 23.61
C LEU A 1197 22.00 36.57 24.61
N LYS A 1198 22.15 37.82 24.12
CA LYS A 1198 22.33 38.94 25.03
C LYS A 1198 21.10 39.13 25.91
N ALA A 1199 19.91 39.03 25.32
CA ALA A 1199 18.68 39.19 26.11
C ALA A 1199 18.52 38.06 27.12
N ILE A 1200 18.80 36.82 26.72
CA ILE A 1200 18.68 35.70 27.65
C ILE A 1200 19.67 35.86 28.79
N GLU A 1201 20.91 36.25 28.48
CA GLU A 1201 21.91 36.45 29.52
C GLU A 1201 21.51 37.56 30.47
N GLU A 1202 20.97 38.66 29.93
CA GLU A 1202 20.54 39.77 30.78
C GLU A 1202 19.43 39.34 31.73
N ILE A 1203 18.42 38.63 31.21
CA ILE A 1203 17.32 38.19 32.06
C ILE A 1203 17.83 37.24 33.13
N SER A 1204 18.57 36.21 32.74
CA SER A 1204 18.98 35.19 33.69
C SER A 1204 19.98 35.71 34.71
N SER A 1205 20.76 36.74 34.36
CA SER A 1205 21.76 37.28 35.26
C SER A 1205 21.26 38.44 36.12
N VAL A 1206 20.14 39.06 35.76
CA VAL A 1206 19.59 40.19 36.51
C VAL A 1206 18.32 39.80 37.26
N GLY A 1207 17.29 39.34 36.54
CA GLY A 1207 15.97 39.23 37.14
C GLY A 1207 15.88 38.19 38.24
N VAL A 1208 16.44 37.01 38.01
CA VAL A 1208 16.36 35.92 38.99
C VAL A 1208 17.14 36.26 40.26
N PRO A 1209 18.40 36.74 40.18
CA PRO A 1209 19.09 37.08 41.44
C PRO A 1209 18.40 38.17 42.25
N GLU A 1210 17.84 39.19 41.61
CA GLU A 1210 17.16 40.23 42.39
C GLU A 1210 15.84 39.72 42.94
N LEU A 1211 15.24 38.69 42.31
CA LEU A 1211 14.09 38.03 42.91
C LEU A 1211 14.50 37.30 44.18
N ILE A 1212 15.44 36.36 44.06
CA ILE A 1212 15.74 35.49 45.19
C ILE A 1212 16.41 36.26 46.32
N ASN A 1213 17.25 37.24 46.01
CA ASN A 1213 18.03 37.91 47.04
C ASN A 1213 17.15 38.76 47.95
N SER A 1214 16.19 39.48 47.36
CA SER A 1214 15.44 40.52 48.05
C SER A 1214 13.96 40.19 48.20
N ALA A 1215 13.27 39.84 47.12
CA ALA A 1215 11.81 39.75 47.12
C ALA A 1215 11.37 38.56 47.95
N LYS A 1216 10.87 38.85 49.16
CA LYS A 1216 10.41 37.80 50.05
C LYS A 1216 9.17 37.12 49.51
N ASP A 1217 8.17 37.91 49.09
CA ASP A 1217 6.93 37.40 48.51
C ASP A 1217 6.46 38.17 47.29
N GLY A 1218 7.13 39.26 46.92
CA GLY A 1218 6.70 40.06 45.80
C GLY A 1218 7.24 39.57 44.47
N CYS A 1219 7.90 40.46 43.72
CA CYS A 1219 8.42 40.15 42.39
C CYS A 1219 9.71 40.91 42.18
N SER A 1220 10.30 40.74 41.00
CA SER A 1220 11.56 41.38 40.66
C SER A 1220 11.34 42.82 40.25
N SER A 1221 12.26 43.69 40.64
CA SER A 1221 12.14 45.12 40.33
C SER A 1221 12.22 45.36 38.82
N THR A 1222 13.17 44.72 38.16
CA THR A 1222 13.39 44.97 36.74
C THR A 1222 12.25 44.39 35.89
N TYR A 1223 11.74 43.23 36.29
CA TYR A 1223 10.70 42.51 35.56
C TYR A 1223 9.55 42.22 36.52
N PRO A 1224 8.64 43.17 36.73
CA PRO A 1224 7.52 42.91 37.66
C PRO A 1224 6.62 41.75 37.23
N THR A 1225 6.54 41.46 35.94
CA THR A 1225 5.75 40.31 35.50
C THR A 1225 6.31 39.00 36.03
N LEU A 1226 7.62 38.94 36.26
CA LEU A 1226 8.23 37.73 36.77
C LEU A 1226 7.86 37.55 38.25
N SER A 1227 7.49 36.32 38.60
CA SER A 1227 7.10 36.00 39.97
C SER A 1227 7.33 34.52 40.19
N ARG A 1228 7.27 34.11 41.46
CA ARG A 1228 7.52 32.71 41.80
C ARG A 1228 6.49 31.78 41.18
N GLN A 1229 5.29 32.27 40.89
CA GLN A 1229 4.31 31.44 40.20
C GLN A 1229 4.65 31.29 38.71
N THR A 1230 5.17 32.36 38.10
CA THR A 1230 5.38 32.41 36.66
C THR A 1230 6.80 32.02 36.24
N PHE A 1231 7.65 31.59 37.17
CA PHE A 1231 9.03 31.24 36.79
C PHE A 1231 9.13 30.08 35.81
N PRO A 1232 8.35 29.00 35.91
CA PRO A 1232 8.45 27.93 34.89
C PRO A 1232 8.20 28.39 33.47
N VAL A 1233 7.31 29.37 33.25
CA VAL A 1233 7.08 29.86 31.89
C VAL A 1233 8.34 30.50 31.33
N PHE A 1234 8.98 31.35 32.14
CA PHE A 1234 10.24 31.96 31.74
C PHE A 1234 11.30 30.92 31.46
N PHE A 1235 11.40 29.91 32.33
CA PHE A 1235 12.42 28.89 32.17
C PHE A 1235 12.22 28.11 30.87
N ARG A 1236 10.99 27.68 30.61
CA ARG A 1236 10.72 26.91 29.39
C ARG A 1236 11.00 27.72 28.15
N VAL A 1237 10.55 28.99 28.11
CA VAL A 1237 10.75 29.78 26.91
C VAL A 1237 12.23 30.05 26.68
N MET A 1238 12.98 30.40 27.74
CA MET A 1238 14.40 30.66 27.58
C MET A 1238 15.15 29.41 27.11
N MET A 1239 14.85 28.26 27.69
CA MET A 1239 15.55 27.04 27.29
C MET A 1239 15.25 26.67 25.84
N ALA A 1240 13.98 26.74 25.44
CA ALA A 1240 13.62 26.39 24.07
C ALA A 1240 14.26 27.34 23.08
N GLN A 1241 14.26 28.65 23.40
CA GLN A 1241 14.86 29.61 22.48
C GLN A 1241 16.37 29.43 22.41
N LEU A 1242 17.01 29.05 23.52
CA LEU A 1242 18.43 28.78 23.48
C LEU A 1242 18.75 27.60 22.58
N GLU A 1243 17.96 26.52 22.69
CA GLU A 1243 18.19 25.37 21.82
C GLU A 1243 17.99 25.73 20.36
N SER A 1244 16.93 26.50 20.06
CA SER A 1244 16.68 26.90 18.68
C SER A 1244 17.80 27.78 18.15
N SER A 1245 18.33 28.69 18.98
CA SER A 1245 19.43 29.53 18.54
C SER A 1245 20.69 28.72 18.29
N VAL A 1246 20.95 27.73 19.14
CA VAL A 1246 22.14 26.90 18.96
C VAL A 1246 22.04 26.10 17.68
N LYS A 1247 20.86 25.58 17.37
CA LYS A 1247 20.71 24.77 16.15
C LYS A 1247 20.93 25.56 14.87
N SER A 1248 20.89 26.90 14.92
CA SER A 1248 20.98 27.69 13.70
C SER A 1248 22.41 27.83 13.19
N ILE A 1249 23.42 27.60 14.01
CA ILE A 1249 24.80 27.83 13.60
C ILE A 1249 25.17 26.85 12.50
N PRO A 1250 25.91 27.25 11.42
CA PRO A 1250 26.30 26.25 10.42
C PRO A 1250 27.30 25.24 10.97
N ALA A 1251 27.43 24.10 10.30
CA ALA A 1251 28.32 23.03 10.71
C ALA A 1251 29.76 23.36 10.34
N GLY A 1252 30.68 22.58 10.89
CA GLY A 1252 32.10 22.79 10.60
C GLY A 1252 32.44 22.24 9.23
N LYS A 1253 32.91 23.12 8.35
CA LYS A 1253 33.33 22.71 7.02
C LYS A 1253 34.66 21.95 7.10
N PRO A 1254 35.00 21.18 6.06
CA PRO A 1254 36.23 20.37 6.15
C PRO A 1254 37.49 21.20 5.98
N SER A 1255 37.80 21.97 7.02
CA SER A 1255 38.99 22.84 7.05
C SER A 1255 38.96 23.87 5.92
N ASP A 1256 37.78 24.37 5.58
CA ASP A 1256 37.61 25.40 4.58
C ASP A 1256 37.58 26.81 5.16
N SER A 1257 37.79 26.97 6.46
CA SER A 1257 37.60 28.25 7.15
C SER A 1257 38.95 28.78 7.62
N GLY A 1258 39.30 29.98 7.16
CA GLY A 1258 40.42 30.73 7.69
C GLY A 1258 39.95 31.95 8.44
N GLU A 1259 40.05 31.92 9.77
CA GLU A 1259 39.60 32.95 10.69
C GLU A 1259 38.09 32.97 10.92
N VAL A 1260 37.30 32.17 10.18
CA VAL A 1260 35.89 32.00 10.51
C VAL A 1260 35.74 31.10 11.73
N GLN A 1261 36.69 30.18 11.94
CA GLN A 1261 36.65 29.29 13.09
C GLN A 1261 36.70 30.06 14.39
N LEU A 1262 37.37 31.21 14.41
CA LEU A 1262 37.39 32.04 15.62
C LEU A 1262 35.99 32.53 15.95
N GLU A 1263 35.26 33.03 14.96
CA GLU A 1263 33.91 33.52 15.20
C GLU A 1263 32.98 32.38 15.63
N LYS A 1264 33.11 31.22 14.99
CA LYS A 1264 32.26 30.10 15.37
C LYS A 1264 32.55 29.62 16.79
N LEU A 1265 33.84 29.58 17.16
CA LEU A 1265 34.20 29.20 18.52
C LEU A 1265 33.69 30.23 19.53
N LEU A 1266 33.72 31.51 19.16
CA LEU A 1266 33.18 32.53 20.06
C LEU A 1266 31.69 32.33 20.29
N LYS A 1267 30.95 32.05 19.23
CA LYS A 1267 29.51 31.80 19.38
C LYS A 1267 29.24 30.59 20.26
N TRP A 1268 29.99 29.50 20.03
CA TRP A 1268 29.79 28.30 20.83
C TRP A 1268 30.15 28.55 22.30
N ASN A 1269 31.19 29.33 22.54
CA ASN A 1269 31.57 29.63 23.93
C ASN A 1269 30.49 30.43 24.64
N ILE A 1270 29.91 31.42 23.95
CA ILE A 1270 28.83 32.20 24.56
C ILE A 1270 27.64 31.30 24.87
N ALA A 1271 27.29 30.42 23.92
CA ALA A 1271 26.16 29.52 24.14
C ALA A 1271 26.41 28.59 25.32
N VAL A 1272 27.64 28.07 25.44
CA VAL A 1272 27.95 27.16 26.54
C VAL A 1272 27.87 27.90 27.88
N ARG A 1273 28.35 29.15 27.92
CA ARG A 1273 28.27 29.91 29.17
C ARG A 1273 26.81 30.16 29.56
N ASN A 1274 25.97 30.52 28.60
CA ASN A 1274 24.55 30.72 28.89
C ASN A 1274 23.91 29.43 29.39
N PHE A 1275 24.27 28.30 28.78
CA PHE A 1275 23.73 27.02 29.21
C PHE A 1275 24.13 26.69 30.64
N HIS A 1276 25.38 26.98 31.00
CA HIS A 1276 25.81 26.73 32.37
C HIS A 1276 25.06 27.61 33.36
N ILE A 1277 24.87 28.89 33.01
CA ILE A 1277 24.15 29.79 33.91
C ILE A 1277 22.71 29.32 34.09
N LEU A 1278 22.07 28.88 33.00
CA LEU A 1278 20.69 28.41 33.12
C LEU A 1278 20.61 27.12 33.91
N ILE A 1279 21.59 26.24 33.76
CA ILE A 1279 21.56 24.98 34.50
C ILE A 1279 21.71 25.24 36.00
N ASN A 1280 22.52 26.22 36.38
CA ASN A 1280 22.76 26.46 37.81
C ASN A 1280 21.50 26.90 38.56
N LEU A 1281 20.49 27.44 37.88
CA LEU A 1281 19.30 27.91 38.58
C LEU A 1281 18.46 26.77 39.15
N VAL A 1282 18.60 25.55 38.63
CA VAL A 1282 17.77 24.44 39.10
C VAL A 1282 18.06 24.10 40.56
N LYS A 1283 19.23 24.45 41.08
CA LYS A 1283 19.57 24.11 42.46
C LYS A 1283 18.64 24.80 43.45
N VAL A 1284 18.24 26.05 43.16
CA VAL A 1284 17.38 26.79 44.08
C VAL A 1284 15.94 26.30 43.97
N PHE A 1285 15.35 26.42 42.79
CA PHE A 1285 13.96 26.02 42.56
C PHE A 1285 13.93 24.51 42.29
N ASP A 1286 13.30 23.76 43.18
CA ASP A 1286 13.21 22.31 43.05
C ASP A 1286 11.84 21.83 42.58
N SER A 1287 11.08 22.70 41.91
CA SER A 1287 9.76 22.32 41.45
C SER A 1287 9.86 21.27 40.35
N ARG A 1288 8.93 20.32 40.35
CA ARG A 1288 8.94 19.25 39.36
C ARG A 1288 8.86 19.74 37.91
N PRO A 1289 8.04 20.74 37.55
CA PRO A 1289 8.09 21.24 36.17
C PRO A 1289 9.45 21.73 35.74
N VAL A 1290 10.22 22.33 36.64
CA VAL A 1290 11.56 22.81 36.29
C VAL A 1290 12.46 21.65 35.91
N LEU A 1291 12.45 20.60 36.74
CA LEU A 1291 13.26 19.42 36.46
C LEU A 1291 12.83 18.75 35.16
N SER A 1292 11.52 18.66 34.93
CA SER A 1292 11.03 18.04 33.70
C SER A 1292 11.48 18.82 32.48
N ILE A 1293 11.38 20.16 32.53
CA ILE A 1293 11.79 20.99 31.41
C ILE A 1293 13.29 20.82 31.14
N CYS A 1294 14.09 20.85 32.20
CA CYS A 1294 15.53 20.79 31.99
C CYS A 1294 15.96 19.42 31.49
N LEU A 1295 15.34 18.34 31.99
CA LEU A 1295 15.64 17.01 31.49
C LEU A 1295 15.25 16.89 30.02
N LYS A 1296 14.12 17.48 29.62
CA LYS A 1296 13.71 17.37 28.23
C LYS A 1296 14.66 18.11 27.31
N TYR A 1297 15.11 19.31 27.71
CA TYR A 1297 15.86 20.16 26.78
C TYR A 1297 17.37 19.99 26.85
N GLY A 1298 17.91 19.44 27.94
CA GLY A 1298 19.33 19.19 28.00
C GLY A 1298 19.79 18.19 26.96
N ARG A 1299 19.01 17.12 26.76
CA ARG A 1299 19.38 16.14 25.74
C ARG A 1299 19.36 16.76 24.36
N LEU A 1300 18.37 17.61 24.08
CA LEU A 1300 18.30 18.24 22.76
C LEU A 1300 19.51 19.13 22.53
N PHE A 1301 19.91 19.89 23.56
CA PHE A 1301 21.09 20.73 23.43
C PHE A 1301 22.34 19.88 23.20
N VAL A 1302 22.46 18.76 23.90
CA VAL A 1302 23.66 17.93 23.78
C VAL A 1302 23.73 17.29 22.39
N GLU A 1303 22.62 16.73 21.89
CA GLU A 1303 22.66 16.17 20.55
C GLU A 1303 22.90 17.22 19.49
N ALA A 1304 22.38 18.45 19.67
CA ALA A 1304 22.71 19.51 18.74
C ALA A 1304 24.21 19.80 18.76
N PHE A 1305 24.81 19.82 19.96
CA PHE A 1305 26.24 20.04 20.06
C PHE A 1305 27.04 18.95 19.35
N LEU A 1306 26.63 17.68 19.53
CA LEU A 1306 27.33 16.59 18.87
C LEU A 1306 27.18 16.67 17.35
N LYS A 1307 25.99 16.99 16.87
CA LYS A 1307 25.77 16.99 15.42
C LYS A 1307 26.50 18.15 14.75
N LEU A 1308 26.59 19.29 15.42
CA LEU A 1308 27.12 20.51 14.80
C LEU A 1308 28.55 20.84 15.20
N ALA A 1309 28.86 20.83 16.50
CA ALA A 1309 30.12 21.43 16.97
C ALA A 1309 31.33 20.54 16.70
N MET A 1310 31.19 19.22 16.87
CA MET A 1310 32.35 18.34 16.80
C MET A 1310 33.10 18.35 15.47
N PRO A 1311 32.46 18.42 14.31
CA PRO A 1311 33.25 18.62 13.08
C PRO A 1311 34.13 19.86 13.10
N LEU A 1312 33.72 20.92 13.79
CA LEU A 1312 34.57 22.10 13.90
C LEU A 1312 35.79 21.81 14.76
N LEU A 1313 35.58 21.16 15.92
CA LEU A 1313 36.72 20.89 16.80
C LEU A 1313 37.66 19.85 16.20
N ASP A 1314 37.16 19.00 15.29
CA ASP A 1314 38.04 18.08 14.59
C ASP A 1314 39.05 18.84 13.74
N HIS A 1315 38.58 19.81 12.96
CA HIS A 1315 39.38 20.45 11.93
C HIS A 1315 40.15 21.68 12.43
N SER A 1316 40.05 22.02 13.72
CA SER A 1316 40.71 23.22 14.25
C SER A 1316 41.41 22.96 15.59
N PHE A 1317 41.66 21.71 15.95
CA PHE A 1317 42.38 21.44 17.19
C PHE A 1317 43.85 21.80 17.07
N LYS A 1318 44.42 21.69 15.88
CA LYS A 1318 45.85 21.97 15.71
C LYS A 1318 46.15 23.45 15.87
N LYS A 1319 45.39 24.31 15.17
CA LYS A 1319 45.68 25.74 15.19
C LYS A 1319 45.42 26.34 16.56
N HIS A 1320 44.25 26.07 17.13
CA HIS A 1320 43.84 26.56 18.44
C HIS A 1320 43.64 25.37 19.36
N ARG A 1321 44.21 25.45 20.56
CA ARG A 1321 44.10 24.40 21.57
C ARG A 1321 43.43 24.86 22.86
N ASP A 1322 43.88 25.99 23.42
CA ASP A 1322 43.42 26.39 24.76
C ASP A 1322 41.92 26.65 24.78
N ASP A 1323 41.39 27.28 23.72
CA ASP A 1323 39.96 27.55 23.65
C ASP A 1323 39.15 26.27 23.67
N VAL A 1324 39.61 25.23 22.96
CA VAL A 1324 38.86 23.99 22.89
C VAL A 1324 38.82 23.31 24.25
N GLN A 1325 39.95 23.26 24.95
CA GLN A 1325 39.96 22.61 26.27
C GLN A 1325 39.12 23.39 27.26
N SER A 1326 39.18 24.72 27.22
CA SER A 1326 38.34 25.51 28.12
C SER A 1326 36.86 25.30 27.82
N LEU A 1327 36.50 25.22 26.54
CA LEU A 1327 35.11 24.99 26.16
C LEU A 1327 34.60 23.65 26.68
N LEU A 1328 35.37 22.59 26.45
CA LEU A 1328 34.97 21.27 26.92
C LEU A 1328 34.90 21.22 28.43
N LYS A 1329 35.85 21.88 29.11
CA LYS A 1329 35.86 21.89 30.57
C LYS A 1329 34.63 22.60 31.12
N THR A 1330 34.20 23.68 30.46
CA THR A 1330 32.97 24.34 30.89
C THR A 1330 31.76 23.45 30.68
N LEU A 1331 31.70 22.74 29.54
CA LEU A 1331 30.55 21.88 29.28
C LEU A 1331 30.47 20.70 30.25
N GLN A 1332 31.63 20.26 30.76
CA GLN A 1332 31.65 19.10 31.66
C GLN A 1332 30.82 19.35 32.91
N LEU A 1333 30.81 20.58 33.42
CA LEU A 1333 30.07 20.88 34.65
C LEU A 1333 28.58 20.66 34.46
N SER A 1334 28.03 21.18 33.36
CA SER A 1334 26.62 20.99 33.08
C SER A 1334 26.29 19.52 32.87
N THR A 1335 27.16 18.78 32.19
CA THR A 1335 26.89 17.35 32.01
C THR A 1335 26.89 16.60 33.34
N ARG A 1336 27.81 16.95 34.25
CA ARG A 1336 27.82 16.31 35.56
C ARG A 1336 26.53 16.59 36.32
N GLN A 1337 26.07 17.83 36.29
CA GLN A 1337 24.83 18.15 37.00
C GLN A 1337 23.63 17.44 36.36
N LEU A 1338 23.67 17.23 35.04
CA LEU A 1338 22.60 16.46 34.40
C LEU A 1338 22.60 15.03 34.88
N HIS A 1339 23.77 14.41 35.03
CA HIS A 1339 23.82 13.06 35.59
C HIS A 1339 23.24 13.01 36.99
N HIS A 1340 23.58 14.00 37.82
CA HIS A 1340 23.06 14.00 39.19
C HIS A 1340 21.54 14.16 39.21
N MET A 1341 21.00 15.01 38.33
CA MET A 1341 19.55 15.17 38.28
C MET A 1341 18.87 13.88 37.84
N CYS A 1342 19.45 13.19 36.86
CA CYS A 1342 18.89 11.90 36.44
C CYS A 1342 18.88 10.91 37.59
N GLY A 1343 19.97 10.87 38.37
CA GLY A 1343 19.99 10.00 39.53
C GLY A 1343 18.91 10.33 40.54
N HIS A 1344 18.71 11.63 40.80
CA HIS A 1344 17.68 12.04 41.75
C HIS A 1344 16.30 11.63 41.28
N SER A 1345 16.01 11.85 39.99
CA SER A 1345 14.70 11.48 39.46
C SER A 1345 14.47 9.98 39.52
N LYS A 1346 15.51 9.19 39.26
CA LYS A 1346 15.36 7.73 39.36
C LYS A 1346 15.13 7.31 40.81
N ILE A 1347 15.82 7.93 41.76
CA ILE A 1347 15.67 7.53 43.16
C ILE A 1347 14.27 7.84 43.66
N HIS A 1348 13.76 9.04 43.37
CA HIS A 1348 12.46 9.41 43.94
C HIS A 1348 11.28 8.72 43.24
N GLN A 1349 11.50 8.09 42.08
CA GLN A 1349 10.46 7.34 41.37
C GLN A 1349 9.27 8.23 40.99
N ASP A 1350 9.56 9.23 40.17
CA ASP A 1350 8.53 10.10 39.60
C ASP A 1350 8.26 9.63 38.18
N LEU A 1351 7.03 9.17 37.93
CA LEU A 1351 6.69 8.63 36.61
C LEU A 1351 6.81 9.69 35.53
N GLY A 1352 6.43 10.94 35.84
CA GLY A 1352 6.54 12.00 34.87
C GLY A 1352 7.97 12.29 34.48
N LEU A 1353 8.90 12.12 35.41
CA LEU A 1353 10.29 12.48 35.17
C LEU A 1353 11.11 11.36 34.52
N THR A 1354 10.84 10.11 34.86
CA THR A 1354 11.70 9.02 34.40
C THR A 1354 11.62 8.79 32.90
N ASN A 1355 10.60 9.33 32.22
CA ASN A 1355 10.45 9.05 30.80
C ASN A 1355 11.59 9.62 29.97
N HIS A 1356 12.28 10.66 30.47
CA HIS A 1356 13.35 11.31 29.72
C HIS A 1356 14.74 10.79 30.05
N VAL A 1357 14.88 9.89 31.03
CA VAL A 1357 16.21 9.45 31.45
C VAL A 1357 16.96 8.67 30.37
N PRO A 1358 16.36 7.64 29.70
CA PRO A 1358 17.18 6.78 28.83
C PRO A 1358 17.87 7.47 27.67
N LEU A 1359 17.14 8.28 26.91
CA LEU A 1359 17.74 8.96 25.77
C LEU A 1359 18.82 9.94 26.22
N LEU A 1360 18.59 10.61 27.34
CA LEU A 1360 19.59 11.55 27.87
C LEU A 1360 20.86 10.81 28.24
N LYS A 1361 20.74 9.66 28.90
CA LYS A 1361 21.93 8.91 29.28
C LYS A 1361 22.65 8.38 28.04
N LYS A 1362 21.90 7.95 27.03
CA LYS A 1362 22.51 7.50 25.78
C LYS A 1362 23.33 8.60 25.14
N SER A 1363 22.77 9.80 25.03
CA SER A 1363 23.50 10.89 24.41
C SER A 1363 24.73 11.29 25.24
N LEU A 1364 24.57 11.33 26.56
CA LEU A 1364 25.70 11.68 27.42
C LEU A 1364 26.81 10.64 27.34
N GLU A 1365 26.48 9.38 27.06
CA GLU A 1365 27.52 8.38 26.85
C GLU A 1365 28.16 8.52 25.47
N GLN A 1366 27.37 8.89 24.46
CA GLN A 1366 27.93 9.11 23.13
C GLN A 1366 28.95 10.24 23.12
N PHE A 1367 28.74 11.23 23.99
CA PHE A 1367 29.61 12.41 24.04
C PHE A 1367 31.06 12.04 24.31
N VAL A 1368 31.29 11.13 25.25
CA VAL A 1368 32.65 10.78 25.67
C VAL A 1368 33.42 10.13 24.52
N TYR A 1369 32.79 9.14 23.87
CA TYR A 1369 33.49 8.44 22.81
C TYR A 1369 33.64 9.32 21.57
N ARG A 1370 32.73 10.27 21.35
CA ARG A 1370 32.98 11.23 20.29
C ARG A 1370 34.19 12.10 20.59
N VAL A 1371 34.39 12.47 21.87
CA VAL A 1371 35.60 13.22 22.21
C VAL A 1371 36.84 12.36 21.98
N LYS A 1372 36.76 11.06 22.28
CA LYS A 1372 37.90 10.18 22.02
C LYS A 1372 38.20 10.11 20.53
N ALA A 1373 37.16 10.05 19.69
CA ALA A 1373 37.38 10.07 18.24
C ALA A 1373 38.02 11.38 17.81
N MET A 1374 37.61 12.49 18.43
CA MET A 1374 38.20 13.79 18.12
C MET A 1374 39.69 13.79 18.41
N LEU A 1375 40.08 13.24 19.57
CA LEU A 1375 41.52 13.16 19.87
C LEU A 1375 42.24 12.23 18.90
N ALA A 1376 41.62 11.10 18.56
CA ALA A 1376 42.25 10.15 17.65
C ALA A 1376 42.43 10.72 16.25
N PHE A 1377 41.63 11.71 15.86
CA PHE A 1377 41.78 12.29 14.54
C PHE A 1377 43.13 12.97 14.34
N ASN A 1378 43.79 13.39 15.43
CA ASN A 1378 45.07 14.11 15.36
C ASN A 1378 46.20 13.37 16.04
N HIS A 1379 46.09 12.04 16.17
CA HIS A 1379 47.18 11.21 16.69
C HIS A 1379 47.58 11.59 18.12
N CYS A 1380 46.62 12.07 18.91
CA CYS A 1380 46.83 12.42 20.31
C CYS A 1380 46.10 11.45 21.24
N GLN A 1381 45.91 10.21 20.80
CA GLN A 1381 45.08 9.26 21.54
C GLN A 1381 45.69 8.87 22.88
N GLU A 1382 46.98 9.10 23.09
CA GLU A 1382 47.60 8.71 24.35
C GLU A 1382 47.08 9.54 25.52
N ALA A 1383 46.64 10.76 25.27
CA ALA A 1383 46.25 11.67 26.35
C ALA A 1383 44.89 11.34 26.95
N PHE A 1384 44.05 10.60 26.25
CA PHE A 1384 42.68 10.37 26.71
C PHE A 1384 42.65 9.51 27.97
N TRP A 1385 41.61 9.69 28.77
CA TRP A 1385 41.47 8.97 30.03
C TRP A 1385 39.98 8.86 30.37
N VAL A 1386 39.61 7.78 31.04
CA VAL A 1386 38.24 7.50 31.42
C VAL A 1386 38.22 6.97 32.84
N GLY A 1387 37.23 7.38 33.63
CA GLY A 1387 37.08 6.90 34.98
C GLY A 1387 35.65 7.03 35.45
N VAL A 1388 35.39 6.48 36.63
CA VAL A 1388 34.06 6.45 37.21
C VAL A 1388 33.83 7.74 37.99
N LEU A 1389 32.62 8.29 37.85
CA LEU A 1389 32.23 9.54 38.49
C LEU A 1389 31.43 9.23 39.74
N LYS A 1390 31.83 9.83 40.86
CA LYS A 1390 31.18 9.55 42.13
C LYS A 1390 29.75 10.08 42.12
N ASN A 1391 28.82 9.27 42.62
CA ASN A 1391 27.44 9.68 42.70
C ASN A 1391 27.27 10.77 43.75
N ARG A 1392 26.37 11.72 43.49
CA ARG A 1392 26.10 12.81 44.41
C ARG A 1392 24.66 13.26 44.24
N ASP A 1393 23.98 13.46 45.37
CA ASP A 1393 22.65 14.05 45.33
C ASP A 1393 22.76 15.53 44.97
N LEU A 1394 21.60 16.14 44.72
CA LEU A 1394 21.57 17.56 44.42
C LEU A 1394 22.08 18.37 45.60
N GLN A 1395 22.88 19.40 45.29
CA GLN A 1395 23.43 20.36 46.28
C GLN A 1395 24.07 19.65 47.47
N GLY A 1396 24.83 18.60 47.20
CA GLY A 1396 25.47 17.86 48.26
C GLY A 1396 26.48 16.83 47.78
N GLU A 1397 26.56 15.71 48.47
CA GLU A 1397 27.52 14.67 48.13
C GLU A 1397 27.00 13.33 48.64
N GLU A 1398 27.58 12.25 48.11
CA GLU A 1398 27.21 10.89 48.50
C GLU A 1398 25.75 10.60 48.17
N GLY B 30 -71.72 -7.22 24.12
CA GLY B 30 -70.60 -7.64 23.22
C GLY B 30 -70.83 -9.01 22.62
N ASP B 31 -71.48 -9.90 23.37
CA ASP B 31 -71.76 -11.24 22.87
C ASP B 31 -72.71 -11.20 21.68
N MET B 32 -73.72 -10.33 21.74
CA MET B 32 -74.65 -10.20 20.62
C MET B 32 -73.93 -9.68 19.37
N VAL B 33 -73.03 -8.72 19.54
CA VAL B 33 -72.27 -8.22 18.41
C VAL B 33 -71.36 -9.31 17.86
N THR B 34 -70.78 -10.12 18.74
CA THR B 34 -69.94 -11.24 18.29
C THR B 34 -70.75 -12.24 17.48
N ARG B 35 -71.97 -12.55 17.93
CA ARG B 35 -72.83 -13.45 17.16
C ARG B 35 -73.23 -12.83 15.83
N GLN B 36 -73.52 -11.54 15.81
CA GLN B 36 -73.95 -10.87 14.58
C GLN B 36 -72.81 -10.63 13.59
N ALA B 37 -71.56 -10.66 14.04
CA ALA B 37 -70.42 -10.38 13.18
C ALA B 37 -69.93 -11.62 12.40
N LEU B 38 -70.78 -12.65 12.25
CA LEU B 38 -70.40 -13.79 11.43
C LEU B 38 -70.19 -13.39 9.98
N ARG B 39 -71.09 -12.55 9.44
CA ARG B 39 -70.94 -12.07 8.08
C ARG B 39 -69.84 -11.03 7.95
N GLY B 40 -69.62 -10.22 8.98
CA GLY B 40 -68.60 -9.19 8.97
C GLY B 40 -69.04 -7.86 8.40
N ARG B 41 -70.27 -7.76 7.87
CA ARG B 41 -70.73 -6.50 7.30
C ARG B 41 -71.12 -5.50 8.39
N GLU B 42 -71.73 -5.97 9.47
CA GLU B 42 -72.24 -5.11 10.53
C GLU B 42 -71.18 -4.71 11.56
N THR B 43 -69.96 -5.25 11.47
CA THR B 43 -68.94 -4.98 12.48
C THR B 43 -68.61 -3.50 12.56
N ALA B 44 -68.54 -2.83 11.40
CA ALA B 44 -68.33 -1.38 11.38
C ALA B 44 -69.44 -0.67 12.14
N ALA B 45 -70.69 -1.09 11.95
CA ALA B 45 -71.78 -0.52 12.74
C ALA B 45 -71.57 -0.78 14.22
N LEU B 46 -71.06 -1.98 14.55
CA LEU B 46 -70.72 -2.28 15.93
C LEU B 46 -69.67 -1.30 16.46
N LEU B 47 -68.71 -0.93 15.62
CA LEU B 47 -67.72 0.07 16.03
C LEU B 47 -68.41 1.40 16.32
N LYS B 48 -69.43 1.74 15.54
CA LYS B 48 -70.24 2.91 15.86
C LYS B 48 -70.90 2.76 17.22
N GLY B 49 -71.40 1.55 17.51
CA GLY B 49 -71.90 1.28 18.85
C GLY B 49 -70.82 1.46 19.90
N ILE B 50 -69.59 1.04 19.57
CA ILE B 50 -68.46 1.30 20.46
C ILE B 50 -68.28 2.80 20.66
N PHE B 51 -68.45 3.58 19.58
CA PHE B 51 -68.44 5.02 19.72
C PHE B 51 -69.58 5.48 20.63
N LYS B 52 -70.75 4.86 20.50
CA LYS B 52 -71.83 5.13 21.42
C LYS B 52 -71.43 4.76 22.84
N GLY B 53 -70.64 3.70 23.00
CA GLY B 53 -70.06 3.42 24.30
C GLY B 53 -69.02 4.45 24.69
N SER B 54 -68.22 4.91 23.73
CA SER B 54 -67.14 5.85 24.04
C SER B 54 -67.65 7.18 24.56
N PRO B 55 -68.64 7.83 23.92
CA PRO B 55 -69.12 9.13 24.42
C PRO B 55 -70.06 9.00 25.61
N SER B 60 -68.13 2.95 32.30
CA SER B 60 -69.00 2.04 31.57
C SER B 60 -68.54 1.90 30.11
N GLY B 61 -68.22 3.03 29.49
CA GLY B 61 -67.76 2.99 28.11
C GLY B 61 -66.42 2.30 27.95
N VAL B 62 -65.49 2.58 28.87
CA VAL B 62 -64.14 2.02 28.76
C VAL B 62 -64.18 0.50 28.92
N LEU B 63 -64.95 0.01 29.88
CA LEU B 63 -65.03 -1.44 30.10
C LEU B 63 -65.67 -2.14 28.90
N ARG B 64 -66.74 -1.58 28.36
CA ARG B 64 -67.38 -2.17 27.20
C ARG B 64 -66.46 -2.16 25.99
N ARG B 65 -65.73 -1.07 25.78
CA ARG B 65 -64.78 -1.00 24.68
C ARG B 65 -63.67 -2.02 24.85
N LEU B 66 -63.16 -2.19 26.08
CA LEU B 66 -62.11 -3.17 26.32
C LEU B 66 -62.61 -4.59 26.08
N GLN B 67 -63.82 -4.89 26.52
CA GLN B 67 -64.38 -6.22 26.30
C GLN B 67 -64.59 -6.49 24.82
N VAL B 68 -65.08 -5.48 24.08
CA VAL B 68 -65.27 -5.63 22.64
C VAL B 68 -63.94 -5.85 21.95
N TYR B 69 -62.90 -5.11 22.37
CA TYR B 69 -61.58 -5.29 21.78
C TYR B 69 -61.02 -6.69 22.05
N LYS B 70 -61.19 -7.18 23.28
CA LYS B 70 -60.71 -8.52 23.60
C LYS B 70 -61.45 -9.58 22.78
N HIS B 71 -62.77 -9.44 22.64
CA HIS B 71 -63.52 -10.41 21.86
C HIS B 71 -63.16 -10.33 20.37
N CYS B 72 -62.89 -9.12 19.86
CA CYS B 72 -62.46 -8.99 18.48
C CYS B 72 -61.09 -9.64 18.27
N VAL B 73 -60.19 -9.49 19.24
CA VAL B 73 -58.89 -10.15 19.16
C VAL B 73 -59.07 -11.67 19.15
N SER B 74 -59.97 -12.17 19.99
CA SER B 74 -60.23 -13.61 19.99
C SER B 74 -60.81 -14.08 18.66
N LEU B 75 -61.74 -13.31 18.10
CA LEU B 75 -62.34 -13.68 16.81
C LEU B 75 -61.30 -13.68 15.70
N VAL B 76 -60.41 -12.69 15.68
CA VAL B 76 -59.34 -12.67 14.69
C VAL B 76 -58.40 -13.84 14.91
N GLU B 77 -58.16 -14.21 16.18
CA GLU B 77 -57.33 -15.36 16.47
C GLU B 77 -57.99 -16.66 16.00
N SER B 78 -59.31 -16.68 15.92
CA SER B 78 -59.99 -17.87 15.39
C SER B 78 -59.61 -18.11 13.93
N GLY B 79 -59.48 -17.04 13.15
CA GLY B 79 -59.08 -17.13 11.76
C GLY B 79 -60.18 -17.46 10.78
N ASP B 80 -61.44 -17.57 11.23
CA ASP B 80 -62.52 -17.89 10.31
C ASP B 80 -62.79 -16.75 9.34
N LEU B 81 -62.61 -15.51 9.78
CA LEU B 81 -62.89 -14.36 8.93
C LEU B 81 -61.89 -14.27 7.79
N HIS B 82 -62.33 -13.66 6.69
CA HIS B 82 -61.48 -13.53 5.52
C HIS B 82 -60.35 -12.55 5.79
N VAL B 83 -59.37 -12.54 4.88
CA VAL B 83 -58.19 -11.69 5.05
C VAL B 83 -58.58 -10.22 5.00
N GLY B 84 -59.42 -9.84 4.04
CA GLY B 84 -59.80 -8.44 3.91
C GLY B 84 -60.59 -7.93 5.10
N LYS B 85 -61.56 -8.72 5.57
CA LYS B 85 -62.35 -8.30 6.72
C LYS B 85 -61.48 -8.16 7.97
N VAL B 86 -60.57 -9.10 8.19
CA VAL B 86 -59.69 -9.04 9.35
C VAL B 86 -58.78 -7.83 9.25
N SER B 87 -58.24 -7.56 8.05
CA SER B 87 -57.36 -6.42 7.88
C SER B 87 -58.10 -5.11 8.12
N GLU B 88 -59.32 -4.99 7.60
CA GLU B 88 -60.10 -3.77 7.82
C GLU B 88 -60.45 -3.59 9.29
N ILE B 89 -60.82 -4.69 9.97
CA ILE B 89 -61.15 -4.61 11.39
C ILE B 89 -59.92 -4.19 12.19
N ILE B 90 -58.76 -4.75 11.86
CA ILE B 90 -57.54 -4.40 12.59
C ILE B 90 -57.18 -2.94 12.35
N GLY B 91 -57.34 -2.46 11.11
CA GLY B 91 -57.08 -1.06 10.83
C GLY B 91 -58.01 -0.13 11.60
N LEU B 92 -59.31 -0.47 11.64
CA LEU B 92 -60.24 0.35 12.39
C LEU B 92 -59.94 0.33 13.88
N LEU B 93 -59.57 -0.83 14.41
CA LEU B 93 -59.22 -0.93 15.82
C LEU B 93 -57.97 -0.11 16.14
N MET B 94 -56.97 -0.16 15.26
CA MET B 94 -55.77 0.64 15.48
C MET B 94 -56.07 2.13 15.42
N LEU B 95 -56.93 2.53 14.48
CA LEU B 95 -57.30 3.95 14.39
C LEU B 95 -58.06 4.40 15.63
N GLU B 96 -58.98 3.57 16.14
CA GLU B 96 -59.78 3.92 17.30
C GLU B 96 -59.00 3.84 18.61
N ALA B 97 -57.93 3.06 18.66
CA ALA B 97 -57.19 2.88 19.91
C ALA B 97 -56.47 4.15 20.37
N ARG B 98 -56.31 5.15 19.49
CA ARG B 98 -55.60 6.36 19.89
C ARG B 98 -56.33 7.11 20.99
N GLN B 99 -57.67 7.15 20.92
CA GLN B 99 -58.46 7.92 21.87
C GLN B 99 -58.69 7.19 23.20
N LEU B 100 -58.36 5.90 23.30
CA LEU B 100 -58.65 5.16 24.50
C LEU B 100 -57.73 5.62 25.64
N PRO B 101 -58.14 5.45 26.90
CA PRO B 101 -57.33 5.95 28.01
C PRO B 101 -56.19 4.98 28.34
N GLY B 102 -55.36 5.39 29.30
CA GLY B 102 -54.18 4.60 29.64
C GLY B 102 -54.53 3.26 30.29
N HIS B 103 -55.56 3.26 31.15
CA HIS B 103 -55.91 2.02 31.86
C HIS B 103 -56.39 0.94 30.90
N ALA B 104 -57.25 1.31 29.94
CA ALA B 104 -57.74 0.33 28.98
C ALA B 104 -56.60 -0.18 28.10
N LEU B 105 -55.68 0.71 27.70
CA LEU B 105 -54.54 0.29 26.89
C LEU B 105 -53.65 -0.68 27.67
N ALA B 106 -53.42 -0.39 28.97
CA ALA B 106 -52.62 -1.29 29.79
C ALA B 106 -53.30 -2.65 29.95
N GLU B 107 -54.62 -2.65 30.14
CA GLU B 107 -55.34 -3.91 30.26
C GLU B 107 -55.27 -4.71 28.97
N LEU B 108 -55.42 -4.03 27.82
CA LEU B 108 -55.31 -4.73 26.54
C LEU B 108 -53.91 -5.27 26.32
N ALA B 109 -52.88 -4.52 26.73
CA ALA B 109 -51.51 -5.00 26.60
C ALA B 109 -51.29 -6.23 27.47
N THR B 110 -51.79 -6.22 28.70
CA THR B 110 -51.65 -7.38 29.57
C THR B 110 -52.39 -8.59 28.99
N LEU B 111 -53.58 -8.37 28.42
CA LEU B 111 -54.32 -9.47 27.80
C LEU B 111 -53.55 -10.02 26.60
N PHE B 112 -52.94 -9.14 25.80
CA PHE B 112 -52.16 -9.60 24.66
C PHE B 112 -50.94 -10.41 25.12
N VAL B 113 -50.29 -9.96 26.20
CA VAL B 113 -49.16 -10.72 26.74
C VAL B 113 -49.63 -12.08 27.24
N GLU B 114 -50.79 -12.14 27.88
CA GLU B 114 -51.33 -13.42 28.34
C GLU B 114 -51.63 -14.34 27.16
N VAL B 115 -52.18 -13.80 26.08
CA VAL B 115 -52.47 -14.60 24.88
C VAL B 115 -51.17 -15.10 24.27
N ILE B 116 -50.14 -14.26 24.24
CA ILE B 116 -48.84 -14.67 23.72
C ILE B 116 -48.27 -15.80 24.57
N LYS B 117 -48.41 -15.70 25.89
CA LYS B 117 -47.97 -16.78 26.77
C LYS B 117 -48.76 -18.06 26.50
N ARG B 118 -50.06 -17.92 26.24
CA ARG B 118 -50.85 -19.09 25.88
C ARG B 118 -50.44 -19.67 24.52
N GLY B 119 -49.90 -18.84 23.64
CA GLY B 119 -49.44 -19.31 22.35
C GLY B 119 -50.54 -19.80 21.43
N SER B 120 -51.66 -19.08 21.37
CA SER B 120 -52.79 -19.41 20.50
C SER B 120 -52.91 -18.44 19.33
N LEU B 121 -51.82 -17.77 18.97
CA LEU B 121 -51.81 -16.77 17.90
C LEU B 121 -51.27 -17.40 16.63
N SER B 122 -51.98 -17.19 15.51
CA SER B 122 -51.58 -17.73 14.22
C SER B 122 -51.80 -16.72 13.09
N ASN B 123 -51.64 -15.43 13.39
CA ASN B 123 -51.76 -14.39 12.38
C ASN B 123 -51.03 -13.15 12.84
N GLY B 124 -50.55 -12.37 11.88
CA GLY B 124 -49.86 -11.13 12.15
C GLY B 124 -50.75 -9.93 12.44
N LYS B 125 -52.07 -10.08 12.31
CA LYS B 125 -52.97 -8.98 12.64
C LYS B 125 -52.89 -8.63 14.12
N SER B 126 -52.84 -9.65 14.98
CA SER B 126 -52.66 -9.41 16.41
C SER B 126 -51.32 -8.74 16.68
N LEU B 127 -50.28 -9.14 15.95
CA LEU B 127 -48.99 -8.49 16.10
C LEU B 127 -49.05 -7.02 15.71
N GLU B 128 -49.75 -6.71 14.61
CA GLU B 128 -49.89 -5.32 14.19
C GLU B 128 -50.68 -4.51 15.23
N LEU B 129 -51.74 -5.10 15.77
CA LEU B 129 -52.53 -4.41 16.80
C LEU B 129 -51.68 -4.14 18.04
N PHE B 130 -50.90 -5.13 18.47
CA PHE B 130 -50.04 -4.94 19.62
C PHE B 130 -48.96 -3.89 19.34
N SER B 131 -48.45 -3.86 18.11
CA SER B 131 -47.47 -2.84 17.74
C SER B 131 -48.09 -1.45 17.80
N THR B 132 -49.31 -1.30 17.30
CA THR B 132 -49.98 0.00 17.36
C THR B 132 -50.24 0.42 18.81
N VAL B 133 -50.66 -0.53 19.65
CA VAL B 133 -50.91 -0.22 21.06
C VAL B 133 -49.61 0.20 21.74
N LEU B 134 -48.51 -0.49 21.46
CA LEU B 134 -47.22 -0.11 22.05
C LEU B 134 -46.78 1.24 21.54
N THR B 135 -47.00 1.53 20.27
CA THR B 135 -46.67 2.85 19.73
C THR B 135 -47.48 3.95 20.39
N ALA B 136 -48.74 3.66 20.76
CA ALA B 136 -49.52 4.63 21.52
C ALA B 136 -48.87 4.89 22.88
N LEU B 137 -48.37 3.84 23.52
CA LEU B 137 -47.65 3.96 24.79
C LEU B 137 -48.52 4.55 25.89
N PHE B 156 -44.77 2.63 31.99
CA PHE B 156 -44.61 1.20 32.26
C PHE B 156 -44.21 0.40 31.02
N LYS B 157 -43.89 1.08 29.92
CA LYS B 157 -43.52 0.37 28.70
C LYS B 157 -42.22 -0.40 28.88
N LYS B 158 -41.25 0.19 29.56
CA LYS B 158 -39.98 -0.50 29.83
C LYS B 158 -40.21 -1.76 30.65
N GLN B 159 -41.06 -1.68 31.67
CA GLN B 159 -41.39 -2.86 32.45
C GLN B 159 -42.12 -3.90 31.61
N LEU B 160 -42.97 -3.44 30.69
CA LEU B 160 -43.69 -4.36 29.81
C LEU B 160 -42.72 -5.15 28.93
N ILE B 161 -41.78 -4.45 28.28
CA ILE B 161 -40.86 -5.17 27.41
C ILE B 161 -39.90 -6.03 28.23
N ASN B 162 -39.56 -5.60 29.45
CA ASN B 162 -38.71 -6.44 30.30
C ASN B 162 -39.43 -7.72 30.69
N THR B 163 -40.71 -7.64 31.04
CA THR B 163 -41.48 -8.83 31.36
C THR B 163 -41.63 -9.72 30.14
N LEU B 164 -41.79 -9.13 28.96
CA LEU B 164 -41.83 -9.92 27.74
C LEU B 164 -40.50 -10.64 27.53
N CYS B 165 -39.39 -9.95 27.79
CA CYS B 165 -38.06 -10.56 27.63
C CYS B 165 -37.88 -11.73 28.59
N SER B 166 -38.33 -11.58 29.83
CA SER B 166 -38.19 -12.68 30.80
C SER B 166 -39.01 -13.90 30.41
N SER B 167 -40.07 -13.73 29.63
CA SER B 167 -40.92 -14.86 29.24
C SER B 167 -40.20 -15.73 28.22
N LYS B 168 -40.74 -16.94 28.05
CA LYS B 168 -40.22 -17.92 27.09
C LYS B 168 -41.06 -17.86 25.82
N TRP B 169 -40.39 -17.79 24.68
CA TRP B 169 -41.08 -17.72 23.40
C TRP B 169 -41.63 -19.08 22.99
N ASP B 170 -42.69 -19.05 22.20
CA ASP B 170 -43.35 -20.23 21.64
C ASP B 170 -42.75 -20.55 20.29
N PRO B 171 -42.24 -21.75 20.01
CA PRO B 171 -41.77 -22.03 18.65
C PRO B 171 -42.91 -22.02 17.64
N GLN B 172 -42.55 -21.74 16.39
CA GLN B 172 -43.43 -21.52 15.23
C GLN B 172 -44.06 -20.13 15.25
N CYS B 173 -43.81 -19.31 16.28
CA CYS B 173 -44.27 -17.91 16.33
C CYS B 173 -43.12 -16.93 16.50
N VAL B 174 -41.86 -17.38 16.35
CA VAL B 174 -40.73 -16.48 16.54
C VAL B 174 -40.68 -15.44 15.43
N ILE B 175 -41.06 -15.83 14.21
CA ILE B 175 -41.05 -14.90 13.09
C ILE B 175 -42.06 -13.78 13.31
N HIS B 176 -43.23 -14.12 13.86
CA HIS B 176 -44.24 -13.10 14.13
C HIS B 176 -43.78 -12.18 15.26
N LEU B 177 -43.10 -12.73 16.26
CA LEU B 177 -42.55 -11.89 17.32
C LEU B 177 -41.51 -10.94 16.76
N ALA B 178 -40.66 -11.41 15.85
CA ALA B 178 -39.68 -10.54 15.21
C ALA B 178 -40.37 -9.47 14.38
N ASN B 179 -41.45 -9.82 13.69
CA ASN B 179 -42.22 -8.84 12.94
C ASN B 179 -42.76 -7.75 13.86
N MET B 180 -43.31 -8.15 15.01
CA MET B 180 -43.81 -7.18 15.97
C MET B 180 -42.69 -6.31 16.51
N PHE B 181 -41.52 -6.91 16.77
CA PHE B 181 -40.41 -6.14 17.34
C PHE B 181 -39.86 -5.13 16.34
N ARG B 182 -39.74 -5.50 15.06
CA ARG B 182 -39.32 -4.51 14.07
C ARG B 182 -40.42 -3.47 13.85
N ASP B 183 -41.68 -3.83 14.09
CA ASP B 183 -42.74 -2.84 14.04
C ASP B 183 -42.55 -1.75 15.09
N ILE B 184 -42.15 -2.11 16.30
CA ILE B 184 -41.91 -1.14 17.37
C ILE B 184 -40.53 -1.38 17.95
N PRO B 185 -39.54 -0.53 17.63
CA PRO B 185 -38.17 -0.78 18.10
C PRO B 185 -38.05 -0.64 19.61
N LEU B 186 -37.13 -1.42 20.16
CA LEU B 186 -36.87 -1.45 21.60
C LEU B 186 -35.67 -0.57 21.94
N SER B 187 -35.27 -0.61 23.21
CA SER B 187 -34.16 0.21 23.70
C SER B 187 -32.83 -0.49 23.45
N GLY B 188 -31.74 0.16 23.87
CA GLY B 188 -30.42 -0.40 23.66
C GLY B 188 -30.14 -1.64 24.49
N GLU B 189 -30.58 -1.64 25.75
CA GLU B 189 -30.34 -2.76 26.65
C GLU B 189 -31.35 -3.89 26.46
N GLU B 190 -32.62 -3.57 26.24
CA GLU B 190 -33.62 -4.60 25.99
C GLU B 190 -33.33 -5.34 24.70
N LEU B 191 -32.91 -4.62 23.66
CA LEU B 191 -32.64 -5.25 22.37
C LEU B 191 -31.47 -6.23 22.46
N GLN B 192 -30.47 -5.91 23.28
CA GLN B 192 -29.36 -6.85 23.50
C GLN B 192 -29.87 -8.16 24.10
N PHE B 193 -30.75 -8.07 25.10
CA PHE B 193 -31.34 -9.27 25.68
C PHE B 193 -32.20 -10.00 24.67
N VAL B 194 -32.90 -9.26 23.81
CA VAL B 194 -33.75 -9.88 22.79
C VAL B 194 -32.91 -10.70 21.83
N VAL B 195 -31.84 -10.11 21.29
CA VAL B 195 -31.02 -10.84 20.33
C VAL B 195 -30.31 -12.00 21.01
N GLU B 196 -29.88 -11.82 22.27
CA GLU B 196 -29.26 -12.93 22.99
C GLU B 196 -30.23 -14.08 23.19
N LYS B 197 -31.47 -13.77 23.58
CA LYS B 197 -32.44 -14.83 23.86
C LYS B 197 -32.82 -15.57 22.58
N VAL B 198 -33.13 -14.83 21.51
CA VAL B 198 -33.51 -15.50 20.27
C VAL B 198 -32.33 -16.23 19.67
N LEU B 199 -31.10 -15.75 19.88
CA LEU B 199 -29.93 -16.54 19.50
C LEU B 199 -29.87 -17.83 20.28
N ARG B 200 -30.21 -17.78 21.57
CA ARG B 200 -30.32 -19.01 22.35
C ARG B 200 -31.45 -19.91 21.82
N MET B 201 -32.49 -19.31 21.24
CA MET B 201 -33.68 -20.05 20.80
C MET B 201 -33.47 -20.64 19.40
N PHE B 202 -32.52 -21.56 19.31
CA PHE B 202 -32.32 -22.39 18.12
C PHE B 202 -32.33 -23.86 18.53
N GLN B 208 -35.42 -25.37 7.71
CA GLN B 208 -36.67 -25.02 7.05
C GLN B 208 -36.98 -23.55 7.23
N GLU B 209 -37.39 -23.17 8.43
CA GLU B 209 -37.75 -21.80 8.76
C GLU B 209 -36.55 -20.92 9.09
N ILE B 210 -35.33 -21.44 9.00
CA ILE B 210 -34.14 -20.69 9.38
C ILE B 210 -33.88 -19.50 8.45
N PRO B 211 -33.94 -19.63 7.13
CA PRO B 211 -33.60 -18.46 6.27
C PRO B 211 -34.53 -17.27 6.47
N PRO B 212 -35.86 -17.44 6.46
CA PRO B 212 -36.73 -16.28 6.77
C PRO B 212 -36.49 -15.71 8.15
N LEU B 213 -36.22 -16.58 9.13
CA LEU B 213 -36.04 -16.13 10.50
C LEU B 213 -34.78 -15.27 10.61
N VAL B 214 -33.66 -15.76 10.07
CA VAL B 214 -32.42 -15.00 10.13
C VAL B 214 -32.48 -13.79 9.21
N TYR B 215 -33.32 -13.80 8.17
CA TYR B 215 -33.53 -12.58 7.39
C TYR B 215 -34.22 -11.51 8.24
N GLN B 216 -35.23 -11.92 9.02
CA GLN B 216 -35.87 -10.99 9.94
C GLN B 216 -34.88 -10.47 10.96
N LEU B 217 -34.03 -11.35 11.50
CA LEU B 217 -33.00 -10.89 12.44
C LEU B 217 -32.00 -9.98 11.76
N LEU B 218 -31.69 -10.22 10.48
CA LEU B 218 -30.78 -9.33 9.76
C LEU B 218 -31.36 -7.93 9.65
N LEU B 219 -32.65 -7.83 9.35
CA LEU B 219 -33.29 -6.52 9.32
C LEU B 219 -33.31 -5.88 10.72
N LEU B 220 -33.63 -6.67 11.74
CA LEU B 220 -33.68 -6.14 13.10
C LEU B 220 -32.31 -5.64 13.54
N SER B 221 -31.25 -6.37 13.18
CA SER B 221 -29.90 -5.98 13.53
C SER B 221 -29.38 -4.83 12.68
N ALA B 222 -29.89 -4.67 11.46
CA ALA B 222 -29.68 -3.42 10.76
C ALA B 222 -30.30 -2.27 11.55
N LYS B 223 -31.44 -2.53 12.18
CA LYS B 223 -31.93 -1.60 13.20
C LYS B 223 -31.06 -1.62 14.44
N GLY B 224 -30.66 -2.83 14.89
CA GLY B 224 -29.93 -3.01 16.13
C GLY B 224 -28.43 -3.21 15.97
N SER B 225 -27.90 -4.25 16.62
CA SER B 225 -26.46 -4.54 16.64
C SER B 225 -26.18 -5.71 15.70
N LYS B 226 -25.40 -5.44 14.65
CA LYS B 226 -25.10 -6.45 13.64
C LYS B 226 -24.01 -7.43 14.11
N LYS B 227 -23.03 -6.94 14.87
CA LYS B 227 -21.88 -7.77 15.22
C LYS B 227 -22.27 -8.96 16.07
N THR B 228 -23.19 -8.75 17.02
CA THR B 228 -23.59 -9.83 17.92
C THR B 228 -24.28 -10.95 17.15
N VAL B 229 -25.23 -10.60 16.29
CA VAL B 229 -25.95 -11.62 15.55
C VAL B 229 -25.03 -12.30 14.54
N LEU B 230 -24.10 -11.55 13.94
CA LEU B 230 -23.16 -12.15 13.00
C LEU B 230 -22.28 -13.18 13.71
N GLU B 231 -21.76 -12.82 14.89
CA GLU B 231 -20.96 -13.76 15.66
C GLU B 231 -21.78 -14.97 16.06
N GLY B 232 -23.03 -14.75 16.49
CA GLY B 232 -23.86 -15.86 16.92
C GLY B 232 -24.14 -16.85 15.80
N ILE B 233 -24.53 -16.34 14.62
CA ILE B 233 -24.87 -17.23 13.52
C ILE B 233 -23.62 -17.93 12.99
N ILE B 234 -22.49 -17.21 12.92
CA ILE B 234 -21.26 -17.84 12.43
C ILE B 234 -20.83 -18.95 13.38
N SER B 235 -20.87 -18.68 14.69
CA SER B 235 -20.52 -19.71 15.66
C SER B 235 -21.46 -20.89 15.59
N PHE B 236 -22.78 -20.63 15.50
CA PHE B 236 -23.77 -21.70 15.44
C PHE B 236 -23.54 -22.61 14.25
N PHE B 237 -23.28 -22.02 13.08
CA PHE B 237 -22.94 -22.85 11.92
C PHE B 237 -21.61 -23.56 12.12
N ASN B 238 -20.70 -22.98 12.92
CA ASN B 238 -19.43 -23.65 13.17
C ASN B 238 -19.64 -24.93 13.98
N GLN B 239 -20.42 -24.87 15.06
CA GLN B 239 -20.68 -26.13 15.77
C GLN B 239 -21.54 -27.08 14.94
N LEU B 240 -22.40 -26.56 14.05
CA LEU B 240 -23.13 -27.46 13.17
C LEU B 240 -22.17 -28.24 12.28
N ASP B 241 -21.21 -27.55 11.67
CA ASP B 241 -20.22 -28.23 10.83
C ASP B 241 -19.36 -29.19 11.65
N LYS B 242 -19.00 -28.79 12.87
CA LYS B 242 -18.21 -29.67 13.73
C LYS B 242 -18.98 -30.95 14.06
N ARG B 243 -20.27 -30.81 14.35
CA ARG B 243 -21.11 -31.99 14.57
C ARG B 243 -21.17 -32.85 13.31
N GLN B 244 -21.29 -32.22 12.15
CA GLN B 244 -21.25 -32.97 10.89
C GLN B 244 -19.91 -33.63 10.64
N LYS B 245 -18.84 -33.18 11.30
CA LYS B 245 -17.51 -33.73 11.07
C LYS B 245 -17.42 -35.21 11.46
N GLU B 246 -18.25 -35.66 12.40
CA GLU B 246 -18.23 -37.05 12.83
C GLU B 246 -18.62 -37.99 11.69
N LEU B 263 -26.90 -33.92 5.41
CA LEU B 263 -25.83 -33.00 5.04
C LEU B 263 -26.23 -32.18 3.81
N ASP B 264 -26.88 -32.84 2.86
CA ASP B 264 -27.32 -32.15 1.65
C ASP B 264 -28.33 -31.05 1.98
N GLN B 265 -29.29 -31.35 2.85
CA GLN B 265 -30.21 -30.33 3.31
C GLN B 265 -29.49 -29.24 4.08
N LEU B 266 -28.50 -29.63 4.89
CA LEU B 266 -27.71 -28.65 5.62
C LEU B 266 -26.95 -27.74 4.66
N ARG B 267 -26.36 -28.33 3.62
CA ARG B 267 -25.64 -27.51 2.64
C ARG B 267 -26.58 -26.59 1.88
N HIS B 268 -27.78 -27.07 1.54
CA HIS B 268 -28.76 -26.21 0.88
C HIS B 268 -29.16 -25.05 1.78
N VAL B 269 -29.37 -25.33 3.07
CA VAL B 269 -29.70 -24.27 4.02
C VAL B 269 -28.56 -23.26 4.11
N GLU B 270 -27.32 -23.76 4.15
CA GLU B 270 -26.15 -22.88 4.21
C GLU B 270 -26.09 -21.99 2.98
N GLY B 271 -26.29 -22.56 1.80
CA GLY B 271 -26.27 -21.76 0.58
C GLY B 271 -27.36 -20.70 0.56
N THR B 272 -28.57 -21.08 0.98
CA THR B 272 -29.66 -20.11 1.02
C THR B 272 -29.36 -18.97 1.98
N VAL B 273 -28.87 -19.29 3.18
CA VAL B 273 -28.68 -18.23 4.17
C VAL B 273 -27.53 -17.31 3.77
N ILE B 274 -26.44 -17.87 3.22
CA ILE B 274 -25.38 -16.97 2.76
C ILE B 274 -25.86 -16.14 1.58
N LEU B 275 -26.76 -16.67 0.75
CA LEU B 275 -27.33 -15.86 -0.33
C LEU B 275 -28.12 -14.68 0.24
N HIS B 276 -28.95 -14.93 1.26
CA HIS B 276 -29.67 -13.81 1.90
C HIS B 276 -28.70 -12.81 2.52
N ILE B 277 -27.65 -13.29 3.17
CA ILE B 277 -26.72 -12.37 3.83
C ILE B 277 -25.99 -11.51 2.81
N VAL B 278 -25.50 -12.11 1.72
CA VAL B 278 -24.77 -11.30 0.73
C VAL B 278 -25.72 -10.34 0.03
N SER B 279 -26.96 -10.75 -0.22
CA SER B 279 -27.93 -9.83 -0.81
C SER B 279 -28.20 -8.65 0.11
N ALA B 280 -28.38 -8.91 1.41
CA ALA B 280 -28.62 -7.83 2.36
C ALA B 280 -27.41 -6.90 2.47
N ILE B 281 -26.21 -7.48 2.48
CA ILE B 281 -25.00 -6.66 2.59
C ILE B 281 -24.82 -5.81 1.33
N ASN B 282 -25.18 -6.35 0.17
CA ASN B 282 -25.17 -5.53 -1.05
C ASN B 282 -26.19 -4.40 -0.94
N LEU B 283 -27.37 -4.69 -0.37
CA LEU B 283 -28.36 -3.65 -0.17
C LEU B 283 -27.87 -2.59 0.81
N ASP B 284 -27.20 -3.00 1.88
CA ASP B 284 -26.67 -2.10 2.91
C ASP B 284 -25.20 -2.43 3.11
N GLN B 285 -24.32 -1.60 2.53
CA GLN B 285 -22.89 -1.88 2.55
C GLN B 285 -22.20 -1.45 3.84
N ASP B 286 -22.88 -0.68 4.69
CA ASP B 286 -22.24 -0.22 5.92
C ASP B 286 -21.91 -1.36 6.88
N ILE B 287 -22.61 -2.49 6.78
CA ILE B 287 -22.38 -3.61 7.70
C ILE B 287 -21.01 -4.24 7.44
N GLY B 288 -20.50 -4.12 6.22
CA GLY B 288 -19.26 -4.81 5.86
C GLY B 288 -18.06 -4.29 6.64
N GLU B 289 -18.00 -2.98 6.87
CA GLU B 289 -16.88 -2.42 7.63
C GLU B 289 -16.87 -2.95 9.06
N GLU B 290 -18.03 -3.00 9.71
CA GLU B 290 -18.11 -3.56 11.05
C GLU B 290 -17.77 -5.04 11.06
N LEU B 291 -18.20 -5.77 10.02
CA LEU B 291 -17.88 -7.19 9.94
C LEU B 291 -16.38 -7.41 9.82
N ILE B 292 -15.71 -6.61 8.97
CA ILE B 292 -14.26 -6.74 8.83
C ILE B 292 -13.56 -6.34 10.11
N LYS B 293 -14.07 -5.32 10.81
CA LYS B 293 -13.48 -4.95 12.09
C LYS B 293 -13.61 -6.09 13.11
N HIS B 294 -14.77 -6.75 13.12
CA HIS B 294 -14.96 -7.89 14.02
C HIS B 294 -14.01 -9.02 13.68
N LEU B 295 -13.81 -9.29 12.40
CA LEU B 295 -12.91 -10.37 12.01
C LEU B 295 -11.47 -10.02 12.33
N LYS B 296 -11.09 -8.75 12.17
CA LYS B 296 -9.75 -8.33 12.57
C LYS B 296 -9.54 -8.49 14.06
N THR B 297 -10.57 -8.14 14.85
CA THR B 297 -10.47 -8.34 16.30
C THR B 297 -10.35 -9.81 16.64
N GLU B 298 -11.10 -10.68 15.96
CA GLU B 298 -11.00 -12.11 16.21
C GLU B 298 -9.62 -12.64 15.84
N GLN B 299 -9.08 -12.19 14.72
CA GLN B 299 -7.74 -12.61 14.31
C GLN B 299 -6.68 -12.14 15.29
N GLN B 300 -6.84 -10.94 15.84
CA GLN B 300 -5.94 -10.48 16.90
C GLN B 300 -6.09 -11.33 18.15
N LYS B 301 -7.32 -11.67 18.53
CA LYS B 301 -7.57 -12.34 19.81
C LYS B 301 -7.14 -13.81 19.79
N ASP B 302 -7.24 -14.47 18.65
CA ASP B 302 -6.95 -15.90 18.55
C ASP B 302 -5.97 -16.12 17.42
N PRO B 303 -5.17 -17.17 17.49
CA PRO B 303 -4.16 -17.46 16.46
C PRO B 303 -4.77 -18.13 15.23
N GLY B 304 -5.35 -17.30 14.35
CA GLY B 304 -6.05 -17.81 13.21
C GLY B 304 -7.42 -18.39 13.49
N LYS B 305 -7.93 -18.25 14.73
CA LYS B 305 -9.24 -18.74 15.05
C LYS B 305 -10.31 -17.90 14.35
N ALA B 306 -11.56 -18.38 14.41
CA ALA B 306 -12.71 -17.76 13.78
C ALA B 306 -12.64 -17.77 12.26
N LEU B 307 -11.79 -18.61 11.66
CA LEU B 307 -11.70 -18.80 10.22
C LEU B 307 -12.07 -20.25 9.94
N CYS B 308 -13.36 -20.49 9.80
CA CYS B 308 -13.95 -21.80 9.53
C CYS B 308 -14.51 -21.82 8.11
N PRO B 309 -14.89 -23.01 7.60
CA PRO B 309 -15.39 -23.08 6.21
C PRO B 309 -16.59 -22.20 5.92
N PHE B 310 -17.54 -22.11 6.86
CA PHE B 310 -18.69 -21.23 6.64
C PHE B 310 -18.27 -19.77 6.58
N SER B 311 -17.37 -19.35 7.47
CA SER B 311 -16.96 -17.95 7.51
C SER B 311 -16.21 -17.57 6.23
N VAL B 312 -15.28 -18.41 5.80
CA VAL B 312 -14.54 -18.09 4.58
C VAL B 312 -15.45 -18.17 3.36
N SER B 313 -16.43 -19.07 3.36
CA SER B 313 -17.39 -19.09 2.25
C SER B 313 -18.18 -17.79 2.20
N LEU B 314 -18.61 -17.29 3.36
CA LEU B 314 -19.33 -16.02 3.41
C LEU B 314 -18.44 -14.89 2.93
N LEU B 315 -17.16 -14.91 3.31
CA LEU B 315 -16.24 -13.86 2.88
C LEU B 315 -16.03 -13.89 1.37
N LEU B 316 -15.89 -15.08 0.79
CA LEU B 316 -15.68 -15.19 -0.65
C LEU B 316 -16.94 -14.78 -1.41
N SER B 317 -18.11 -15.04 -0.85
CA SER B 317 -19.34 -14.67 -1.53
C SER B 317 -19.50 -13.16 -1.72
N THR B 318 -18.88 -12.36 -0.85
CA THR B 318 -19.04 -10.90 -0.88
C THR B 318 -17.97 -10.26 -1.78
N ALA B 319 -17.02 -11.07 -2.28
CA ALA B 319 -15.85 -10.53 -2.97
C ALA B 319 -16.05 -10.55 -4.48
N VAL B 320 -17.29 -10.40 -4.95
CA VAL B 320 -17.60 -10.41 -6.37
C VAL B 320 -18.10 -9.06 -6.86
N LYS B 321 -18.75 -8.26 -6.00
CA LYS B 321 -19.35 -7.00 -6.41
C LYS B 321 -18.44 -5.79 -6.14
N HIS B 322 -17.13 -6.02 -5.96
CA HIS B 322 -16.17 -4.93 -5.75
C HIS B 322 -16.47 -4.12 -4.49
N ARG B 323 -17.07 -4.76 -3.48
CA ARG B 323 -17.38 -4.09 -2.22
C ARG B 323 -16.16 -4.20 -1.30
N LEU B 324 -15.09 -3.53 -1.70
CA LEU B 324 -13.81 -3.57 -0.97
C LEU B 324 -13.13 -4.93 -1.12
N GLN B 325 -13.24 -5.52 -2.32
CA GLN B 325 -12.68 -6.86 -2.54
C GLN B 325 -11.15 -6.85 -2.39
N GLU B 326 -10.50 -5.74 -2.71
CA GLU B 326 -9.06 -5.64 -2.52
C GLU B 326 -8.71 -5.79 -1.04
N GLN B 327 -9.52 -5.20 -0.16
CA GLN B 327 -9.31 -5.37 1.27
C GLN B 327 -9.47 -6.83 1.67
N ILE B 328 -10.45 -7.52 1.07
CA ILE B 328 -10.68 -8.92 1.39
C ILE B 328 -9.47 -9.75 1.00
N PHE B 329 -8.96 -9.53 -0.22
CA PHE B 329 -7.80 -10.30 -0.68
C PHE B 329 -6.56 -9.99 0.15
N ASP B 330 -6.37 -8.73 0.52
CA ASP B 330 -5.21 -8.37 1.35
C ASP B 330 -5.30 -9.05 2.71
N PHE B 331 -6.48 -9.03 3.33
CA PHE B 331 -6.65 -9.67 4.63
C PHE B 331 -6.41 -11.17 4.55
N LEU B 332 -6.95 -11.83 3.53
CA LEU B 332 -6.74 -13.26 3.38
C LEU B 332 -5.27 -13.58 3.14
N LYS B 333 -4.59 -12.77 2.31
CA LYS B 333 -3.19 -13.03 2.01
C LYS B 333 -2.32 -12.89 3.24
N THR B 334 -2.51 -11.80 4.01
CA THR B 334 -1.68 -11.62 5.19
C THR B 334 -1.96 -12.69 6.23
N SER B 335 -3.22 -13.11 6.38
CA SER B 335 -3.53 -14.19 7.32
C SER B 335 -2.87 -15.49 6.89
N ILE B 336 -2.90 -15.80 5.60
CA ILE B 336 -2.31 -17.04 5.11
C ILE B 336 -0.80 -17.04 5.33
N THR B 337 -0.14 -15.92 5.01
CA THR B 337 1.31 -15.84 5.20
C THR B 337 1.67 -15.97 6.67
N ARG B 338 0.88 -15.33 7.56
CA ARG B 338 1.17 -15.45 8.99
C ARG B 338 1.01 -16.89 9.46
N SER B 339 -0.05 -17.57 9.02
CA SER B 339 -0.25 -18.96 9.43
C SER B 339 0.88 -19.85 8.94
N CYS B 340 1.30 -19.66 7.69
CA CYS B 340 2.39 -20.48 7.15
C CYS B 340 3.70 -20.22 7.89
N LYS B 341 4.00 -18.96 8.18
CA LYS B 341 5.24 -18.63 8.89
C LYS B 341 5.21 -19.20 10.31
N ASP B 342 4.06 -19.12 10.98
CA ASP B 342 3.95 -19.69 12.32
C ASP B 342 4.18 -21.19 12.30
N LEU B 343 3.58 -21.88 11.33
CA LEU B 343 3.81 -23.32 11.22
C LEU B 343 5.26 -23.65 10.94
N GLN B 344 5.90 -22.85 10.07
CA GLN B 344 7.30 -23.07 9.73
C GLN B 344 8.19 -22.91 10.96
N ILE B 345 7.93 -21.87 11.76
CA ILE B 345 8.73 -21.65 12.96
C ILE B 345 8.48 -22.77 13.96
N LEU B 346 7.22 -23.22 14.08
CA LEU B 346 6.91 -24.26 15.07
C LEU B 346 7.54 -25.59 14.70
N GLN B 347 7.65 -25.88 13.40
CA GLN B 347 8.21 -27.17 12.98
C GLN B 347 9.70 -27.29 13.29
N ALA B 348 10.41 -26.18 13.50
CA ALA B 348 11.86 -26.22 13.60
C ALA B 348 12.33 -26.81 14.92
N SER B 349 11.68 -26.45 16.03
CA SER B 349 12.14 -26.75 17.38
C SER B 349 11.12 -27.59 18.12
N LYS B 350 11.62 -28.59 18.87
CA LYS B 350 10.74 -29.41 19.70
C LYS B 350 10.33 -28.71 20.98
N PHE B 351 11.13 -27.74 21.45
CA PHE B 351 10.78 -27.03 22.68
C PHE B 351 9.48 -26.25 22.50
N LEU B 352 9.31 -25.61 21.34
CA LEU B 352 8.02 -25.00 21.02
C LEU B 352 6.91 -26.03 20.92
N GLN B 353 7.19 -27.18 20.30
CA GLN B 353 6.15 -28.18 20.09
C GLN B 353 5.66 -28.77 21.41
N ASP B 354 6.51 -28.82 22.43
CA ASP B 354 6.07 -29.35 23.71
C ASP B 354 5.04 -28.43 24.37
N LEU B 355 5.22 -27.12 24.25
CA LEU B 355 4.37 -26.16 24.97
C LEU B 355 3.14 -25.76 24.18
N CYS B 356 3.27 -25.59 22.86
CA CYS B 356 2.20 -25.07 22.01
C CYS B 356 1.74 -26.13 21.01
N PRO B 357 1.10 -27.22 21.47
CA PRO B 357 0.79 -28.33 20.57
C PRO B 357 -0.19 -27.98 19.45
N GLN B 358 -1.17 -27.13 19.74
CA GLN B 358 -2.21 -26.83 18.75
C GLN B 358 -1.63 -26.01 17.60
N GLN B 359 -2.25 -26.14 16.43
CA GLN B 359 -1.86 -25.39 15.25
C GLN B 359 -3.07 -25.19 14.36
N TYR B 360 -3.28 -23.95 13.92
CA TYR B 360 -4.41 -23.59 13.06
C TYR B 360 -3.90 -23.49 11.63
N ASP B 361 -3.86 -24.55 10.90
CA ASP B 361 -3.41 -24.55 9.48
C ASP B 361 -4.57 -24.02 8.63
N VAL B 362 -4.45 -22.93 7.99
CA VAL B 362 -5.47 -22.24 7.20
C VAL B 362 -5.61 -22.87 5.81
N THR B 363 -4.54 -23.49 5.30
CA THR B 363 -4.64 -24.16 4.01
C THR B 363 -5.63 -25.32 4.05
N ALA B 364 -5.76 -25.98 5.21
CA ALA B 364 -6.72 -27.07 5.34
C ALA B 364 -8.14 -26.58 5.11
N VAL B 365 -8.53 -25.47 5.75
CA VAL B 365 -9.88 -24.95 5.57
C VAL B 365 -10.05 -24.38 4.17
N ILE B 366 -9.02 -23.75 3.61
CA ILE B 366 -9.16 -23.21 2.26
C ILE B 366 -9.31 -24.32 1.23
N LEU B 367 -8.74 -25.50 1.50
CA LEU B 367 -8.99 -26.66 0.64
C LEU B 367 -10.35 -27.28 0.93
N GLU B 368 -10.79 -27.28 2.19
CA GLU B 368 -12.06 -27.91 2.53
C GLU B 368 -13.25 -27.15 1.96
N VAL B 369 -13.14 -25.82 1.88
CA VAL B 369 -14.24 -25.05 1.31
C VAL B 369 -14.42 -25.34 -0.18
N VAL B 370 -13.40 -25.87 -0.86
CA VAL B 370 -13.58 -26.30 -2.25
C VAL B 370 -14.60 -27.43 -2.31
N LYS B 371 -14.41 -28.46 -1.47
CA LYS B 371 -15.39 -29.55 -1.41
C LYS B 371 -16.73 -29.07 -0.88
N ASN B 372 -16.72 -28.14 0.07
CA ASN B 372 -17.98 -27.62 0.61
C ASN B 372 -18.77 -26.86 -0.44
N SER B 373 -18.07 -26.18 -1.36
CA SER B 373 -18.71 -25.35 -2.37
C SER B 373 -19.04 -26.10 -3.66
N ALA B 374 -18.86 -27.42 -3.69
CA ALA B 374 -19.16 -28.20 -4.89
C ALA B 374 -20.60 -28.69 -4.96
N PHE B 375 -21.50 -28.17 -4.11
CA PHE B 375 -22.90 -28.59 -4.07
C PHE B 375 -23.83 -27.63 -4.78
N GLY B 376 -23.29 -26.60 -5.47
CA GLY B 376 -24.08 -25.75 -6.34
C GLY B 376 -24.09 -24.28 -5.99
N TRP B 377 -23.26 -23.86 -5.03
CA TRP B 377 -23.21 -22.45 -4.68
C TRP B 377 -22.59 -21.65 -5.82
N ASP B 378 -23.10 -20.44 -6.04
CA ASP B 378 -22.71 -19.63 -7.19
C ASP B 378 -21.68 -18.56 -6.85
N HIS B 379 -22.00 -17.67 -5.90
CA HIS B 379 -21.08 -16.58 -5.56
C HIS B 379 -19.80 -17.11 -4.91
N VAL B 380 -19.92 -18.20 -4.16
CA VAL B 380 -18.77 -18.76 -3.44
C VAL B 380 -17.69 -19.20 -4.42
N THR B 381 -18.08 -19.90 -5.48
CA THR B 381 -17.09 -20.36 -6.46
C THR B 381 -16.48 -19.19 -7.21
N GLN B 382 -17.27 -18.15 -7.50
CA GLN B 382 -16.73 -16.97 -8.18
C GLN B 382 -15.67 -16.29 -7.33
N GLY B 383 -15.96 -16.06 -6.05
CA GLY B 383 -14.97 -15.48 -5.17
C GLY B 383 -13.76 -16.37 -4.97
N LEU B 384 -13.98 -17.68 -4.92
CA LEU B 384 -12.87 -18.62 -4.78
C LEU B 384 -11.93 -18.55 -5.97
N VAL B 385 -12.49 -18.52 -7.18
CA VAL B 385 -11.67 -18.42 -8.38
C VAL B 385 -10.96 -17.08 -8.42
N ASP B 386 -11.63 -16.01 -7.98
CA ASP B 386 -10.98 -14.70 -7.95
C ASP B 386 -9.79 -14.70 -7.01
N LEU B 387 -9.93 -15.27 -5.81
CA LEU B 387 -8.80 -15.37 -4.89
C LEU B 387 -7.69 -16.23 -5.46
N GLY B 388 -8.05 -17.36 -6.08
CA GLY B 388 -7.05 -18.25 -6.63
C GLY B 388 -6.25 -17.59 -7.73
N PHE B 389 -6.90 -16.80 -8.58
CA PHE B 389 -6.17 -16.08 -9.61
C PHE B 389 -5.31 -14.98 -9.00
N SER B 390 -5.87 -14.22 -8.04
CA SER B 390 -5.13 -13.10 -7.47
C SER B 390 -3.90 -13.54 -6.70
N LEU B 391 -3.91 -14.76 -6.15
CA LEU B 391 -2.74 -15.25 -5.45
C LEU B 391 -1.52 -15.37 -6.37
N MET B 392 -1.75 -15.66 -7.66
CA MET B 392 -0.64 -15.76 -8.60
C MET B 392 0.06 -14.42 -8.76
N GLU B 393 -0.71 -13.35 -8.95
CA GLU B 393 -0.10 -12.02 -9.03
C GLU B 393 0.50 -11.59 -7.69
N SER B 394 -0.12 -12.00 -6.58
CA SER B 394 0.43 -11.65 -5.27
C SER B 394 1.79 -12.28 -5.05
N TYR B 395 1.95 -13.54 -5.43
CA TYR B 395 3.24 -14.22 -5.25
C TYR B 395 4.32 -13.59 -6.11
N GLU B 396 4.00 -13.27 -7.36
CA GLU B 396 4.98 -12.70 -8.28
C GLU B 396 6.02 -13.74 -8.67
N MET B 415 10.45 -20.63 1.14
CA MET B 415 9.89 -19.31 0.91
C MET B 415 8.36 -19.36 0.89
N PRO B 416 7.72 -18.48 1.64
CA PRO B 416 6.24 -18.49 1.68
C PRO B 416 5.60 -18.16 0.34
N ALA B 417 6.28 -17.40 -0.52
CA ALA B 417 5.71 -17.06 -1.82
C ALA B 417 5.51 -18.29 -2.68
N GLN B 418 6.48 -19.22 -2.65
CA GLN B 418 6.32 -20.47 -3.38
C GLN B 418 5.15 -21.27 -2.82
N GLN B 419 4.96 -21.24 -1.51
CA GLN B 419 3.82 -21.90 -0.90
C GLN B 419 2.51 -21.30 -1.40
N ALA B 420 2.45 -19.97 -1.48
CA ALA B 420 1.24 -19.32 -1.98
C ALA B 420 0.98 -19.67 -3.44
N CYS B 421 2.03 -19.71 -4.27
CA CYS B 421 1.84 -20.07 -5.67
C CYS B 421 1.35 -21.51 -5.82
N LYS B 422 1.94 -22.44 -5.07
CA LYS B 422 1.47 -23.82 -5.09
C LYS B 422 0.04 -23.92 -4.61
N LEU B 423 -0.31 -23.08 -3.62
CA LEU B 423 -1.68 -23.04 -3.03
C LEU B 423 -2.66 -22.55 -4.09
N GLY B 424 -2.29 -21.58 -4.93
CA GLY B 424 -3.15 -21.11 -6.01
C GLY B 424 -3.29 -22.16 -7.11
N ALA B 425 -2.20 -22.82 -7.45
CA ALA B 425 -2.27 -23.88 -8.46
C ALA B 425 -3.18 -25.01 -8.00
N SER B 426 -3.07 -25.40 -6.74
CA SER B 426 -3.92 -26.47 -6.21
C SER B 426 -5.39 -26.08 -6.22
N ILE B 427 -5.70 -24.83 -5.83
CA ILE B 427 -7.09 -24.37 -5.83
C ILE B 427 -7.65 -24.37 -7.25
N LEU B 428 -6.88 -23.87 -8.21
CA LEU B 428 -7.38 -23.85 -9.59
C LEU B 428 -7.57 -25.27 -10.13
N LEU B 429 -6.65 -26.18 -9.84
CA LEU B 429 -6.82 -27.56 -10.28
C LEU B 429 -8.05 -28.19 -9.65
N GLU B 430 -8.27 -27.97 -8.35
CA GLU B 430 -9.40 -28.57 -7.67
C GLU B 430 -10.72 -28.01 -8.19
N THR B 431 -10.81 -26.69 -8.36
CA THR B 431 -12.07 -26.10 -8.80
C THR B 431 -12.35 -26.40 -10.26
N PHE B 432 -11.31 -26.66 -11.07
CA PHE B 432 -11.57 -27.17 -12.41
C PHE B 432 -12.06 -28.60 -12.36
N LYS B 433 -11.46 -29.43 -11.49
CA LYS B 433 -11.89 -30.82 -11.39
C LYS B 433 -13.31 -30.94 -10.84
N VAL B 434 -13.76 -29.97 -10.07
CA VAL B 434 -15.07 -30.05 -9.43
C VAL B 434 -16.15 -29.38 -10.28
N HIS B 435 -15.99 -28.10 -10.60
CA HIS B 435 -17.03 -27.33 -11.29
C HIS B 435 -17.08 -27.75 -12.75
N GLU B 436 -17.97 -28.71 -13.04
CA GLU B 436 -18.14 -29.17 -14.42
C GLU B 436 -18.67 -28.07 -15.34
N PRO B 437 -19.72 -27.33 -15.01
CA PRO B 437 -20.19 -26.29 -15.96
C PRO B 437 -19.21 -25.14 -16.18
N ILE B 438 -18.25 -24.94 -15.29
CA ILE B 438 -17.41 -23.74 -15.31
C ILE B 438 -16.06 -23.99 -15.97
N ARG B 439 -15.96 -25.03 -16.81
CA ARG B 439 -14.69 -25.36 -17.43
C ARG B 439 -14.26 -24.28 -18.41
N SER B 440 -15.19 -23.80 -19.24
CA SER B 440 -14.85 -22.87 -20.31
C SER B 440 -14.35 -21.53 -19.76
N ASP B 441 -14.97 -21.04 -18.68
CA ASP B 441 -14.55 -19.77 -18.11
C ASP B 441 -13.13 -19.85 -17.57
N ILE B 442 -12.80 -20.94 -16.88
CA ILE B 442 -11.44 -21.12 -16.37
C ILE B 442 -10.45 -21.24 -17.52
N LEU B 443 -10.80 -22.00 -18.56
CA LEU B 443 -9.89 -22.15 -19.69
C LEU B 443 -9.63 -20.82 -20.37
N GLU B 444 -10.69 -20.03 -20.59
CA GLU B 444 -10.51 -18.72 -21.21
C GLU B 444 -9.68 -17.79 -20.34
N GLN B 445 -9.93 -17.80 -19.02
CA GLN B 445 -9.21 -16.91 -18.13
C GLN B 445 -7.73 -17.24 -18.10
N VAL B 446 -7.38 -18.52 -17.94
CA VAL B 446 -5.96 -18.89 -17.86
C VAL B 446 -5.30 -18.68 -19.22
N LEU B 447 -6.00 -18.95 -20.32
CA LEU B 447 -5.40 -18.71 -21.63
C LEU B 447 -5.13 -17.23 -21.87
N ASN B 448 -6.07 -16.36 -21.49
CA ASN B 448 -5.85 -14.93 -21.64
C ASN B 448 -4.71 -14.45 -20.75
N ARG B 449 -4.65 -14.95 -19.51
CA ARG B 449 -3.58 -14.54 -18.60
C ARG B 449 -2.22 -15.04 -19.08
N VAL B 450 -2.17 -16.19 -19.74
CA VAL B 450 -0.90 -16.75 -20.18
C VAL B 450 -0.24 -15.85 -21.22
N LEU B 451 -1.03 -15.36 -22.18
CA LEU B 451 -0.51 -14.55 -23.28
C LEU B 451 -0.78 -13.06 -23.10
N THR B 452 -0.92 -12.60 -21.86
CA THR B 452 -1.16 -11.18 -21.62
C THR B 452 0.07 -10.34 -21.96
N LYS B 453 1.18 -10.59 -21.27
CA LYS B 453 2.41 -9.87 -21.50
C LYS B 453 3.57 -10.66 -20.92
N ALA B 454 4.67 -10.73 -21.66
CA ALA B 454 5.87 -11.46 -21.23
C ALA B 454 6.81 -10.57 -20.42
N ALA B 455 6.28 -9.96 -19.36
CA ALA B 455 7.09 -9.07 -18.55
C ALA B 455 8.07 -9.85 -17.67
N SER B 456 7.64 -11.00 -17.15
CA SER B 456 8.48 -11.80 -16.27
C SER B 456 8.30 -13.28 -16.56
N PRO B 457 9.04 -14.17 -15.89
CA PRO B 457 8.88 -15.60 -16.14
C PRO B 457 7.53 -16.10 -15.65
N VAL B 458 6.81 -16.78 -16.55
CA VAL B 458 5.47 -17.29 -16.27
C VAL B 458 5.45 -18.80 -16.49
N SER B 459 6.56 -19.47 -16.17
CA SER B 459 6.65 -20.91 -16.39
C SER B 459 5.63 -21.67 -15.54
N HIS B 460 5.36 -21.20 -14.33
CA HIS B 460 4.37 -21.86 -13.49
C HIS B 460 2.97 -21.79 -14.11
N PHE B 461 2.66 -20.70 -14.81
CA PHE B 461 1.40 -20.65 -15.54
C PHE B 461 1.35 -21.72 -16.62
N ILE B 462 2.47 -21.97 -17.29
CA ILE B 462 2.51 -23.00 -18.33
C ILE B 462 2.35 -24.38 -17.70
N ASP B 463 2.96 -24.59 -16.52
CA ASP B 463 2.77 -25.85 -15.82
C ASP B 463 1.30 -26.05 -15.44
N LEU B 464 0.65 -24.98 -14.98
CA LEU B 464 -0.78 -25.05 -14.70
C LEU B 464 -1.58 -25.37 -15.97
N LEU B 465 -1.17 -24.78 -17.09
CA LEU B 465 -1.84 -25.05 -18.36
C LEU B 465 -1.73 -26.52 -18.74
N SER B 466 -0.53 -27.10 -18.58
CA SER B 466 -0.36 -28.51 -18.88
C SER B 466 -1.20 -29.37 -17.94
N ASN B 467 -1.22 -29.02 -16.65
CA ASN B 467 -1.97 -29.82 -15.68
C ASN B 467 -3.47 -29.76 -15.94
N ILE B 468 -3.99 -28.59 -16.32
CA ILE B 468 -5.42 -28.48 -16.55
C ILE B 468 -5.82 -29.14 -17.86
N VAL B 469 -5.00 -29.00 -18.91
CA VAL B 469 -5.40 -29.55 -20.21
C VAL B 469 -5.22 -31.06 -20.26
N VAL B 470 -4.25 -31.63 -19.54
CA VAL B 470 -4.04 -33.07 -19.62
C VAL B 470 -5.22 -33.83 -19.01
N SER B 471 -5.91 -33.23 -18.03
CA SER B 471 -7.03 -33.91 -17.41
C SER B 471 -8.20 -34.08 -18.37
N ALA B 472 -8.58 -33.00 -19.06
CA ALA B 472 -9.72 -33.02 -19.97
C ALA B 472 -9.24 -32.80 -21.39
N PRO B 473 -9.15 -33.85 -22.22
CA PRO B 473 -8.62 -33.66 -23.59
C PRO B 473 -9.57 -32.89 -24.49
N LEU B 474 -10.87 -33.21 -24.47
CA LEU B 474 -11.81 -32.55 -25.37
C LEU B 474 -12.11 -31.11 -24.96
N VAL B 475 -11.69 -30.66 -23.79
CA VAL B 475 -12.00 -29.31 -23.34
C VAL B 475 -11.31 -28.29 -24.24
N LEU B 476 -10.10 -28.60 -24.71
CA LEU B 476 -9.36 -27.66 -25.54
C LEU B 476 -10.04 -27.44 -26.88
N GLN B 477 -10.68 -28.48 -27.43
CA GLN B 477 -11.31 -28.35 -28.75
C GLN B 477 -12.44 -27.34 -28.73
N ASN B 478 -13.24 -27.33 -27.65
CA ASN B 478 -14.38 -26.42 -27.57
C ASN B 478 -13.92 -24.97 -27.55
N SER B 479 -12.87 -24.66 -26.79
CA SER B 479 -12.38 -23.30 -26.64
C SER B 479 -11.27 -22.96 -27.64
N SER B 480 -11.26 -23.58 -28.80
CA SER B 480 -10.24 -23.34 -29.79
C SER B 480 -10.44 -21.96 -30.44
N SER B 481 -9.57 -21.65 -31.39
CA SER B 481 -9.48 -20.42 -32.19
C SER B 481 -8.88 -19.25 -31.40
N ARG B 482 -8.64 -19.38 -30.09
CA ARG B 482 -7.82 -18.45 -29.34
C ARG B 482 -6.36 -18.89 -29.29
N VAL B 483 -6.09 -20.18 -29.49
CA VAL B 483 -4.71 -20.66 -29.50
C VAL B 483 -3.93 -20.03 -30.64
N THR B 484 -4.59 -19.81 -31.79
CA THR B 484 -3.92 -19.21 -32.93
C THR B 484 -3.51 -17.77 -32.63
N GLU B 485 -4.34 -17.04 -31.89
CA GLU B 485 -3.99 -15.66 -31.53
C GLU B 485 -2.74 -15.63 -30.67
N THR B 486 -2.62 -16.56 -29.71
CA THR B 486 -1.40 -16.65 -28.93
C THR B 486 -0.22 -17.06 -29.79
N PHE B 487 -0.44 -17.98 -30.74
CA PHE B 487 0.62 -18.42 -31.64
C PHE B 487 1.13 -17.26 -32.50
N ASP B 488 0.27 -16.29 -32.79
CA ASP B 488 0.66 -15.18 -33.67
C ASP B 488 1.82 -14.37 -33.13
N ASN B 489 2.06 -14.37 -31.82
CA ASN B 489 3.14 -13.60 -31.21
C ASN B 489 3.89 -14.43 -30.18
N LEU B 490 4.20 -15.69 -30.52
CA LEU B 490 4.94 -16.55 -29.61
C LEU B 490 6.42 -16.20 -29.56
N SER B 491 6.98 -15.73 -30.68
CA SER B 491 8.41 -15.46 -30.78
C SER B 491 8.74 -14.02 -30.42
N PHE B 492 8.31 -13.60 -29.23
CA PHE B 492 8.58 -12.27 -28.70
C PHE B 492 9.48 -12.33 -27.47
N LEU B 493 9.09 -13.10 -26.45
CA LEU B 493 9.89 -13.28 -25.23
C LEU B 493 9.94 -14.76 -24.89
N PRO B 494 10.61 -15.57 -25.71
CA PRO B 494 10.75 -17.00 -25.38
C PRO B 494 11.87 -17.20 -24.36
N ILE B 495 11.52 -17.80 -23.22
CA ILE B 495 12.49 -18.07 -22.17
C ILE B 495 12.54 -19.58 -21.92
N ASP B 496 12.36 -20.37 -22.97
CA ASP B 496 12.18 -21.81 -22.91
C ASP B 496 10.75 -22.22 -22.53
N THR B 497 9.84 -21.26 -22.37
CA THR B 497 8.44 -21.59 -22.11
C THR B 497 7.72 -22.11 -23.36
N VAL B 498 8.25 -21.82 -24.55
CA VAL B 498 7.58 -22.24 -25.78
C VAL B 498 7.55 -23.76 -25.88
N GLN B 499 8.61 -24.43 -25.42
CA GLN B 499 8.61 -25.89 -25.44
C GLN B 499 7.52 -26.45 -24.55
N GLY B 500 7.36 -25.89 -23.35
CA GLY B 500 6.31 -26.34 -22.46
C GLY B 500 4.92 -26.08 -23.01
N LEU B 501 4.73 -24.89 -23.62
CA LEU B 501 3.43 -24.56 -24.19
C LEU B 501 3.08 -25.51 -25.34
N LEU B 502 4.05 -25.77 -26.22
CA LEU B 502 3.80 -26.68 -27.34
C LEU B 502 3.54 -28.10 -26.83
N ARG B 503 4.30 -28.55 -25.83
CA ARG B 503 4.07 -29.89 -25.29
C ARG B 503 2.71 -29.98 -24.61
N ALA B 504 2.24 -28.88 -24.03
CA ALA B 504 0.93 -28.89 -23.39
C ALA B 504 -0.20 -28.93 -24.42
N VAL B 505 -0.08 -28.14 -25.50
CA VAL B 505 -1.16 -28.01 -26.47
C VAL B 505 -1.00 -28.96 -27.66
N GLN B 506 -0.03 -29.87 -27.60
CA GLN B 506 0.11 -30.91 -28.63
C GLN B 506 -1.15 -31.74 -28.87
N PRO B 507 -1.91 -32.15 -27.85
CA PRO B 507 -3.19 -32.84 -28.13
C PRO B 507 -4.14 -32.02 -28.98
N LEU B 508 -4.17 -30.70 -28.81
CA LEU B 508 -4.97 -29.88 -29.70
C LEU B 508 -4.44 -29.93 -31.13
N LEU B 509 -3.11 -29.94 -31.29
CA LEU B 509 -2.52 -29.89 -32.62
C LEU B 509 -2.74 -31.18 -33.39
N LYS B 510 -2.63 -32.34 -32.71
CA LYS B 510 -2.69 -33.59 -33.46
C LYS B 510 -4.06 -33.87 -34.02
N VAL B 511 -5.12 -33.46 -33.31
CA VAL B 511 -6.48 -33.75 -33.76
C VAL B 511 -6.97 -32.77 -34.81
N SER B 512 -6.55 -31.50 -34.73
CA SER B 512 -7.05 -30.45 -35.60
C SER B 512 -5.99 -30.09 -36.64
N MET B 513 -6.43 -29.96 -37.90
CA MET B 513 -5.53 -29.61 -38.99
C MET B 513 -5.40 -28.11 -39.20
N SER B 514 -6.41 -27.33 -38.84
CA SER B 514 -6.33 -25.87 -38.99
C SER B 514 -5.24 -25.30 -38.07
N VAL B 515 -5.20 -25.77 -36.83
CA VAL B 515 -4.14 -25.33 -35.92
C VAL B 515 -2.78 -25.75 -36.43
N ARG B 516 -2.67 -26.95 -37.03
CA ARG B 516 -1.42 -27.39 -37.61
C ARG B 516 -0.98 -26.47 -38.75
N ASP B 517 -1.93 -26.09 -39.61
CA ASP B 517 -1.60 -25.18 -40.71
C ASP B 517 -1.16 -23.82 -40.21
N SER B 518 -1.86 -23.29 -39.19
CA SER B 518 -1.47 -22.00 -38.63
C SER B 518 -0.09 -22.06 -37.99
N LEU B 519 0.19 -23.12 -37.24
CA LEU B 519 1.49 -23.26 -36.59
C LEU B 519 2.60 -23.44 -37.62
N ILE B 520 2.31 -24.16 -38.70
CA ILE B 520 3.29 -24.30 -39.77
C ILE B 520 3.55 -22.95 -40.43
N LEU B 521 2.51 -22.13 -40.58
CA LEU B 521 2.69 -20.80 -41.12
C LEU B 521 3.58 -19.95 -40.21
N VAL B 522 3.36 -20.03 -38.90
CA VAL B 522 4.20 -19.27 -37.96
C VAL B 522 5.64 -19.77 -38.01
N LEU B 523 5.83 -21.08 -38.10
CA LEU B 523 7.19 -21.63 -38.19
C LEU B 523 7.87 -21.19 -39.47
N GLN B 524 7.13 -21.15 -40.59
CA GLN B 524 7.70 -20.66 -41.84
C GLN B 524 8.07 -19.19 -41.73
N LYS B 525 7.26 -18.41 -41.03
CA LYS B 525 7.62 -17.01 -40.79
C LYS B 525 8.89 -16.91 -39.96
N ALA B 526 9.03 -17.79 -38.97
CA ALA B 526 10.16 -17.71 -38.05
C ALA B 526 11.47 -18.12 -38.72
N ILE B 527 11.45 -19.21 -39.50
CA ILE B 527 12.69 -19.76 -40.05
C ILE B 527 13.34 -18.80 -41.03
N PHE B 528 12.53 -18.08 -41.80
CA PHE B 528 13.04 -17.09 -42.74
C PHE B 528 13.34 -15.74 -42.08
N SER B 529 13.09 -15.58 -40.79
CA SER B 529 13.43 -14.35 -40.11
C SER B 529 14.95 -14.17 -40.09
N ARG B 530 15.38 -12.90 -40.09
CA ARG B 530 16.79 -12.54 -40.18
C ARG B 530 17.44 -12.28 -38.83
N GLN B 531 16.73 -12.48 -37.72
CA GLN B 531 17.25 -12.24 -36.38
C GLN B 531 17.40 -13.56 -35.64
N LEU B 532 18.49 -13.68 -34.87
CA LEU B 532 18.81 -14.94 -34.22
C LEU B 532 17.86 -15.24 -33.06
N ASP B 533 17.41 -14.20 -32.34
CA ASP B 533 16.62 -14.41 -31.14
C ASP B 533 15.31 -15.12 -31.44
N ALA B 534 14.61 -14.69 -32.48
CA ALA B 534 13.41 -15.41 -32.90
C ALA B 534 13.75 -16.75 -33.53
N ARG B 535 14.88 -16.82 -34.25
CA ARG B 535 15.25 -18.01 -34.98
C ARG B 535 15.49 -19.19 -34.05
N LYS B 536 16.12 -18.94 -32.90
CA LYS B 536 16.40 -20.03 -31.96
C LYS B 536 15.10 -20.63 -31.44
N ALA B 537 14.14 -19.80 -31.05
CA ALA B 537 12.85 -20.31 -30.59
C ALA B 537 12.12 -21.02 -31.70
N ALA B 538 12.22 -20.49 -32.93
CA ALA B 538 11.55 -21.10 -34.07
C ALA B 538 12.07 -22.51 -34.32
N VAL B 539 13.39 -22.68 -34.40
CA VAL B 539 13.94 -24.01 -34.66
C VAL B 539 13.69 -24.94 -33.47
N ALA B 540 13.73 -24.40 -32.25
CA ALA B 540 13.50 -25.25 -31.08
C ALA B 540 12.08 -25.80 -31.07
N GLY B 541 11.08 -24.95 -31.36
CA GLY B 541 9.73 -25.46 -31.53
C GLY B 541 9.59 -26.37 -32.72
N PHE B 542 10.35 -26.10 -33.78
CA PHE B 542 10.29 -26.91 -34.98
C PHE B 542 10.72 -28.34 -34.70
N LEU B 543 11.72 -28.51 -33.83
CA LEU B 543 12.14 -29.85 -33.45
C LEU B 543 11.01 -30.61 -32.76
N LEU B 544 10.28 -29.95 -31.86
CA LEU B 544 9.15 -30.58 -31.20
C LEU B 544 8.06 -30.93 -32.19
N LEU B 545 7.82 -30.05 -33.17
CA LEU B 545 6.85 -30.36 -34.22
C LEU B 545 7.26 -31.60 -34.98
N LEU B 546 8.54 -31.72 -35.31
CA LEU B 546 8.99 -32.87 -36.09
C LEU B 546 8.87 -34.15 -35.28
N ARG B 547 9.23 -34.10 -33.98
CA ARG B 547 9.20 -35.33 -33.17
C ARG B 547 7.79 -35.70 -32.72
N ASN B 548 6.83 -34.76 -32.76
CA ASN B 548 5.50 -35.05 -32.23
C ASN B 548 4.76 -36.07 -33.09
N PHE B 549 4.79 -35.89 -34.41
CA PHE B 549 4.00 -36.68 -35.33
C PHE B 549 4.81 -37.85 -35.85
N LYS B 550 4.29 -39.06 -35.67
CA LYS B 550 4.96 -40.26 -36.18
C LYS B 550 4.83 -40.33 -37.70
N ILE B 551 5.88 -40.86 -38.33
CA ILE B 551 5.92 -40.99 -39.79
C ILE B 551 5.88 -42.45 -40.20
N LEU B 552 5.23 -43.30 -39.40
CA LEU B 552 5.15 -44.71 -39.67
C LEU B 552 3.88 -45.03 -40.46
N GLY B 553 4.02 -45.90 -41.45
CA GLY B 553 2.88 -46.30 -42.29
C GLY B 553 3.18 -47.60 -43.01
N ASN B 582 1.87 -39.48 -44.69
CA ASN B 582 2.43 -38.14 -44.77
C ASN B 582 3.95 -38.20 -44.97
N GLU B 583 4.41 -39.21 -45.70
CA GLU B 583 5.84 -39.35 -45.96
C GLU B 583 6.37 -38.19 -46.80
N ALA B 584 5.61 -37.78 -47.81
CA ALA B 584 6.02 -36.63 -48.62
C ALA B 584 6.08 -35.36 -47.79
N PHE B 585 5.10 -35.18 -46.89
CA PHE B 585 5.14 -34.04 -45.97
C PHE B 585 6.37 -34.10 -45.09
N CYS B 586 6.73 -35.29 -44.60
CA CYS B 586 7.92 -35.45 -43.78
C CYS B 586 9.18 -35.10 -44.56
N LEU B 587 9.26 -35.53 -45.82
CA LEU B 587 10.42 -35.19 -46.64
C LEU B 587 10.51 -33.69 -46.86
N GLU B 588 9.38 -33.05 -47.16
CA GLU B 588 9.40 -31.61 -47.41
C GLU B 588 9.78 -30.83 -46.16
N ILE B 589 9.21 -31.20 -45.02
CA ILE B 589 9.49 -30.45 -43.80
C ILE B 589 10.92 -30.71 -43.34
N LEU B 590 11.45 -31.92 -43.57
CA LEU B 590 12.85 -32.18 -43.28
C LEU B 590 13.77 -31.37 -44.18
N GLY B 591 13.41 -31.21 -45.46
CA GLY B 591 14.19 -30.34 -46.33
C GLY B 591 14.16 -28.90 -45.85
N SER B 592 13.00 -28.45 -45.38
CA SER B 592 12.90 -27.11 -44.81
C SER B 592 13.81 -26.95 -43.60
N LEU B 593 13.87 -27.97 -42.75
CA LEU B 593 14.79 -27.94 -41.62
C LEU B 593 16.24 -27.94 -42.08
N ARG B 594 16.56 -28.77 -43.08
CA ARG B 594 17.93 -28.88 -43.58
C ARG B 594 18.41 -27.59 -44.21
N ARG B 595 17.48 -26.76 -44.72
CA ARG B 595 17.85 -25.43 -45.18
C ARG B 595 18.41 -24.55 -44.07
N CYS B 596 18.12 -24.87 -42.80
CA CYS B 596 18.53 -24.05 -41.67
C CYS B 596 19.99 -24.24 -41.27
N LEU B 597 20.71 -25.19 -41.87
CA LEU B 597 22.07 -25.51 -41.45
C LEU B 597 23.03 -24.33 -41.58
N SER B 598 22.77 -23.39 -42.48
CA SER B 598 23.57 -22.18 -42.61
C SER B 598 22.94 -21.14 -41.67
N GLN B 599 23.43 -21.11 -40.44
CA GLN B 599 22.89 -20.21 -39.43
C GLN B 599 24.02 -19.81 -38.48
N GLN B 600 23.66 -19.26 -37.32
CA GLN B 600 24.65 -18.82 -36.35
C GLN B 600 25.20 -20.03 -35.59
N ALA B 601 26.10 -19.75 -34.64
CA ALA B 601 26.73 -20.82 -33.89
C ALA B 601 25.78 -21.49 -32.90
N ASP B 602 24.95 -20.70 -32.20
CA ASP B 602 24.10 -21.26 -31.16
C ASP B 602 23.04 -22.20 -31.73
N VAL B 603 22.43 -21.81 -32.86
CA VAL B 603 21.41 -22.67 -33.47
C VAL B 603 22.02 -23.98 -33.95
N ARG B 604 23.21 -23.90 -34.56
CA ARG B 604 23.91 -25.11 -34.99
C ARG B 604 24.23 -25.99 -33.79
N LEU B 605 24.64 -25.38 -32.68
CA LEU B 605 24.93 -26.13 -31.47
C LEU B 605 23.69 -26.86 -30.96
N MET B 606 22.55 -26.16 -30.92
CA MET B 606 21.38 -26.72 -30.26
C MET B 606 20.67 -27.75 -31.13
N LEU B 607 20.70 -27.61 -32.45
CA LEU B 607 19.88 -28.48 -33.30
C LEU B 607 20.34 -29.93 -33.34
N TYR B 608 21.58 -30.24 -32.94
CA TYR B 608 22.04 -31.62 -33.02
C TYR B 608 21.33 -32.53 -32.03
N GLU B 609 21.00 -32.03 -30.83
CA GLU B 609 20.26 -32.84 -29.88
C GLU B 609 18.88 -33.19 -30.43
N GLY B 610 18.20 -32.22 -31.04
CA GLY B 610 16.93 -32.52 -31.68
C GLY B 610 17.07 -33.51 -32.81
N PHE B 611 18.17 -33.43 -33.56
CA PHE B 611 18.42 -34.43 -34.59
C PHE B 611 18.55 -35.81 -33.98
N TYR B 612 19.23 -35.94 -32.85
CA TYR B 612 19.32 -37.25 -32.22
C TYR B 612 17.96 -37.75 -31.74
N ASP B 613 17.15 -36.86 -31.16
CA ASP B 613 15.83 -37.28 -30.68
C ASP B 613 14.94 -37.76 -31.83
N VAL B 614 14.80 -36.94 -32.87
CA VAL B 614 13.97 -37.33 -34.01
C VAL B 614 14.56 -38.53 -34.73
N LEU B 615 15.89 -38.71 -34.70
CA LEU B 615 16.50 -39.91 -35.23
C LEU B 615 16.00 -41.14 -34.49
N ARG B 616 16.02 -41.09 -33.15
CA ARG B 616 15.53 -42.24 -32.41
C ARG B 616 14.03 -42.44 -32.59
N ARG B 617 13.29 -41.39 -32.96
CA ARG B 617 11.84 -41.54 -33.09
C ARG B 617 11.44 -42.24 -34.38
N ASN B 618 12.16 -42.04 -35.49
CA ASN B 618 11.70 -42.44 -36.82
C ASN B 618 12.81 -43.17 -37.57
N SER B 619 12.46 -43.71 -38.73
CA SER B 619 13.29 -44.66 -39.47
C SER B 619 13.82 -44.14 -40.80
N GLN B 620 12.94 -43.76 -41.74
CA GLN B 620 13.44 -43.24 -43.02
C GLN B 620 14.14 -41.90 -42.84
N LEU B 621 13.67 -41.13 -41.85
CA LEU B 621 14.35 -39.90 -41.48
C LEU B 621 15.79 -40.17 -41.07
N ALA B 622 16.06 -41.37 -40.52
CA ALA B 622 17.42 -41.75 -40.20
C ALA B 622 18.31 -41.79 -41.44
N SER B 623 17.82 -42.41 -42.52
CA SER B 623 18.61 -42.49 -43.73
C SER B 623 18.84 -41.10 -44.31
N SER B 624 17.77 -40.30 -44.41
CA SER B 624 17.93 -38.96 -45.00
C SER B 624 18.85 -38.07 -44.17
N ILE B 625 18.67 -38.06 -42.85
CA ILE B 625 19.47 -37.18 -42.02
C ILE B 625 20.91 -37.69 -41.93
N MET B 626 21.13 -39.00 -42.01
CA MET B 626 22.49 -39.51 -42.06
C MET B 626 23.19 -39.06 -43.33
N GLU B 627 22.46 -39.06 -44.45
CA GLU B 627 23.01 -38.51 -45.68
C GLU B 627 23.36 -37.03 -45.51
N THR B 628 22.49 -36.27 -44.85
CA THR B 628 22.78 -34.85 -44.62
C THR B 628 24.01 -34.67 -43.76
N LEU B 629 24.17 -35.46 -42.70
CA LEU B 629 25.37 -35.36 -41.87
C LEU B 629 26.63 -35.74 -42.63
N LEU B 630 26.55 -36.74 -43.51
CA LEU B 630 27.71 -37.07 -44.33
C LEU B 630 28.07 -35.91 -45.24
N SER B 631 27.06 -35.26 -45.82
CA SER B 631 27.30 -34.09 -46.65
C SER B 631 27.95 -32.97 -45.83
N GLN B 632 27.50 -32.80 -44.59
CA GLN B 632 28.05 -31.74 -43.74
C GLN B 632 29.51 -32.02 -43.40
N ILE B 633 29.83 -33.25 -43.02
CA ILE B 633 31.18 -33.56 -42.56
C ILE B 633 32.17 -33.72 -43.71
N LYS B 634 31.69 -34.04 -44.92
CA LYS B 634 32.60 -34.20 -46.06
C LYS B 634 33.31 -32.90 -46.39
N GLN B 635 32.71 -31.75 -46.09
CA GLN B 635 33.36 -30.47 -46.34
C GLN B 635 34.61 -30.33 -45.48
N TYR B 636 34.55 -30.72 -44.22
CA TYR B 636 35.64 -30.54 -43.27
C TYR B 636 36.59 -31.73 -43.17
N TYR B 637 36.23 -32.89 -43.75
CA TYR B 637 37.02 -34.09 -43.52
C TYR B 637 38.42 -33.98 -44.13
N LEU B 638 38.54 -33.40 -45.32
CA LEU B 638 39.83 -33.33 -45.99
C LEU B 638 40.35 -34.73 -46.30
N PRO B 639 39.77 -35.43 -47.29
CA PRO B 639 40.10 -36.84 -47.52
C PRO B 639 41.44 -37.03 -48.22
N GLN B 640 42.40 -37.59 -47.51
CA GLN B 640 43.74 -37.85 -48.04
C GLN B 640 44.44 -38.79 -47.07
N GLN B 641 45.74 -39.01 -47.31
CA GLN B 641 46.57 -39.81 -46.42
C GLN B 641 47.97 -39.21 -46.38
N ASP B 642 48.65 -39.42 -45.25
CA ASP B 642 50.04 -39.02 -45.11
C ASP B 642 50.21 -37.51 -44.95
N LEU B 643 49.24 -36.85 -44.32
CA LEU B 643 49.36 -35.44 -43.95
C LEU B 643 48.84 -35.25 -42.53
N LEU B 644 49.55 -34.43 -41.77
CA LEU B 644 49.23 -34.21 -40.36
C LEU B 644 48.02 -33.29 -40.23
N PRO B 645 47.39 -33.30 -39.05
CA PRO B 645 46.18 -32.48 -38.82
C PRO B 645 45.09 -32.76 -39.83
N PRO B 646 44.44 -33.93 -39.76
CA PRO B 646 43.38 -34.23 -40.74
C PRO B 646 42.22 -33.25 -40.71
N LEU B 647 41.86 -32.74 -39.53
CA LEU B 647 40.74 -31.81 -39.43
C LEU B 647 41.17 -30.43 -39.93
N LYS B 648 40.38 -29.87 -40.84
CA LYS B 648 40.64 -28.53 -41.37
C LYS B 648 40.03 -27.48 -40.45
N LEU B 649 40.58 -27.40 -39.24
CA LEU B 649 40.06 -26.51 -38.21
C LEU B 649 40.22 -25.03 -38.58
N GLU B 650 41.17 -24.70 -39.45
CA GLU B 650 41.43 -23.29 -39.77
C GLU B 650 40.25 -22.63 -40.48
N GLY B 651 39.38 -23.41 -41.12
CA GLY B 651 38.26 -22.83 -41.84
C GLY B 651 37.28 -22.10 -40.94
N CYS B 652 37.08 -22.62 -39.73
CA CYS B 652 36.09 -22.09 -38.79
C CYS B 652 36.72 -21.15 -37.77
N ILE B 653 37.74 -20.38 -38.17
CA ILE B 653 38.39 -19.47 -37.24
C ILE B 653 37.43 -18.39 -36.77
N MET B 654 36.66 -17.82 -37.67
CA MET B 654 35.71 -16.78 -37.33
C MET B 654 34.72 -16.53 -38.46
N ILE B 660 36.20 -13.61 -35.94
CA ILE B 660 36.84 -14.07 -34.72
C ILE B 660 35.94 -15.08 -34.02
N PHE B 661 34.65 -14.80 -33.99
CA PHE B 661 33.70 -15.65 -33.28
C PHE B 661 33.57 -17.00 -33.96
N LEU B 662 33.40 -18.04 -33.15
CA LEU B 662 33.18 -19.38 -33.66
C LEU B 662 31.80 -19.49 -34.33
N GLN B 663 31.74 -20.34 -35.35
CA GLN B 663 30.47 -20.69 -35.98
C GLN B 663 30.36 -22.17 -36.34
N GLU B 664 31.23 -23.03 -35.81
CA GLU B 664 31.19 -24.47 -36.11
C GLU B 664 31.66 -25.23 -34.89
N PRO B 665 30.73 -25.68 -34.03
CA PRO B 665 31.13 -26.58 -32.93
C PRO B 665 31.44 -27.98 -33.44
N LEU B 666 32.69 -28.19 -33.84
CA LEU B 666 33.10 -29.48 -34.40
C LEU B 666 32.93 -30.62 -33.41
N ALA B 667 33.26 -30.39 -32.13
CA ALA B 667 33.21 -31.45 -31.15
C ALA B 667 31.80 -32.00 -30.97
N HIS B 668 30.80 -31.11 -30.88
CA HIS B 668 29.42 -31.55 -30.78
C HIS B 668 28.99 -32.29 -32.03
N LEU B 669 29.47 -31.85 -33.20
CA LEU B 669 29.14 -32.53 -34.44
C LEU B 669 29.66 -33.97 -34.43
N LEU B 670 30.93 -34.15 -34.05
CA LEU B 670 31.47 -35.50 -34.01
C LEU B 670 30.78 -36.36 -32.97
N CYS B 671 30.42 -35.78 -31.83
CA CYS B 671 29.70 -36.54 -30.82
C CYS B 671 28.35 -37.00 -31.35
N CYS B 672 27.62 -36.10 -32.02
CA CYS B 672 26.32 -36.46 -32.58
C CYS B 672 26.46 -37.54 -33.64
N ILE B 673 27.46 -37.42 -34.51
CA ILE B 673 27.67 -38.43 -35.54
C ILE B 673 28.02 -39.78 -34.92
N GLN B 674 28.83 -39.78 -33.86
CA GLN B 674 29.19 -41.02 -33.18
C GLN B 674 27.94 -41.70 -32.63
N HIS B 675 27.08 -40.93 -31.94
CA HIS B 675 25.87 -41.52 -31.40
C HIS B 675 24.92 -42.00 -32.49
N CYS B 676 24.84 -41.25 -33.61
CA CYS B 676 23.99 -41.66 -34.72
C CYS B 676 24.44 -42.99 -35.29
N LEU B 677 25.75 -43.13 -35.53
CA LEU B 677 26.27 -44.37 -36.07
C LEU B 677 26.08 -45.52 -35.08
N ALA B 678 26.25 -45.25 -33.79
CA ALA B 678 26.04 -46.29 -32.79
C ALA B 678 24.60 -46.77 -32.79
N TRP B 679 23.64 -45.85 -32.88
CA TRP B 679 22.24 -46.25 -32.94
C TRP B 679 21.93 -46.99 -34.22
N TYR B 680 22.56 -46.59 -35.33
CA TYR B 680 22.33 -47.29 -36.59
C TYR B 680 22.82 -48.73 -36.52
N LYS B 681 24.01 -48.94 -35.95
CA LYS B 681 24.50 -50.31 -35.80
C LYS B 681 23.63 -51.10 -34.83
N SER B 682 23.16 -50.46 -33.76
CA SER B 682 22.31 -51.16 -32.79
C SER B 682 20.98 -51.58 -33.42
N THR B 683 20.38 -50.72 -34.22
CA THR B 683 19.07 -50.97 -34.78
C THR B 683 19.07 -51.92 -35.98
N VAL B 684 20.24 -52.28 -36.50
CA VAL B 684 20.32 -53.17 -37.65
C VAL B 684 19.81 -54.58 -37.30
N GLY B 700 28.05 -47.47 -49.47
CA GLY B 700 27.25 -47.18 -48.30
C GLY B 700 27.82 -46.04 -47.47
N PHE B 701 26.94 -45.17 -46.98
CA PHE B 701 27.40 -44.05 -46.17
C PHE B 701 28.05 -44.51 -44.87
N GLU B 702 27.58 -45.60 -44.29
CA GLU B 702 28.19 -46.10 -43.06
C GLU B 702 29.60 -46.59 -43.29
N GLN B 703 29.87 -47.19 -44.46
CA GLN B 703 31.23 -47.56 -44.81
C GLN B 703 32.13 -46.34 -44.88
N ASN B 704 31.64 -45.26 -45.50
CA ASN B 704 32.42 -44.03 -45.56
C ASN B 704 32.67 -43.47 -44.17
N PHE B 705 31.65 -43.53 -43.30
CA PHE B 705 31.79 -42.99 -41.94
C PHE B 705 32.85 -43.75 -41.16
N GLU B 706 32.75 -45.08 -41.14
CA GLU B 706 33.72 -45.86 -40.37
C GLU B 706 35.12 -45.75 -40.97
N GLU B 707 35.24 -45.69 -42.30
CA GLU B 707 36.55 -45.52 -42.91
C GLU B 707 37.15 -44.17 -42.52
N MET B 708 36.36 -43.11 -42.55
CA MET B 708 36.86 -41.79 -42.19
C MET B 708 37.27 -41.74 -40.72
N LEU B 709 36.47 -42.35 -39.84
CA LEU B 709 36.82 -42.34 -38.42
C LEU B 709 38.08 -43.16 -38.15
N GLU B 710 38.23 -44.30 -38.81
CA GLU B 710 39.46 -45.08 -38.67
C GLU B 710 40.66 -44.30 -39.18
N SER B 711 40.52 -43.61 -40.31
CA SER B 711 41.63 -42.83 -40.85
C SER B 711 42.01 -41.70 -39.90
N VAL B 712 41.02 -40.97 -39.37
CA VAL B 712 41.36 -39.81 -38.55
C VAL B 712 41.96 -40.26 -37.22
N THR B 713 41.46 -41.34 -36.60
CA THR B 713 42.09 -41.77 -35.36
C THR B 713 43.48 -42.33 -35.61
N ARG B 714 43.68 -43.05 -36.73
CA ARG B 714 45.01 -43.56 -37.06
C ARG B 714 45.99 -42.43 -37.31
N ARG B 715 45.54 -41.36 -37.95
CA ARG B 715 46.39 -40.19 -38.13
C ARG B 715 46.64 -39.49 -36.79
N MET B 716 45.63 -39.50 -35.91
CA MET B 716 45.73 -38.77 -34.66
C MET B 716 46.75 -39.41 -33.72
N ILE B 717 46.78 -40.75 -33.67
CA ILE B 717 47.79 -41.39 -32.81
C ILE B 717 49.19 -41.11 -33.34
N LYS B 718 49.35 -41.05 -34.66
CA LYS B 718 50.61 -40.67 -35.30
C LYS B 718 50.62 -39.17 -35.59
N SER B 719 50.51 -38.39 -34.52
CA SER B 719 50.43 -36.95 -34.62
C SER B 719 51.07 -36.34 -33.39
N GLU B 720 51.42 -35.05 -33.50
CA GLU B 720 52.07 -34.32 -32.42
C GLU B 720 51.64 -32.86 -32.50
N LEU B 721 52.00 -32.11 -31.46
CA LEU B 721 51.62 -30.69 -31.39
C LEU B 721 52.29 -29.88 -32.50
N GLU B 722 53.44 -30.34 -33.00
CA GLU B 722 54.10 -29.66 -34.11
C GLU B 722 53.22 -29.69 -35.35
N ASP B 723 52.44 -30.76 -35.54
CA ASP B 723 51.52 -30.80 -36.66
C ASP B 723 50.46 -29.71 -36.54
N PHE B 724 49.93 -29.49 -35.34
CA PHE B 724 48.97 -28.43 -35.10
C PHE B 724 49.67 -27.08 -35.10
N GLU B 725 48.87 -26.02 -35.24
CA GLU B 725 49.42 -24.67 -35.21
C GLU B 725 50.04 -24.35 -33.85
N LEU B 726 49.37 -24.73 -32.77
CA LEU B 726 49.86 -24.51 -31.42
C LEU B 726 50.79 -25.66 -31.06
N ASP B 727 52.09 -25.39 -30.99
CA ASP B 727 53.09 -26.43 -30.76
C ASP B 727 53.39 -26.60 -29.27
N LYS B 728 53.93 -25.56 -28.63
CA LYS B 728 54.26 -25.61 -27.21
C LYS B 728 54.83 -24.26 -26.81
N SER B 729 54.96 -24.06 -25.49
CA SER B 729 55.63 -22.91 -24.88
C SER B 729 54.87 -21.64 -25.31
N ALA B 730 55.55 -20.58 -25.72
CA ALA B 730 54.90 -19.32 -26.07
C ALA B 730 54.39 -19.42 -27.50
N ASP B 731 53.09 -19.71 -27.62
CA ASP B 731 52.38 -19.70 -28.90
C ASP B 731 51.04 -18.99 -28.86
N PHE B 732 50.46 -18.76 -27.69
CA PHE B 732 49.21 -18.02 -27.56
C PHE B 732 49.19 -17.34 -26.20
N SER B 733 48.36 -16.32 -26.08
CA SER B 733 48.16 -15.60 -24.83
C SER B 733 46.73 -15.08 -24.80
N PRO B 734 46.12 -14.89 -23.63
CA PRO B 734 44.77 -14.33 -23.60
C PRO B 734 44.74 -12.88 -24.05
N SER B 735 43.56 -12.47 -24.51
CA SER B 735 43.31 -11.08 -24.92
C SER B 735 44.23 -10.64 -26.05
N SER B 736 44.52 -11.57 -26.96
CA SER B 736 45.30 -11.31 -28.15
C SER B 736 44.67 -12.07 -29.31
N GLY B 737 44.55 -11.42 -30.46
CA GLY B 737 43.83 -11.94 -31.62
C GLY B 737 44.23 -13.35 -32.04
N VAL B 738 45.51 -13.53 -32.33
CA VAL B 738 46.02 -14.87 -32.62
C VAL B 738 45.82 -15.78 -31.43
N GLY B 739 45.99 -15.26 -30.21
CA GLY B 739 45.84 -16.08 -29.03
C GLY B 739 44.40 -16.53 -28.80
N VAL B 740 43.44 -15.61 -28.92
CA VAL B 740 42.04 -16.00 -28.74
C VAL B 740 41.61 -16.93 -29.86
N LYS B 741 42.20 -16.75 -31.05
CA LYS B 741 41.98 -17.73 -32.12
C LYS B 741 42.47 -19.11 -31.68
N ASN B 742 43.71 -19.20 -31.21
CA ASN B 742 44.31 -20.49 -30.88
C ASN B 742 43.59 -21.18 -29.72
N ASN B 743 43.01 -20.39 -28.80
CA ASN B 743 42.24 -20.97 -27.71
C ASN B 743 41.06 -21.77 -28.24
N ILE B 744 40.42 -21.27 -29.31
CA ILE B 744 39.29 -21.97 -29.89
C ILE B 744 39.72 -23.32 -30.45
N TYR B 745 40.85 -23.34 -31.18
CA TYR B 745 41.36 -24.61 -31.68
C TYR B 745 41.70 -25.56 -30.53
N ALA B 746 42.25 -25.01 -29.45
CA ALA B 746 42.63 -25.85 -28.31
C ALA B 746 41.40 -26.53 -27.70
N ILE B 747 40.37 -25.75 -27.36
CA ILE B 747 39.21 -26.35 -26.71
C ILE B 747 38.49 -27.30 -27.67
N GLN B 748 38.44 -26.95 -28.96
CA GLN B 748 37.79 -27.81 -29.94
C GLN B 748 38.51 -29.15 -30.05
N VAL B 749 39.84 -29.14 -30.19
CA VAL B 749 40.53 -30.41 -30.39
C VAL B 749 40.56 -31.23 -29.11
N MET B 750 40.49 -30.58 -27.93
CA MET B 750 40.24 -31.35 -26.71
C MET B 750 38.91 -32.09 -26.79
N GLY B 751 37.86 -31.41 -27.25
CA GLY B 751 36.58 -32.09 -27.41
C GLY B 751 36.64 -33.25 -28.39
N ILE B 752 37.34 -33.04 -29.51
CA ILE B 752 37.47 -34.11 -30.51
C ILE B 752 38.22 -35.30 -29.93
N CYS B 753 39.28 -35.03 -29.15
CA CYS B 753 40.00 -36.12 -28.50
C CYS B 753 39.09 -36.90 -27.56
N GLU B 754 38.25 -36.20 -26.79
CA GLU B 754 37.31 -36.89 -25.91
C GLU B 754 36.37 -37.80 -26.71
N VAL B 755 35.84 -37.29 -27.82
CA VAL B 755 34.90 -38.07 -28.62
C VAL B 755 35.58 -39.31 -29.19
N LEU B 756 36.82 -39.16 -29.70
CA LEU B 756 37.50 -40.32 -30.26
C LEU B 756 37.87 -41.34 -29.19
N ILE B 757 38.23 -40.89 -27.98
CA ILE B 757 38.44 -41.85 -26.89
C ILE B 757 37.17 -42.64 -26.62
N GLU B 758 36.02 -41.96 -26.59
CA GLU B 758 34.76 -42.67 -26.36
C GLU B 758 34.49 -43.70 -27.45
N TYR B 759 34.67 -43.30 -28.72
CA TYR B 759 34.39 -44.21 -29.82
C TYR B 759 35.33 -45.41 -29.80
N ASN B 760 36.63 -45.15 -29.62
CA ASN B 760 37.61 -46.23 -29.64
C ASN B 760 37.39 -47.21 -28.50
N PHE B 761 37.05 -46.71 -27.30
CA PHE B 761 36.71 -47.63 -26.23
C PHE B 761 35.43 -48.40 -26.54
N LYS B 762 34.49 -47.76 -27.25
CA LYS B 762 33.24 -48.44 -27.58
C LYS B 762 33.49 -49.63 -28.51
N ILE B 763 34.20 -49.42 -29.62
CA ILE B 763 34.36 -50.49 -30.59
C ILE B 763 35.44 -51.48 -30.16
N GLY B 764 36.44 -51.02 -29.40
CA GLY B 764 37.59 -51.84 -29.10
C GLY B 764 37.30 -52.88 -28.03
N ASN B 765 36.57 -53.93 -28.41
CA ASN B 765 36.11 -54.92 -27.44
C ASN B 765 37.29 -55.72 -26.92
N PHE B 766 37.88 -55.25 -25.81
CA PHE B 766 38.90 -55.98 -25.06
C PHE B 766 40.10 -56.33 -25.94
N SER B 767 40.76 -55.29 -26.42
CA SER B 767 41.92 -55.42 -27.30
C SER B 767 43.04 -54.52 -26.76
N LYS B 768 44.25 -55.09 -26.67
CA LYS B 768 45.37 -54.34 -26.13
C LYS B 768 45.75 -53.18 -27.03
N ASN B 769 45.72 -53.37 -28.35
CA ASN B 769 46.11 -52.31 -29.26
C ASN B 769 45.16 -51.13 -29.20
N LYS B 770 43.86 -51.39 -29.08
CA LYS B 770 42.90 -50.30 -29.00
C LYS B 770 43.08 -49.50 -27.73
N PHE B 771 43.33 -50.17 -26.61
CA PHE B 771 43.57 -49.45 -25.36
C PHE B 771 44.90 -48.69 -25.40
N GLU B 772 45.90 -49.23 -26.10
CA GLU B 772 47.13 -48.48 -26.30
C GLU B 772 46.87 -47.20 -27.09
N ASP B 773 46.05 -47.30 -28.13
CA ASP B 773 45.67 -46.11 -28.90
C ASP B 773 44.92 -45.12 -28.01
N VAL B 774 44.02 -45.61 -27.16
CA VAL B 774 43.27 -44.75 -26.26
C VAL B 774 44.23 -44.03 -25.31
N LEU B 775 45.24 -44.75 -24.81
CA LEU B 775 46.25 -44.12 -23.96
C LEU B 775 47.02 -43.06 -24.73
N GLY B 776 47.27 -43.30 -26.02
CA GLY B 776 47.93 -42.27 -26.83
C GLY B 776 47.08 -41.01 -26.97
N LEU B 777 45.79 -41.18 -27.24
CA LEU B 777 44.90 -40.01 -27.29
C LEU B 777 44.85 -39.31 -25.94
N PHE B 778 44.86 -40.07 -24.84
CA PHE B 778 44.88 -39.44 -23.52
C PHE B 778 46.16 -38.65 -23.30
N THR B 779 47.30 -39.18 -23.77
CA THR B 779 48.55 -38.44 -23.61
C THR B 779 48.50 -37.14 -24.39
N CYS B 780 47.96 -37.17 -25.61
CA CYS B 780 47.82 -35.93 -26.37
C CYS B 780 46.90 -34.95 -25.67
N TYR B 781 45.77 -35.44 -25.16
CA TYR B 781 44.80 -34.58 -24.50
C TYR B 781 45.40 -33.95 -23.25
N ASN B 782 46.15 -34.72 -22.47
CA ASN B 782 46.76 -34.19 -21.26
C ASN B 782 47.92 -33.25 -21.57
N LYS B 783 48.69 -33.54 -22.62
CA LYS B 783 49.76 -32.63 -23.02
C LYS B 783 49.20 -31.28 -23.43
N LEU B 784 48.09 -31.29 -24.18
CA LEU B 784 47.46 -30.02 -24.53
C LEU B 784 46.80 -29.36 -23.32
N SER B 785 46.27 -30.16 -22.39
CA SER B 785 45.58 -29.59 -21.23
C SER B 785 46.55 -28.84 -20.32
N GLU B 786 47.77 -29.35 -20.17
CA GLU B 786 48.75 -28.71 -19.28
C GLU B 786 49.14 -27.33 -19.77
N ILE B 787 48.98 -27.03 -21.06
CA ILE B 787 49.33 -25.70 -21.56
C ILE B 787 48.46 -24.63 -20.91
N LEU B 788 47.16 -24.89 -20.80
CA LEU B 788 46.24 -23.95 -20.18
C LEU B 788 46.37 -24.02 -18.67
N ARG B 805 33.93 -28.27 -19.47
CA ARG B 805 32.93 -29.32 -19.63
C ARG B 805 33.55 -30.52 -20.33
N SER B 806 32.72 -31.52 -20.65
CA SER B 806 33.18 -32.72 -21.31
C SER B 806 32.03 -33.34 -22.08
N PHE B 807 32.34 -33.99 -23.20
CA PHE B 807 31.34 -34.56 -24.10
C PHE B 807 31.19 -36.06 -23.92
N LEU B 808 31.29 -36.55 -22.69
CA LEU B 808 31.07 -37.96 -22.39
C LEU B 808 29.62 -38.19 -21.97
N SER B 809 29.19 -39.45 -22.05
CA SER B 809 27.84 -39.86 -21.74
C SER B 809 27.78 -40.55 -20.38
N MET B 810 26.58 -40.58 -19.80
CA MET B 810 26.40 -41.19 -18.48
C MET B 810 26.71 -42.69 -18.53
N GLY B 811 26.13 -43.39 -19.50
CA GLY B 811 26.35 -44.83 -19.59
C GLY B 811 27.80 -45.17 -19.83
N PHE B 812 28.47 -44.42 -20.70
CA PHE B 812 29.88 -44.65 -20.96
C PHE B 812 30.71 -44.43 -19.70
N VAL B 813 30.43 -43.37 -18.95
CA VAL B 813 31.22 -43.09 -17.76
C VAL B 813 31.00 -44.17 -16.71
N SER B 814 29.75 -44.61 -16.54
CA SER B 814 29.47 -45.68 -15.60
C SER B 814 30.16 -46.97 -15.98
N THR B 815 30.12 -47.33 -17.27
CA THR B 815 30.78 -48.55 -17.72
C THR B 815 32.29 -48.45 -17.53
N LEU B 816 32.87 -47.28 -17.82
CA LEU B 816 34.30 -47.09 -17.66
C LEU B 816 34.71 -47.23 -16.20
N LEU B 817 33.96 -46.61 -15.30
CA LEU B 817 34.29 -46.70 -13.88
C LEU B 817 34.15 -48.12 -13.38
N THR B 818 33.11 -48.84 -13.79
CA THR B 818 32.98 -50.23 -13.38
C THR B 818 34.09 -51.09 -13.96
N ALA B 819 34.57 -50.77 -15.16
CA ALA B 819 35.65 -51.54 -15.75
C ALA B 819 36.96 -51.32 -15.01
N LEU B 820 37.27 -50.06 -14.68
CA LEU B 820 38.55 -49.77 -14.06
C LEU B 820 38.62 -50.33 -12.63
N PHE B 821 37.60 -50.06 -11.83
CA PHE B 821 37.55 -50.49 -10.44
C PHE B 821 36.66 -51.73 -10.33
N ARG B 822 37.17 -52.76 -9.66
CA ARG B 822 36.45 -54.02 -9.50
C ARG B 822 36.17 -54.68 -10.85
N ASP B 823 37.13 -54.56 -11.77
CA ASP B 823 37.05 -55.24 -13.07
C ASP B 823 37.77 -56.59 -13.05
N ASN B 824 37.41 -57.43 -12.08
CA ASN B 824 38.09 -58.70 -11.90
C ASN B 824 37.53 -59.72 -12.89
N ALA B 825 38.38 -60.16 -13.82
CA ALA B 825 37.98 -61.14 -14.81
C ALA B 825 39.20 -61.77 -15.49
N GLN B 826 39.26 -63.10 -15.49
CA GLN B 826 40.38 -63.79 -16.11
C GLN B 826 40.38 -63.69 -17.63
N SER B 827 39.23 -63.37 -18.23
CA SER B 827 39.18 -63.22 -19.68
C SER B 827 40.04 -62.06 -20.17
N HIS B 828 40.27 -61.06 -19.33
CA HIS B 828 41.08 -59.92 -19.73
C HIS B 828 42.53 -60.34 -19.91
N GLU B 829 43.10 -60.02 -21.06
CA GLU B 829 44.52 -60.27 -21.32
C GLU B 829 45.37 -59.07 -20.92
N GLU B 830 45.17 -58.60 -19.68
CA GLU B 830 45.82 -57.39 -19.18
C GLU B 830 45.43 -56.18 -20.02
N SER B 831 44.24 -56.19 -20.63
CA SER B 831 43.80 -55.05 -21.41
C SER B 831 43.59 -53.83 -20.53
N LEU B 832 42.87 -54.01 -19.42
CA LEU B 832 42.70 -52.93 -18.46
C LEU B 832 43.96 -52.61 -17.70
N ALA B 833 44.96 -53.52 -17.70
CA ALA B 833 46.20 -53.25 -16.98
C ALA B 833 46.95 -52.08 -17.60
N VAL B 834 46.89 -51.94 -18.93
CA VAL B 834 47.57 -50.82 -19.58
C VAL B 834 46.93 -49.50 -19.14
N LEU B 835 45.59 -49.45 -19.13
CA LEU B 835 44.92 -48.23 -18.72
C LEU B 835 45.16 -47.92 -17.24
N ARG B 836 45.17 -48.96 -16.40
CA ARG B 836 45.36 -48.76 -14.96
C ARG B 836 46.74 -48.21 -14.62
N SER B 837 47.72 -48.36 -15.51
CA SER B 837 49.05 -47.84 -15.23
C SER B 837 49.07 -46.33 -15.13
N SER B 838 48.28 -45.65 -15.96
CA SER B 838 48.28 -44.19 -16.01
C SER B 838 47.36 -43.66 -14.92
N THR B 839 47.94 -43.10 -13.85
CA THR B 839 47.14 -42.55 -12.77
C THR B 839 46.34 -41.34 -13.22
N GLU B 840 46.88 -40.56 -14.17
CA GLU B 840 46.16 -39.41 -14.70
C GLU B 840 44.85 -39.82 -15.34
N PHE B 841 44.81 -40.99 -15.98
CA PHE B 841 43.57 -41.49 -16.56
C PHE B 841 42.52 -41.74 -15.48
N MET B 842 42.94 -42.29 -14.34
CA MET B 842 41.99 -42.54 -13.25
C MET B 842 41.49 -41.22 -12.69
N ARG B 843 42.40 -40.25 -12.51
CA ARG B 843 42.00 -38.94 -12.01
C ARG B 843 40.99 -38.28 -12.93
N TYR B 844 41.23 -38.33 -14.24
CA TYR B 844 40.32 -37.74 -15.20
C TYR B 844 38.97 -38.47 -15.19
N ALA B 845 39.00 -39.80 -15.05
CA ALA B 845 37.78 -40.58 -15.03
C ALA B 845 36.88 -40.19 -13.86
N VAL B 846 37.47 -40.05 -12.67
CA VAL B 846 36.64 -39.62 -11.53
C VAL B 846 36.24 -38.16 -11.68
N SER B 847 37.11 -37.33 -12.27
CA SER B 847 36.81 -35.90 -12.38
C SER B 847 35.61 -35.64 -13.27
N VAL B 848 35.47 -36.39 -14.37
CA VAL B 848 34.33 -36.18 -15.25
C VAL B 848 33.02 -36.53 -14.52
N ALA B 849 33.03 -37.58 -13.71
CA ALA B 849 31.85 -37.94 -12.94
C ALA B 849 31.51 -36.84 -11.93
N LEU B 850 32.53 -36.29 -11.27
CA LEU B 850 32.28 -35.18 -10.34
C LEU B 850 31.68 -33.99 -11.06
N GLN B 851 32.22 -33.66 -12.23
CA GLN B 851 31.72 -32.50 -12.99
C GLN B 851 30.27 -32.71 -13.41
N LYS B 852 29.93 -33.92 -13.86
CA LYS B 852 28.56 -34.17 -14.30
C LYS B 852 27.59 -34.17 -13.13
N VAL B 853 28.00 -34.71 -11.97
CA VAL B 853 27.14 -34.67 -10.80
C VAL B 853 26.92 -33.23 -10.36
N GLN B 854 27.95 -32.40 -10.43
CA GLN B 854 27.78 -31.00 -10.09
C GLN B 854 26.81 -30.31 -11.04
N GLN B 855 26.87 -30.66 -12.33
CA GLN B 855 25.90 -30.13 -13.28
C GLN B 855 24.49 -30.56 -12.90
N LEU B 856 24.32 -31.83 -12.51
CA LEU B 856 22.99 -32.30 -12.13
C LEU B 856 22.48 -31.58 -10.89
N GLU B 857 23.36 -31.29 -9.93
CA GLU B 857 22.95 -30.55 -8.75
C GLU B 857 22.55 -29.13 -9.09
N GLU B 858 23.41 -28.41 -9.83
CA GLU B 858 23.16 -27.01 -10.09
C GLU B 858 21.97 -26.80 -11.03
N MET B 859 21.89 -27.58 -12.10
CA MET B 859 20.87 -27.41 -13.13
C MET B 859 19.86 -28.55 -13.03
N GLY B 860 18.91 -28.56 -13.97
CA GLY B 860 17.89 -29.60 -13.98
C GLY B 860 18.35 -30.91 -14.57
N GLN B 861 19.17 -30.85 -15.61
CA GLN B 861 19.65 -32.06 -16.27
C GLN B 861 20.99 -31.74 -16.94
N THR B 862 21.74 -32.80 -17.22
CA THR B 862 23.08 -32.70 -17.79
C THR B 862 23.04 -32.92 -19.30
N ASP B 863 24.10 -32.48 -19.96
CA ASP B 863 24.21 -32.62 -21.41
C ASP B 863 24.43 -34.08 -21.79
N GLY B 864 24.39 -34.34 -23.09
CA GLY B 864 24.62 -35.66 -23.64
C GLY B 864 23.32 -36.40 -23.93
N PRO B 865 23.41 -37.54 -24.61
CA PRO B 865 22.20 -38.26 -24.98
C PRO B 865 21.51 -38.87 -23.77
N ASP B 866 20.17 -38.87 -23.82
CA ASP B 866 19.34 -39.43 -22.75
C ASP B 866 19.57 -38.73 -21.41
N GLY B 867 19.95 -37.47 -21.45
CA GLY B 867 20.33 -36.71 -20.27
C GLY B 867 19.21 -35.98 -19.57
N GLN B 868 17.95 -36.32 -19.88
CA GLN B 868 16.79 -35.71 -19.25
C GLN B 868 15.72 -36.70 -18.81
N ASN B 869 15.78 -37.95 -19.24
CA ASN B 869 14.89 -38.95 -18.69
C ASN B 869 15.29 -39.20 -17.24
N PRO B 870 14.44 -38.92 -16.24
CA PRO B 870 14.89 -39.08 -14.85
C PRO B 870 15.25 -40.50 -14.47
N GLU B 871 14.59 -41.51 -15.05
CA GLU B 871 14.85 -42.89 -14.66
C GLU B 871 16.27 -43.31 -15.01
N LYS B 872 16.74 -42.94 -16.21
CA LYS B 872 18.11 -43.27 -16.59
C LYS B 872 19.12 -42.61 -15.68
N MET B 873 18.87 -41.34 -15.32
CA MET B 873 19.78 -40.64 -14.42
C MET B 873 19.81 -41.31 -13.06
N PHE B 874 18.66 -41.70 -12.53
CA PHE B 874 18.61 -42.35 -11.23
C PHE B 874 19.37 -43.67 -11.26
N GLN B 875 19.17 -44.45 -12.32
CA GLN B 875 19.88 -45.73 -12.43
C GLN B 875 21.39 -45.52 -12.54
N ASN B 876 21.82 -44.54 -13.32
CA ASN B 876 23.26 -44.28 -13.44
C ASN B 876 23.87 -43.83 -12.12
N LEU B 877 23.15 -42.98 -11.37
CA LEU B 877 23.65 -42.56 -10.06
C LEU B 877 23.76 -43.74 -9.11
N CYS B 878 22.75 -44.63 -9.11
CA CYS B 878 22.81 -45.81 -8.27
C CYS B 878 24.00 -46.69 -8.65
N LYS B 879 24.30 -46.78 -9.95
CA LYS B 879 25.44 -47.58 -10.37
C LYS B 879 26.76 -46.95 -9.93
N ILE B 880 26.89 -45.63 -10.07
CA ILE B 880 28.17 -44.97 -9.77
C ILE B 880 28.47 -45.02 -8.27
N THR B 881 27.43 -44.88 -7.44
CA THR B 881 27.65 -44.81 -6.00
C THR B 881 28.27 -46.08 -5.46
N ARG B 882 27.86 -47.25 -5.98
CA ARG B 882 28.42 -48.51 -5.54
C ARG B 882 29.91 -48.57 -5.80
N VAL B 883 30.33 -48.16 -7.00
CA VAL B 883 31.74 -48.22 -7.35
C VAL B 883 32.55 -47.26 -6.48
N LEU B 884 32.03 -46.05 -6.24
CA LEU B 884 32.76 -45.10 -5.41
C LEU B 884 32.91 -45.61 -3.97
N LEU B 885 31.83 -46.16 -3.41
CA LEU B 885 31.91 -46.71 -2.05
C LEU B 885 32.89 -47.87 -1.98
N TRP B 886 32.86 -48.75 -2.98
CA TRP B 886 33.77 -49.89 -2.98
C TRP B 886 35.22 -49.42 -3.07
N ARG B 887 35.49 -48.42 -3.91
CA ARG B 887 36.86 -47.93 -4.04
C ARG B 887 37.35 -47.33 -2.74
N TYR B 888 36.51 -46.54 -2.07
CA TYR B 888 36.97 -45.92 -0.83
C TYR B 888 37.16 -46.97 0.26
N THR B 889 36.25 -47.94 0.36
CA THR B 889 36.35 -48.93 1.42
C THR B 889 37.51 -49.89 1.19
N SER B 890 37.85 -50.16 -0.07
CA SER B 890 38.94 -51.09 -0.36
C SER B 890 40.27 -50.58 0.18
N ILE B 891 40.54 -49.29 0.03
CA ILE B 891 41.79 -48.71 0.51
C ILE B 891 42.94 -49.04 -0.43
N SER B 905 45.06 -36.69 -4.12
CA SER B 905 44.94 -38.13 -4.05
C SER B 905 43.66 -38.59 -4.72
N ILE B 906 43.38 -39.89 -4.64
CA ILE B 906 42.20 -40.48 -5.27
C ILE B 906 41.04 -40.58 -4.29
N SER B 907 41.33 -40.98 -3.05
CA SER B 907 40.26 -41.33 -2.11
C SER B 907 39.44 -40.11 -1.72
N LEU B 908 40.10 -38.99 -1.41
CA LEU B 908 39.35 -37.80 -1.02
C LEU B 908 38.48 -37.28 -2.16
N LEU B 909 38.91 -37.48 -3.40
CA LEU B 909 38.07 -37.13 -4.53
C LEU B 909 36.81 -37.99 -4.56
N CYS B 910 36.94 -39.28 -4.24
CA CYS B 910 35.77 -40.13 -4.14
C CYS B 910 34.86 -39.69 -3.00
N LEU B 911 35.43 -39.23 -1.89
CA LEU B 911 34.61 -38.72 -0.79
C LEU B 911 33.83 -37.48 -1.23
N GLU B 912 34.49 -36.57 -1.95
CA GLU B 912 33.80 -35.41 -2.46
C GLU B 912 32.66 -35.82 -3.39
N GLY B 913 32.91 -36.81 -4.24
CA GLY B 913 31.87 -37.31 -5.12
C GLY B 913 30.69 -37.86 -4.35
N LEU B 914 30.95 -38.66 -3.32
CA LEU B 914 29.87 -39.25 -2.53
C LEU B 914 29.05 -38.17 -1.84
N LEU B 915 29.73 -37.15 -1.29
CA LEU B 915 29.02 -36.03 -0.68
C LEU B 915 28.10 -35.35 -1.68
N ARG B 916 28.61 -35.14 -2.90
CA ARG B 916 27.79 -34.47 -3.90
C ARG B 916 26.59 -35.33 -4.30
N ILE B 917 26.77 -36.65 -4.40
CA ILE B 917 25.65 -37.55 -4.70
C ILE B 917 24.59 -37.43 -3.62
N PHE B 918 24.99 -37.50 -2.35
CA PHE B 918 24.00 -37.49 -1.27
C PHE B 918 23.25 -36.16 -1.23
N ASN B 919 23.95 -35.04 -1.35
CA ASN B 919 23.27 -33.76 -1.33
C ASN B 919 22.34 -33.60 -2.53
N THR B 920 22.80 -34.01 -3.72
CA THR B 920 22.00 -33.84 -4.92
C THR B 920 20.73 -34.68 -4.85
N MET B 921 20.84 -35.92 -4.37
CA MET B 921 19.68 -36.77 -4.29
C MET B 921 18.73 -36.34 -3.17
N GLN B 922 19.25 -35.79 -2.09
CA GLN B 922 18.36 -35.19 -1.09
C GLN B 922 17.58 -34.03 -1.67
N GLN B 923 18.24 -33.17 -2.46
CA GLN B 923 17.58 -31.97 -2.95
C GLN B 923 16.53 -32.31 -4.01
N LEU B 924 16.87 -33.20 -4.95
CA LEU B 924 16.05 -33.41 -6.14
C LEU B 924 15.06 -34.57 -5.98
N TYR B 925 15.57 -35.77 -5.78
CA TYR B 925 14.73 -36.99 -5.75
C TYR B 925 14.30 -37.23 -4.32
N ALA B 926 13.15 -36.66 -3.94
CA ALA B 926 12.65 -36.79 -2.58
C ALA B 926 12.00 -38.14 -2.37
N ALA B 927 10.99 -38.48 -3.19
CA ALA B 927 10.25 -39.72 -3.00
C ALA B 927 11.10 -40.96 -3.23
N ARG B 928 12.14 -40.87 -4.05
CA ARG B 928 12.93 -42.03 -4.43
C ARG B 928 13.98 -42.42 -3.39
N ILE B 929 13.95 -41.82 -2.19
CA ILE B 929 14.98 -42.12 -1.19
C ILE B 929 15.00 -43.59 -0.79
N PRO B 930 13.88 -44.27 -0.52
CA PRO B 930 13.98 -45.65 -0.02
C PRO B 930 14.62 -46.62 -0.99
N GLN B 931 14.24 -46.58 -2.26
CA GLN B 931 14.74 -47.55 -3.24
C GLN B 931 16.26 -47.45 -3.37
N PHE B 932 16.80 -46.23 -3.34
CA PHE B 932 18.24 -46.03 -3.35
C PHE B 932 18.90 -46.74 -2.16
N LEU B 933 18.31 -46.61 -0.97
CA LEU B 933 18.89 -47.30 0.17
C LEU B 933 18.75 -48.82 0.03
N GLN B 934 17.78 -49.29 -0.75
CA GLN B 934 17.71 -50.71 -1.07
C GLN B 934 18.80 -51.11 -2.05
N ALA B 935 19.21 -50.19 -2.93
CA ALA B 935 20.15 -50.53 -4.00
C ALA B 935 21.53 -50.87 -3.44
N LEU B 936 22.01 -50.10 -2.46
CA LEU B 936 23.37 -50.28 -1.97
C LEU B 936 23.52 -51.53 -1.11
N ASP B 937 22.44 -52.11 -0.63
CA ASP B 937 22.52 -53.29 0.23
C ASP B 937 23.07 -54.50 -0.55
N ILE B 948 11.55 -51.09 3.09
CA ILE B 948 11.76 -51.36 4.51
C ILE B 948 11.89 -50.05 5.28
N ASN B 949 12.35 -50.14 6.52
CA ASN B 949 12.53 -48.97 7.36
C ASN B 949 13.76 -48.20 6.91
N VAL B 950 13.58 -46.90 6.64
CA VAL B 950 14.69 -46.07 6.18
C VAL B 950 15.74 -45.94 7.28
N THR B 951 15.29 -45.87 8.54
CA THR B 951 16.19 -45.59 9.65
C THR B 951 17.22 -46.70 9.82
N GLU B 952 16.83 -47.95 9.62
CA GLU B 952 17.77 -49.05 9.80
C GLU B 952 18.91 -48.99 8.79
N LYS B 953 18.59 -48.81 7.51
CA LYS B 953 19.62 -48.73 6.50
C LYS B 953 20.48 -47.48 6.68
N ALA B 954 19.85 -46.36 7.05
CA ALA B 954 20.61 -45.15 7.28
C ALA B 954 21.60 -45.33 8.42
N ALA B 955 21.16 -45.94 9.53
CA ALA B 955 22.06 -46.21 10.63
C ALA B 955 23.16 -47.17 10.23
N PHE B 956 22.86 -48.12 9.32
CA PHE B 956 23.91 -49.00 8.82
C PHE B 956 24.98 -48.21 8.08
N GLN B 957 24.58 -47.26 7.24
CA GLN B 957 25.57 -46.46 6.52
C GLN B 957 26.38 -45.57 7.47
N ILE B 958 25.72 -44.99 8.48
CA ILE B 958 26.45 -44.21 9.47
C ILE B 958 27.45 -45.09 10.22
N ARG B 959 27.06 -46.32 10.53
CA ARG B 959 28.00 -47.25 11.15
C ARG B 959 29.17 -47.52 10.24
N GLN B 960 28.93 -47.58 8.93
CA GLN B 960 30.02 -47.78 7.99
C GLN B 960 31.01 -46.62 8.02
N PHE B 961 30.50 -45.39 8.03
CA PHE B 961 31.37 -44.21 7.93
C PHE B 961 31.95 -43.75 9.27
N GLN B 962 31.44 -44.21 10.41
CA GLN B 962 31.97 -43.73 11.68
C GLN B 962 33.39 -44.24 11.93
N ARG B 963 33.70 -45.44 11.43
CA ARG B 963 34.97 -46.08 11.76
C ARG B 963 36.15 -45.28 11.20
N SER B 964 36.01 -44.72 10.00
CA SER B 964 37.10 -43.96 9.40
C SER B 964 37.42 -42.72 10.24
N LEU B 965 36.39 -42.00 10.68
CA LEU B 965 36.62 -40.82 11.51
C LEU B 965 37.24 -41.22 12.84
N VAL B 966 36.78 -42.32 13.44
CA VAL B 966 37.34 -42.76 14.71
C VAL B 966 38.81 -43.12 14.53
N ASN B 967 39.15 -43.77 13.41
CA ASN B 967 40.54 -44.12 13.16
C ASN B 967 41.40 -42.87 12.96
N GLN B 968 40.90 -41.89 12.20
CA GLN B 968 41.73 -40.72 11.90
C GLN B 968 41.91 -39.83 13.12
N LEU B 969 40.90 -39.74 13.99
CA LEU B 969 41.06 -38.91 15.18
C LEU B 969 42.12 -39.48 16.11
N SER B 970 42.19 -40.81 16.23
CA SER B 970 43.15 -41.45 17.12
C SER B 970 44.54 -41.58 16.51
N SER B 971 44.73 -41.22 15.25
CA SER B 971 46.03 -41.37 14.61
C SER B 971 47.04 -40.39 15.21
N ALA B 972 48.31 -40.66 14.95
CA ALA B 972 49.38 -39.80 15.44
C ALA B 972 49.42 -38.49 14.67
N GLU B 973 50.12 -37.52 15.25
CA GLU B 973 50.19 -36.18 14.66
C GLU B 973 50.96 -36.14 13.34
N ASP B 974 51.73 -37.18 13.01
CA ASP B 974 52.50 -37.16 11.76
C ASP B 974 51.59 -37.14 10.54
N ASP B 975 50.51 -37.93 10.57
CA ASP B 975 49.57 -38.04 9.46
C ASP B 975 48.17 -37.78 9.99
N PHE B 976 47.56 -36.69 9.56
CA PHE B 976 46.25 -36.24 10.03
C PHE B 976 45.20 -36.18 8.92
N ASN B 977 45.52 -35.56 7.77
CA ASN B 977 44.59 -35.43 6.64
C ASN B 977 43.31 -34.70 7.08
N SER B 978 43.51 -33.42 7.39
CA SER B 978 42.40 -32.61 7.91
C SER B 978 41.25 -32.52 6.91
N LYS B 979 41.56 -32.49 5.62
CA LYS B 979 40.51 -32.40 4.61
C LYS B 979 39.62 -33.64 4.63
N GLU B 980 40.22 -34.81 4.85
CA GLU B 980 39.44 -36.04 4.96
C GLU B 980 38.48 -35.98 6.14
N THR B 981 38.95 -35.48 7.29
CA THR B 981 38.07 -35.38 8.44
C THR B 981 36.95 -34.38 8.20
N GLN B 982 37.26 -33.26 7.54
CA GLN B 982 36.23 -32.27 7.23
C GLN B 982 35.16 -32.85 6.31
N LEU B 983 35.58 -33.57 5.27
CA LEU B 983 34.60 -34.17 4.37
C LEU B 983 33.78 -35.24 5.09
N LEU B 984 34.42 -36.02 5.97
CA LEU B 984 33.68 -37.03 6.71
C LEU B 984 32.63 -36.39 7.61
N ILE B 985 32.98 -35.30 8.28
CA ILE B 985 32.02 -34.61 9.14
C ILE B 985 30.87 -34.06 8.32
N THR B 986 31.16 -33.49 7.14
CA THR B 986 30.09 -32.96 6.32
C THR B 986 29.16 -34.05 5.81
N ILE B 987 29.72 -35.21 5.44
CA ILE B 987 28.87 -36.33 5.02
C ILE B 987 28.01 -36.82 6.17
N LEU B 988 28.58 -36.88 7.38
CA LEU B 988 27.77 -37.30 8.52
C LEU B 988 26.64 -36.32 8.78
N SER B 989 26.92 -35.02 8.65
CA SER B 989 25.88 -34.01 8.82
C SER B 989 24.79 -34.17 7.76
N THR B 990 25.16 -34.45 6.52
CA THR B 990 24.17 -34.60 5.46
C THR B 990 23.32 -35.85 5.67
N LEU B 991 23.93 -36.95 6.11
CA LEU B 991 23.19 -38.19 6.28
C LEU B 991 22.41 -38.25 7.58
N SER B 992 22.71 -37.41 8.57
CA SER B 992 21.97 -37.45 9.81
C SER B 992 20.51 -37.04 9.65
N LYS B 993 20.17 -36.31 8.60
CA LYS B 993 18.79 -35.85 8.43
C LYS B 993 17.82 -36.99 8.14
N LEU B 994 18.32 -38.15 7.71
CA LEU B 994 17.42 -39.25 7.37
C LEU B 994 16.82 -39.90 8.60
N LEU B 995 17.51 -39.85 9.75
CA LEU B 995 17.05 -40.55 10.93
C LEU B 995 15.77 -39.94 11.48
N ASP B 996 14.89 -40.80 11.98
CA ASP B 996 13.65 -40.33 12.61
C ASP B 996 13.97 -39.80 14.01
N PRO B 997 13.50 -38.61 14.36
CA PRO B 997 13.82 -38.05 15.69
C PRO B 997 13.36 -38.90 16.85
N GLY B 998 12.27 -39.66 16.70
CA GLY B 998 11.77 -40.49 17.77
C GLY B 998 12.45 -41.84 17.92
N SER B 999 13.32 -42.22 16.98
CA SER B 999 13.94 -43.53 17.02
C SER B 999 15.05 -43.58 18.07
N GLN B 1000 15.36 -44.81 18.49
CA GLN B 1000 16.49 -45.00 19.39
C GLN B 1000 17.82 -44.76 18.69
N GLN B 1001 17.86 -44.91 17.37
CA GLN B 1001 19.09 -44.65 16.63
C GLN B 1001 19.52 -43.20 16.77
N PHE B 1002 18.56 -42.28 16.83
CA PHE B 1002 18.89 -40.87 17.04
C PHE B 1002 19.57 -40.66 18.39
N LEU B 1003 19.06 -41.31 19.44
CA LEU B 1003 19.70 -41.19 20.75
C LEU B 1003 21.09 -41.80 20.76
N GLN B 1004 21.26 -42.94 20.08
CA GLN B 1004 22.59 -43.54 19.99
C GLN B 1004 23.56 -42.63 19.26
N PHE B 1005 23.10 -42.00 18.17
CA PHE B 1005 23.95 -41.08 17.42
C PHE B 1005 24.33 -39.87 18.25
N LEU B 1006 23.37 -39.32 19.00
CA LEU B 1006 23.66 -38.19 19.89
C LEU B 1006 24.68 -38.59 20.95
N THR B 1007 24.51 -39.77 21.54
CA THR B 1007 25.46 -40.22 22.56
C THR B 1007 26.86 -40.39 21.98
N TRP B 1008 26.95 -40.94 20.77
CA TRP B 1008 28.25 -41.11 20.14
C TRP B 1008 28.92 -39.77 19.87
N THR B 1009 28.14 -38.79 19.38
CA THR B 1009 28.72 -37.47 19.08
C THR B 1009 29.18 -36.78 20.36
N VAL B 1010 28.38 -36.86 21.43
CA VAL B 1010 28.77 -36.23 22.68
C VAL B 1010 30.01 -36.90 23.25
N LYS B 1011 30.10 -38.23 23.16
CA LYS B 1011 31.27 -38.94 23.64
C LYS B 1011 32.51 -38.52 22.86
N ILE B 1012 32.40 -38.42 21.54
CA ILE B 1012 33.55 -38.02 20.72
C ILE B 1012 33.99 -36.61 21.06
N CYS B 1013 33.04 -35.69 21.23
CA CYS B 1013 33.41 -34.31 21.54
C CYS B 1013 34.01 -34.19 22.94
N LYS B 1014 33.54 -34.99 23.91
CA LYS B 1014 34.07 -34.89 25.26
C LYS B 1014 35.46 -35.51 25.37
N GLU B 1015 35.66 -36.67 24.73
CA GLU B 1015 36.91 -37.41 24.94
C GLU B 1015 38.07 -36.77 24.19
N ASN B 1016 37.97 -36.69 22.87
CA ASN B 1016 39.10 -36.28 22.06
C ASN B 1016 39.36 -34.78 22.19
N ALA B 1017 40.61 -34.39 21.91
CA ALA B 1017 41.03 -33.00 21.87
C ALA B 1017 41.70 -32.74 20.53
N LEU B 1018 41.26 -31.68 19.84
CA LEU B 1018 41.72 -31.34 18.51
C LEU B 1018 42.18 -29.89 18.49
N GLU B 1019 43.15 -29.61 17.61
CA GLU B 1019 43.72 -28.28 17.44
C GLU B 1019 43.25 -27.58 16.18
N ASP B 1020 42.84 -28.33 15.16
CA ASP B 1020 42.37 -27.70 13.93
C ASP B 1020 41.07 -26.94 14.20
N LEU B 1021 41.00 -25.71 13.70
CA LEU B 1021 39.84 -24.87 13.96
C LEU B 1021 38.61 -25.38 13.21
N SER B 1022 38.76 -25.69 11.93
CA SER B 1022 37.61 -26.07 11.10
C SER B 1022 36.98 -27.36 11.58
N CYS B 1023 37.79 -28.33 11.99
CA CYS B 1023 37.24 -29.59 12.48
C CYS B 1023 36.41 -29.38 13.74
N CYS B 1024 36.90 -28.57 14.67
CA CYS B 1024 36.15 -28.29 15.89
C CYS B 1024 34.86 -27.55 15.57
N LYS B 1025 34.92 -26.57 14.65
CA LYS B 1025 33.72 -25.84 14.26
C LYS B 1025 32.68 -26.78 13.66
N GLY B 1026 33.12 -27.68 12.78
CA GLY B 1026 32.19 -28.63 12.18
C GLY B 1026 31.59 -29.57 13.20
N LEU B 1027 32.40 -30.09 14.12
CA LEU B 1027 31.89 -31.02 15.12
C LEU B 1027 30.87 -30.34 16.03
N LEU B 1028 31.16 -29.12 16.47
CA LEU B 1028 30.21 -28.42 17.34
C LEU B 1028 28.94 -28.07 16.60
N THR B 1029 29.04 -27.67 15.32
CA THR B 1029 27.84 -27.40 14.54
C THR B 1029 26.98 -28.65 14.39
N LEU B 1030 27.62 -29.80 14.14
CA LEU B 1030 26.89 -31.06 14.05
C LEU B 1030 26.18 -31.36 15.37
N LEU B 1031 26.89 -31.18 16.49
CA LEU B 1031 26.31 -31.49 17.79
C LEU B 1031 25.09 -30.61 18.06
N PHE B 1032 25.19 -29.32 17.76
CA PHE B 1032 24.05 -28.45 18.03
C PHE B 1032 22.88 -28.73 17.09
N SER B 1033 23.17 -29.05 15.81
CA SER B 1033 22.11 -29.37 14.88
C SER B 1033 21.34 -30.61 15.33
N LEU B 1034 22.04 -31.61 15.85
CA LEU B 1034 21.33 -32.73 16.46
C LEU B 1034 20.55 -32.29 17.68
N HIS B 1035 21.17 -31.50 18.57
CA HIS B 1035 20.60 -31.30 19.89
C HIS B 1035 19.35 -30.42 19.86
N VAL B 1036 19.24 -29.53 18.88
CA VAL B 1036 18.07 -28.63 18.84
C VAL B 1036 16.79 -29.43 18.62
N LEU B 1037 16.82 -30.42 17.73
CA LEU B 1037 15.61 -31.15 17.37
C LEU B 1037 15.13 -32.10 18.46
N TYR B 1038 15.91 -32.32 19.53
CA TYR B 1038 15.62 -33.32 20.55
C TYR B 1038 15.32 -32.73 21.92
N LYS B 1039 15.96 -31.63 22.29
CA LYS B 1039 15.78 -31.02 23.59
C LYS B 1039 16.31 -29.59 23.53
N SER B 1040 16.13 -28.86 24.64
CA SER B 1040 16.66 -27.51 24.69
C SER B 1040 18.17 -27.56 24.87
N PRO B 1041 18.92 -26.64 24.24
CA PRO B 1041 20.39 -26.73 24.30
C PRO B 1041 21.07 -25.90 25.38
N VAL B 1042 20.33 -25.28 26.30
CA VAL B 1042 20.94 -24.28 27.18
C VAL B 1042 21.94 -24.91 28.15
N SER B 1043 21.72 -26.16 28.55
CA SER B 1043 22.66 -26.80 29.48
C SER B 1043 24.04 -26.96 28.85
N LEU B 1044 24.09 -27.37 27.58
CA LEU B 1044 25.39 -27.48 26.92
C LEU B 1044 26.04 -26.12 26.75
N LEU B 1045 25.26 -25.08 26.50
CA LEU B 1045 25.81 -23.74 26.41
C LEU B 1045 26.42 -23.31 27.74
N ARG B 1046 25.74 -23.63 28.84
CA ARG B 1046 26.30 -23.31 30.15
C ARG B 1046 27.59 -24.06 30.40
N GLU B 1047 27.65 -25.35 30.02
CA GLU B 1047 28.87 -26.11 30.20
C GLU B 1047 30.01 -25.54 29.37
N LEU B 1048 29.73 -25.17 28.12
CA LEU B 1048 30.77 -24.61 27.27
C LEU B 1048 31.22 -23.24 27.78
N ALA B 1049 30.29 -22.44 28.31
CA ALA B 1049 30.67 -21.16 28.88
C ALA B 1049 31.58 -21.34 30.08
N GLN B 1050 31.27 -22.30 30.94
CA GLN B 1050 32.15 -22.58 32.08
C GLN B 1050 33.52 -23.05 31.61
N ASP B 1051 33.55 -23.89 30.57
CA ASP B 1051 34.82 -24.41 30.06
C ASP B 1051 35.69 -23.30 29.48
N ILE B 1052 35.11 -22.44 28.64
CA ILE B 1052 35.89 -21.37 28.04
C ILE B 1052 36.29 -20.34 29.10
N HIS B 1053 35.45 -20.13 30.11
CA HIS B 1053 35.84 -19.24 31.21
C HIS B 1053 37.03 -19.82 31.97
N ALA B 1054 37.05 -21.13 32.18
CA ALA B 1054 38.19 -21.75 32.84
C ALA B 1054 39.44 -21.71 31.97
N CYS B 1055 39.29 -21.82 30.66
CA CYS B 1055 40.46 -21.88 29.78
C CYS B 1055 41.25 -20.57 29.81
N LEU B 1056 40.56 -19.45 29.65
CA LEU B 1056 41.17 -18.13 29.72
C LEU B 1056 41.08 -17.61 31.16
N GLY B 1057 41.67 -16.44 31.39
CA GLY B 1057 41.74 -15.87 32.72
C GLY B 1057 40.44 -15.24 33.14
N ASP B 1058 40.54 -14.12 33.87
CA ASP B 1058 39.37 -13.37 34.30
C ASP B 1058 39.79 -11.91 34.48
N ILE B 1059 38.83 -11.01 34.24
CA ILE B 1059 39.12 -9.58 34.32
C ILE B 1059 39.40 -9.14 35.75
N ASP B 1060 38.96 -9.89 36.76
CA ASP B 1060 39.15 -9.48 38.14
C ASP B 1060 40.63 -9.39 38.51
N GLN B 1061 41.43 -10.31 37.99
CA GLN B 1061 42.87 -10.35 38.19
C GLN B 1061 43.28 -10.64 39.63
N ASP B 1062 42.35 -11.10 40.48
CA ASP B 1062 42.66 -11.50 41.85
C ASP B 1062 41.89 -12.76 42.24
N VAL B 1063 41.63 -13.63 41.27
CA VAL B 1063 40.87 -14.86 41.46
C VAL B 1063 41.57 -15.99 40.74
N GLU B 1064 41.70 -17.14 41.41
CA GLU B 1064 42.33 -18.32 40.85
C GLU B 1064 41.26 -19.37 40.56
N ILE B 1065 41.31 -19.95 39.37
CA ILE B 1065 40.37 -20.96 38.91
C ILE B 1065 41.17 -22.14 38.37
N GLU B 1066 40.72 -23.36 38.67
CA GLU B 1066 41.47 -24.57 38.38
C GLU B 1066 40.57 -25.65 37.78
N SER B 1067 41.05 -26.28 36.71
CA SER B 1067 40.54 -27.54 36.15
C SER B 1067 39.07 -27.37 35.77
N ARG B 1068 38.18 -28.33 36.10
CA ARG B 1068 36.78 -28.29 35.67
C ARG B 1068 36.66 -28.25 34.15
N SER B 1069 37.43 -29.09 33.48
CA SER B 1069 37.41 -29.17 32.01
C SER B 1069 36.32 -30.16 31.60
N HIS B 1070 35.12 -29.65 31.32
CA HIS B 1070 34.03 -30.52 30.90
C HIS B 1070 34.31 -31.12 29.53
N PHE B 1071 34.66 -30.29 28.56
CA PHE B 1071 34.90 -30.71 27.18
C PHE B 1071 36.38 -30.56 26.84
N ALA B 1072 36.98 -31.64 26.35
CA ALA B 1072 38.38 -31.59 25.95
C ALA B 1072 38.60 -30.85 24.64
N ILE B 1073 37.56 -30.71 23.81
CA ILE B 1073 37.71 -30.02 22.54
C ILE B 1073 38.04 -28.55 22.77
N VAL B 1074 37.48 -27.96 23.82
CA VAL B 1074 37.75 -26.57 24.15
C VAL B 1074 39.07 -26.49 24.94
N ASN B 1075 40.03 -25.74 24.41
CA ASN B 1075 41.31 -25.55 25.06
C ASN B 1075 41.80 -24.14 24.71
N VAL B 1076 43.04 -23.84 25.12
CA VAL B 1076 43.56 -22.49 24.97
C VAL B 1076 43.68 -22.10 23.50
N LYS B 1077 44.04 -23.04 22.64
CA LYS B 1077 44.13 -22.73 21.21
C LYS B 1077 42.74 -22.52 20.62
N THR B 1078 41.75 -23.28 21.07
CA THR B 1078 40.43 -23.31 20.46
C THR B 1078 39.48 -22.28 21.06
N ALA B 1079 39.85 -21.61 22.16
CA ALA B 1079 39.01 -20.60 22.80
C ALA B 1079 39.06 -19.24 22.09
N ALA B 1080 39.53 -19.23 20.85
CA ALA B 1080 39.63 -18.11 19.92
C ALA B 1080 38.23 -17.62 19.56
N PRO B 1081 38.09 -16.61 18.70
CA PRO B 1081 36.74 -16.17 18.29
C PRO B 1081 35.82 -17.26 17.72
N THR B 1082 36.37 -18.40 17.30
CA THR B 1082 35.56 -19.50 16.77
C THR B 1082 34.48 -19.92 17.76
N VAL B 1083 34.87 -20.45 18.91
CA VAL B 1083 33.90 -20.99 19.85
C VAL B 1083 33.05 -19.88 20.46
N CYS B 1084 33.63 -18.69 20.63
CA CYS B 1084 32.89 -17.54 21.23
C CYS B 1084 31.76 -17.13 20.28
N LEU B 1085 31.97 -17.04 18.95
CA LEU B 1085 30.90 -16.72 18.01
C LEU B 1085 29.94 -17.88 17.87
N LEU B 1086 30.44 -19.11 17.92
CA LEU B 1086 29.57 -20.27 17.80
C LEU B 1086 28.58 -20.36 18.96
N VAL B 1087 29.03 -20.04 20.17
CA VAL B 1087 28.14 -20.07 21.33
C VAL B 1087 27.14 -18.92 21.25
N LEU B 1088 27.61 -17.72 20.87
CA LEU B 1088 26.72 -16.58 20.88
C LEU B 1088 25.65 -16.70 19.81
N GLY B 1089 25.94 -17.37 18.69
CA GLY B 1089 24.89 -17.61 17.70
C GLY B 1089 23.76 -18.47 18.25
N GLN B 1090 24.11 -19.53 18.98
CA GLN B 1090 23.08 -20.37 19.59
C GLN B 1090 22.27 -19.60 20.61
N ALA B 1091 22.95 -18.76 21.40
CA ALA B 1091 22.23 -17.93 22.36
C ALA B 1091 21.26 -16.98 21.65
N ASP B 1092 21.69 -16.41 20.53
CA ASP B 1092 20.81 -15.53 19.76
C ASP B 1092 19.58 -16.30 19.25
N LYS B 1093 19.78 -17.53 18.78
CA LYS B 1093 18.64 -18.33 18.32
C LYS B 1093 17.67 -18.60 19.46
N VAL B 1094 18.19 -18.92 20.64
CA VAL B 1094 17.32 -19.16 21.79
C VAL B 1094 16.52 -17.90 22.13
N LEU B 1095 17.18 -16.74 22.04
CA LEU B 1095 16.47 -15.50 22.35
C LEU B 1095 15.37 -15.22 21.33
N GLU B 1096 15.62 -15.49 20.05
CA GLU B 1096 14.57 -15.29 19.05
C GLU B 1096 13.39 -16.22 19.29
N GLU B 1097 13.67 -17.47 19.65
CA GLU B 1097 12.63 -18.40 20.07
C GLU B 1097 11.78 -17.84 21.21
N VAL B 1098 12.43 -17.35 22.27
CA VAL B 1098 11.69 -16.84 23.42
C VAL B 1098 10.90 -15.59 23.03
N ASP B 1099 11.45 -14.77 22.14
CA ASP B 1099 10.72 -13.60 21.66
C ASP B 1099 9.45 -14.01 20.95
N TRP B 1100 9.50 -15.04 20.11
CA TRP B 1100 8.28 -15.51 19.46
C TRP B 1100 7.29 -16.04 20.48
N LEU B 1101 7.76 -16.76 21.48
CA LEU B 1101 6.83 -17.37 22.44
C LEU B 1101 6.15 -16.32 23.32
N ILE B 1102 6.87 -15.24 23.67
CA ILE B 1102 6.29 -14.25 24.60
C ILE B 1102 5.12 -13.52 23.94
N LYS B 1103 5.21 -13.24 22.64
CA LYS B 1103 4.09 -12.58 21.97
C LYS B 1103 2.86 -13.46 21.94
N ARG B 1104 3.04 -14.78 21.90
CA ARG B 1104 1.90 -15.69 22.06
C ARG B 1104 1.40 -15.70 23.48
N LEU B 1105 2.28 -15.47 24.47
CA LEU B 1105 1.83 -15.43 25.85
C LEU B 1105 0.86 -14.28 26.08
N THR B 1106 1.08 -13.14 25.42
CA THR B 1106 0.20 -11.99 25.57
C THR B 1106 -1.19 -12.30 25.03
N ASN B 1121 -5.56 -21.64 32.45
CA ASN B 1121 -4.78 -22.81 32.81
C ASN B 1121 -3.55 -22.93 31.93
N GLN B 1122 -3.71 -22.61 30.64
CA GLN B 1122 -2.59 -22.65 29.71
C GLN B 1122 -1.59 -21.53 30.00
N THR B 1123 -2.07 -20.38 30.49
CA THR B 1123 -1.18 -19.25 30.73
C THR B 1123 -0.14 -19.56 31.79
N GLN B 1124 -0.55 -20.25 32.86
CA GLN B 1124 0.41 -20.59 33.92
C GLN B 1124 1.49 -21.53 33.40
N ALA B 1125 1.10 -22.54 32.63
CA ALA B 1125 2.09 -23.46 32.07
C ALA B 1125 3.03 -22.75 31.11
N LEU B 1126 2.49 -21.88 30.26
CA LEU B 1126 3.33 -21.16 29.32
C LEU B 1126 4.32 -20.23 30.02
N GLU B 1127 3.86 -19.52 31.05
CA GLU B 1127 4.76 -18.64 31.79
C GLU B 1127 5.83 -19.43 32.52
N LYS B 1128 5.44 -20.57 33.12
CA LYS B 1128 6.42 -21.41 33.80
C LYS B 1128 7.47 -21.93 32.81
N GLY B 1129 7.05 -22.25 31.60
CA GLY B 1129 8.00 -22.65 30.58
C GLY B 1129 8.91 -21.50 30.16
N VAL B 1130 8.37 -20.30 30.02
CA VAL B 1130 9.14 -19.18 29.50
C VAL B 1130 10.19 -18.73 30.51
N ILE B 1131 9.84 -18.72 31.80
CA ILE B 1131 10.77 -18.17 32.79
C ILE B 1131 12.02 -19.03 32.94
N LEU B 1132 11.90 -20.35 32.77
CA LEU B 1132 13.05 -21.22 32.93
C LEU B 1132 14.13 -20.94 31.88
N GLN B 1133 13.74 -20.62 30.65
CA GLN B 1133 14.72 -20.36 29.61
C GLN B 1133 15.57 -19.15 29.95
N LEU B 1134 14.94 -18.05 30.37
CA LEU B 1134 15.71 -16.87 30.76
C LEU B 1134 16.53 -17.14 32.01
N GLY B 1135 15.98 -17.91 32.95
CA GLY B 1135 16.73 -18.21 34.16
C GLY B 1135 18.00 -19.00 33.87
N THR B 1136 17.94 -19.91 32.91
CA THR B 1136 19.13 -20.66 32.52
C THR B 1136 20.07 -19.82 31.66
N LEU B 1137 19.53 -18.96 30.80
CA LEU B 1137 20.38 -18.17 29.91
C LEU B 1137 21.15 -17.09 30.66
N LEU B 1138 20.57 -16.56 31.75
CA LEU B 1138 21.27 -15.54 32.52
C LEU B 1138 22.56 -16.10 33.10
N THR B 1139 22.57 -17.38 33.49
CA THR B 1139 23.80 -17.99 34.00
C THR B 1139 24.86 -18.06 32.91
N VAL B 1140 24.46 -18.38 31.68
CA VAL B 1140 25.42 -18.43 30.57
C VAL B 1140 26.05 -17.08 30.35
N PHE B 1141 25.22 -16.03 30.29
CA PHE B 1141 25.77 -14.70 30.06
C PHE B 1141 26.59 -14.22 31.26
N HIS B 1142 26.20 -14.61 32.47
CA HIS B 1142 26.99 -14.26 33.65
C HIS B 1142 28.36 -14.90 33.60
N GLU B 1143 28.44 -16.14 33.12
CA GLU B 1143 29.74 -16.79 32.99
C GLU B 1143 30.57 -16.11 31.91
N LEU B 1144 29.98 -15.77 30.78
CA LEU B 1144 30.76 -15.18 29.69
C LEU B 1144 31.17 -13.73 29.94
N VAL B 1145 30.45 -13.00 30.78
CA VAL B 1145 30.79 -11.59 31.02
C VAL B 1145 32.13 -11.47 31.74
N GLN B 1146 32.51 -12.47 32.53
CA GLN B 1146 33.71 -12.42 33.37
C GLN B 1146 34.90 -13.09 32.71
N THR B 1147 35.02 -13.01 31.38
CA THR B 1147 36.11 -13.63 30.62
C THR B 1147 36.93 -12.54 29.94
N ALA B 1148 38.26 -12.66 30.07
CA ALA B 1148 39.18 -11.68 29.48
C ALA B 1148 39.40 -12.04 28.02
N LEU B 1149 38.43 -11.70 27.19
CA LEU B 1149 38.42 -12.13 25.80
C LEU B 1149 39.39 -11.29 24.97
N PRO B 1150 39.79 -11.76 23.78
CA PRO B 1150 40.63 -10.94 22.91
C PRO B 1150 39.84 -9.81 22.29
N ALA B 1151 40.57 -8.86 21.70
CA ALA B 1151 39.98 -7.69 21.06
C ALA B 1151 39.66 -8.02 19.61
N GLY B 1152 38.48 -8.60 19.41
CA GLY B 1152 38.02 -8.95 18.08
C GLY B 1152 36.51 -8.85 17.95
N SER B 1153 35.92 -9.64 17.05
CA SER B 1153 34.47 -9.62 16.88
C SER B 1153 33.73 -10.32 18.01
N CYS B 1154 34.45 -11.13 18.82
CA CYS B 1154 33.86 -11.87 19.98
C CYS B 1154 33.35 -10.87 21.03
N VAL B 1155 33.97 -9.70 21.20
CA VAL B 1155 33.50 -8.66 22.11
C VAL B 1155 32.26 -7.97 21.55
N ASP B 1156 32.28 -7.64 20.25
CA ASP B 1156 31.14 -6.96 19.66
C ASP B 1156 29.88 -7.83 19.70
N SER B 1157 30.04 -9.11 19.38
CA SER B 1157 28.91 -10.02 19.46
C SER B 1157 28.39 -10.14 20.88
N LEU B 1158 29.29 -10.16 21.86
CA LEU B 1158 28.87 -10.24 23.26
C LEU B 1158 28.05 -9.03 23.64
N LEU B 1159 28.51 -7.83 23.29
CA LEU B 1159 27.78 -6.62 23.66
C LEU B 1159 26.41 -6.56 22.98
N ARG B 1160 26.36 -6.93 21.70
CA ARG B 1160 25.08 -6.89 21.00
C ARG B 1160 24.08 -7.89 21.57
N SER B 1161 24.55 -9.10 21.91
CA SER B 1161 23.65 -10.07 22.53
C SER B 1161 23.18 -9.60 23.90
N LEU B 1162 24.04 -8.91 24.64
CA LEU B 1162 23.63 -8.37 25.93
C LEU B 1162 22.49 -7.37 25.78
N SER B 1163 22.62 -6.46 24.81
CA SER B 1163 21.56 -5.49 24.57
C SER B 1163 20.28 -6.18 24.15
N LYS B 1164 20.40 -7.22 23.33
CA LYS B 1164 19.21 -7.95 22.89
C LYS B 1164 18.48 -8.60 24.07
N THR B 1165 19.22 -9.25 24.97
CA THR B 1165 18.53 -9.92 26.08
C THR B 1165 17.88 -8.91 27.02
N TYR B 1166 18.50 -7.74 27.23
CA TYR B 1166 17.84 -6.74 28.05
C TYR B 1166 16.55 -6.26 27.39
N ALA B 1167 16.55 -6.11 26.06
CA ALA B 1167 15.32 -5.75 25.37
C ALA B 1167 14.24 -6.82 25.55
N ILE B 1168 14.63 -8.09 25.52
CA ILE B 1168 13.66 -9.17 25.71
C ILE B 1168 13.06 -9.12 27.11
N LEU B 1169 13.90 -8.85 28.12
CA LEU B 1169 13.36 -8.72 29.48
C LEU B 1169 12.38 -7.55 29.58
N THR B 1170 12.68 -6.44 28.91
CA THR B 1170 11.75 -5.32 28.89
C THR B 1170 10.42 -5.72 28.27
N SER B 1171 10.47 -6.46 27.16
CA SER B 1171 9.24 -6.88 26.50
C SER B 1171 8.44 -7.83 27.39
N LEU B 1172 9.13 -8.68 28.16
CA LEU B 1172 8.42 -9.53 29.11
C LEU B 1172 7.71 -8.70 30.17
N ILE B 1173 8.39 -7.69 30.72
CA ILE B 1173 7.78 -6.93 31.82
C ILE B 1173 6.61 -6.10 31.32
N LYS B 1174 6.63 -5.67 30.06
CA LYS B 1174 5.49 -4.89 29.56
C LYS B 1174 4.20 -5.70 29.55
N HIS B 1175 4.29 -7.02 29.41
CA HIS B 1175 3.09 -7.84 29.48
C HIS B 1175 2.46 -7.77 30.87
N TYR B 1176 3.27 -7.96 31.91
CA TYR B 1176 2.74 -7.85 33.26
C TYR B 1176 2.29 -6.44 33.59
N ILE B 1177 2.84 -5.42 32.92
CA ILE B 1177 2.27 -4.08 33.03
C ILE B 1177 0.84 -4.09 32.50
N GLN B 1178 0.64 -4.64 31.29
CA GLN B 1178 -0.69 -4.61 30.70
C GLN B 1178 -1.66 -5.54 31.44
N ALA B 1179 -1.24 -6.76 31.70
CA ALA B 1179 -2.11 -7.74 32.36
C ALA B 1179 -2.25 -7.43 33.84
N VAL B 1187 4.49 -9.28 40.24
CA VAL B 1187 3.47 -9.75 41.18
C VAL B 1187 3.74 -11.20 41.64
N PRO B 1188 3.75 -12.17 40.72
CA PRO B 1188 3.97 -13.56 41.15
C PRO B 1188 5.42 -13.79 41.57
N GLY B 1189 5.60 -14.86 42.35
CA GLY B 1189 6.90 -15.12 42.94
C GLY B 1189 7.99 -15.41 41.93
N ARG B 1190 7.63 -16.09 40.84
CA ARG B 1190 8.64 -16.46 39.84
C ARG B 1190 9.25 -15.23 39.19
N LEU B 1191 8.41 -14.25 38.83
CA LEU B 1191 8.94 -13.03 38.24
C LEU B 1191 9.81 -12.26 39.23
N GLU B 1192 9.44 -12.26 40.51
CA GLU B 1192 10.28 -11.61 41.52
C GLU B 1192 11.63 -12.29 41.60
N LYS B 1193 11.65 -13.63 41.57
CA LYS B 1193 12.92 -14.35 41.59
C LYS B 1193 13.76 -14.03 40.37
N LEU B 1194 13.13 -13.95 39.19
CA LEU B 1194 13.87 -13.60 37.99
C LEU B 1194 14.46 -12.21 38.08
N VAL B 1195 13.70 -11.25 38.59
CA VAL B 1195 14.21 -9.89 38.70
C VAL B 1195 15.36 -9.82 39.70
N LYS B 1196 15.25 -10.56 40.81
CA LYS B 1196 16.35 -10.60 41.77
C LYS B 1196 17.60 -11.19 41.13
N LEU B 1197 17.45 -12.28 40.37
CA LEU B 1197 18.61 -12.88 39.73
C LEU B 1197 19.26 -11.94 38.73
N SER B 1198 18.44 -11.25 37.93
CA SER B 1198 18.99 -10.32 36.96
C SER B 1198 19.69 -9.15 37.64
N GLY B 1199 19.13 -8.66 38.75
CA GLY B 1199 19.76 -7.58 39.46
C GLY B 1199 21.07 -7.98 40.11
N SER B 1200 21.15 -9.22 40.61
CA SER B 1200 22.33 -9.64 41.36
C SER B 1200 23.46 -10.09 40.45
N HIS B 1201 23.15 -10.84 39.38
CA HIS B 1201 24.15 -11.56 38.62
C HIS B 1201 24.58 -10.90 37.33
N LEU B 1202 23.71 -10.14 36.67
CA LEU B 1202 23.99 -9.57 35.35
C LEU B 1202 24.24 -8.07 35.36
N THR B 1203 23.46 -7.30 36.13
CA THR B 1203 23.59 -5.85 36.06
C THR B 1203 24.93 -5.32 36.54
N PRO B 1204 25.48 -5.73 37.70
CA PRO B 1204 26.75 -5.13 38.12
C PRO B 1204 27.94 -5.54 37.27
N GLN B 1205 27.88 -6.70 36.61
CA GLN B 1205 29.03 -7.19 35.87
C GLN B 1205 29.20 -6.47 34.54
N CYS B 1206 28.11 -5.97 33.95
CA CYS B 1206 28.21 -5.30 32.66
C CYS B 1206 29.05 -4.03 32.76
N TYR B 1207 28.93 -3.29 33.85
CA TYR B 1207 29.72 -2.07 34.01
C TYR B 1207 31.20 -2.39 34.19
N SER B 1208 31.52 -3.45 34.93
CA SER B 1208 32.91 -3.87 35.07
C SER B 1208 33.49 -4.28 33.72
N PHE B 1209 32.70 -5.00 32.92
CA PHE B 1209 33.17 -5.35 31.57
C PHE B 1209 33.37 -4.11 30.72
N ILE B 1210 32.48 -3.12 30.87
CA ILE B 1210 32.62 -1.89 30.10
C ILE B 1210 33.86 -1.14 30.53
N THR B 1211 34.29 -1.28 31.79
CA THR B 1211 35.56 -0.69 32.20
C THR B 1211 36.74 -1.45 31.61
N TYR B 1212 36.66 -2.79 31.60
CA TYR B 1212 37.79 -3.61 31.12
C TYR B 1212 38.03 -3.39 29.63
N VAL B 1213 36.95 -3.29 28.84
CA VAL B 1213 37.13 -3.16 27.40
C VAL B 1213 37.82 -1.86 27.02
N GLN B 1214 37.80 -0.84 27.87
CA GLN B 1214 38.56 0.38 27.58
C GLN B 1214 40.05 0.08 27.49
N ASN B 1215 40.59 -0.58 28.51
CA ASN B 1215 42.00 -0.94 28.50
C ASN B 1215 42.30 -1.94 27.39
N ILE B 1216 41.37 -2.86 27.13
CA ILE B 1216 41.59 -3.85 26.06
C ILE B 1216 41.72 -3.16 24.70
N HIS B 1217 40.78 -2.26 24.39
CA HIS B 1217 40.82 -1.55 23.12
C HIS B 1217 42.02 -0.61 23.05
N SER B 1218 42.41 0.01 24.17
CA SER B 1218 43.58 0.87 24.16
C SER B 1218 44.85 0.08 23.85
N GLU B 1219 45.00 -1.08 24.48
CA GLU B 1219 46.17 -1.93 24.20
C GLU B 1219 46.14 -2.41 22.75
N SER B 1220 44.95 -2.74 22.23
CA SER B 1220 44.86 -3.17 20.84
C SER B 1220 45.24 -2.05 19.88
N LEU B 1221 44.76 -0.83 20.14
CA LEU B 1221 45.06 0.29 19.25
C LEU B 1221 46.48 0.78 19.41
N SER B 1222 47.17 0.43 20.51
CA SER B 1222 48.56 0.82 20.67
C SER B 1222 49.43 0.22 19.56
N PHE B 1223 49.21 -1.05 19.22
CA PHE B 1223 50.03 -1.69 18.19
C PHE B 1223 49.78 -1.07 16.82
N ALA B 1224 48.52 -0.80 16.49
CA ALA B 1224 48.19 -0.24 15.18
C ALA B 1224 48.55 1.25 15.14
N THR B 1241 42.42 6.69 8.65
CA THR B 1241 41.10 6.14 8.95
C THR B 1241 40.99 5.65 10.40
N VAL B 1242 41.79 6.25 11.29
CA VAL B 1242 41.77 5.81 12.68
C VAL B 1242 40.47 6.22 13.36
N MET B 1243 39.90 7.36 12.96
CA MET B 1243 38.63 7.80 13.55
C MET B 1243 37.52 6.81 13.26
N ALA B 1244 37.45 6.30 12.03
CA ALA B 1244 36.44 5.31 11.69
C ALA B 1244 36.63 4.04 12.48
N LYS B 1245 37.89 3.62 12.68
CA LYS B 1245 38.16 2.43 13.46
C LYS B 1245 37.71 2.60 14.91
N VAL B 1246 37.98 3.77 15.50
CA VAL B 1246 37.55 4.02 16.88
C VAL B 1246 36.03 4.03 16.97
N LEU B 1247 35.37 4.69 16.02
CA LEU B 1247 33.91 4.76 16.05
C LEU B 1247 33.29 3.38 15.90
N ARG B 1248 33.83 2.55 15.02
CA ARG B 1248 33.33 1.19 14.86
C ARG B 1248 33.59 0.35 16.10
N ASP B 1249 34.74 0.55 16.76
CA ASP B 1249 35.05 -0.24 17.94
C ASP B 1249 34.13 0.12 19.10
N THR B 1250 33.82 1.42 19.28
CA THR B 1250 33.07 1.89 20.43
C THR B 1250 31.57 2.00 20.19
N LYS B 1251 31.06 1.52 19.06
CA LYS B 1251 29.65 1.70 18.68
C LYS B 1251 28.63 1.13 19.66
N PRO B 1252 28.73 -0.13 20.12
CA PRO B 1252 27.56 -0.73 20.78
C PRO B 1252 27.35 -0.37 22.25
N ILE B 1253 28.28 0.33 22.90
CA ILE B 1253 28.17 0.60 24.34
C ILE B 1253 26.97 1.51 24.65
N PRO B 1254 26.77 2.62 23.92
CA PRO B 1254 25.56 3.43 24.18
C PRO B 1254 24.26 2.65 24.08
N ASN B 1255 24.15 1.73 23.13
CA ASN B 1255 22.92 0.94 23.02
C ASN B 1255 22.73 0.06 24.25
N LEU B 1256 23.82 -0.49 24.80
CA LEU B 1256 23.70 -1.28 26.01
C LEU B 1256 23.22 -0.44 27.17
N ILE B 1257 23.76 0.78 27.30
CA ILE B 1257 23.31 1.67 28.38
C ILE B 1257 21.83 2.00 28.21
N PHE B 1258 21.42 2.29 26.98
CA PHE B 1258 20.03 2.63 26.72
C PHE B 1258 19.11 1.46 27.05
N ALA B 1259 19.52 0.24 26.72
CA ALA B 1259 18.70 -0.93 27.04
C ALA B 1259 18.56 -1.10 28.54
N ILE B 1260 19.66 -0.92 29.29
CA ILE B 1260 19.58 -1.06 30.74
C ILE B 1260 18.63 -0.03 31.33
N GLU B 1261 18.71 1.21 30.85
CA GLU B 1261 17.84 2.24 31.40
C GLU B 1261 16.37 2.01 31.02
N GLN B 1262 16.10 1.50 29.82
CA GLN B 1262 14.72 1.17 29.45
C GLN B 1262 14.16 0.10 30.37
N TYR B 1263 14.95 -0.93 30.64
CA TYR B 1263 14.51 -1.99 31.55
C TYR B 1263 14.24 -1.43 32.94
N GLU B 1264 15.11 -0.55 33.42
CA GLU B 1264 14.90 0.07 34.73
C GLU B 1264 13.62 0.89 34.78
N LYS B 1265 13.36 1.67 33.72
CA LYS B 1265 12.17 2.52 33.67
C LYS B 1265 10.90 1.68 33.76
N PHE B 1266 10.81 0.64 32.93
CA PHE B 1266 9.59 -0.17 32.98
C PHE B 1266 9.49 -0.95 34.28
N LEU B 1267 10.62 -1.30 34.88
CA LEU B 1267 10.56 -1.95 36.18
C LEU B 1267 9.98 -1.01 37.24
N ILE B 1268 10.35 0.27 37.18
CA ILE B 1268 9.78 1.24 38.13
C ILE B 1268 8.28 1.41 37.89
N HIS B 1269 7.87 1.44 36.62
CA HIS B 1269 6.44 1.52 36.32
C HIS B 1269 5.69 0.33 36.92
N LEU B 1270 6.26 -0.87 36.82
CA LEU B 1270 5.60 -2.02 37.42
C LEU B 1270 5.58 -1.92 38.93
N SER B 1271 6.65 -1.36 39.52
CA SER B 1271 6.73 -1.28 40.96
C SER B 1271 5.66 -0.35 41.54
N LYS B 1272 5.52 0.84 40.98
CA LYS B 1272 4.58 1.80 41.55
C LYS B 1272 3.12 1.48 41.19
N LYS B 1273 2.88 0.65 40.18
CA LYS B 1273 1.54 0.25 39.82
C LYS B 1273 1.09 -1.06 40.48
N SER B 1274 1.91 -1.63 41.36
CA SER B 1274 1.55 -2.88 42.02
C SER B 1274 1.86 -2.92 43.51
N LYS B 1275 2.39 -1.84 44.09
CA LYS B 1275 2.69 -1.77 45.53
C LYS B 1275 3.65 -2.88 45.95
N VAL B 1276 4.74 -3.02 45.19
CA VAL B 1276 5.86 -3.89 45.55
C VAL B 1276 7.15 -3.13 45.23
N ASN B 1277 8.10 -3.17 46.15
CA ASN B 1277 9.35 -2.41 46.00
C ASN B 1277 10.38 -3.25 45.25
N LEU B 1278 10.10 -3.47 43.96
CA LEU B 1278 11.00 -4.26 43.12
C LEU B 1278 12.36 -3.61 42.95
N MET B 1279 12.48 -2.30 43.14
CA MET B 1279 13.75 -1.61 42.94
C MET B 1279 14.75 -1.84 44.06
N GLN B 1280 14.36 -2.53 45.14
CA GLN B 1280 15.31 -2.81 46.22
C GLN B 1280 16.46 -3.68 45.74
N TYR B 1281 16.23 -4.52 44.73
CA TYR B 1281 17.27 -5.46 44.30
C TYR B 1281 18.36 -4.75 43.51
N MET B 1282 18.00 -3.80 42.65
CA MET B 1282 18.94 -3.19 41.72
C MET B 1282 19.69 -2.07 42.41
N LYS B 1283 21.00 -2.01 42.20
CA LYS B 1283 21.84 -0.99 42.79
C LYS B 1283 21.75 0.30 41.98
N LEU B 1284 22.43 1.34 42.46
CA LEU B 1284 22.48 2.60 41.74
C LEU B 1284 23.30 2.46 40.46
N SER B 1285 23.07 3.38 39.53
CA SER B 1285 23.80 3.38 38.28
C SER B 1285 25.22 3.90 38.49
N THR B 1286 26.06 3.71 37.48
CA THR B 1286 27.43 4.22 37.47
C THR B 1286 27.70 4.85 36.12
N SER B 1287 28.27 6.06 36.14
CA SER B 1287 28.51 6.86 34.95
C SER B 1287 29.99 7.18 34.81
N ARG B 1288 30.42 7.38 33.58
CA ARG B 1288 31.82 7.60 33.24
C ARG B 1288 32.04 9.06 32.86
N ASP B 1289 33.04 9.69 33.49
CA ASP B 1289 33.51 10.99 33.09
C ASP B 1289 34.77 10.83 32.25
N PHE B 1290 35.42 11.93 31.92
CA PHE B 1290 36.66 11.87 31.14
C PHE B 1290 37.50 13.10 31.45
N ARG B 1291 38.75 13.05 31.02
CA ARG B 1291 39.72 14.09 31.34
C ARG B 1291 40.78 14.12 30.25
N ILE B 1292 41.49 15.24 30.19
CA ILE B 1292 42.56 15.47 29.20
C ILE B 1292 43.85 15.72 29.96
N ASN B 1293 44.87 14.94 29.65
CA ASN B 1293 46.19 15.10 30.27
C ASN B 1293 47.03 15.98 29.35
N ALA B 1294 47.16 17.25 29.71
CA ALA B 1294 47.92 18.18 28.88
C ALA B 1294 49.41 17.87 28.89
N SER B 1295 49.91 17.28 29.98
CA SER B 1295 51.34 16.95 30.06
C SER B 1295 51.72 15.93 29.01
N MET B 1296 50.88 14.92 28.79
CA MET B 1296 51.18 13.86 27.84
C MET B 1296 50.97 14.27 26.38
N LEU B 1297 50.47 15.48 26.12
CA LEU B 1297 50.21 15.89 24.74
C LEU B 1297 51.51 16.02 23.96
N ASP B 1298 52.57 16.53 24.58
CA ASP B 1298 53.85 16.70 23.90
C ASP B 1298 54.46 15.36 23.53
#